data_6S3Z
#
_entry.id   6S3Z
#
_cell.length_a   74.559
_cell.length_b   205.949
_cell.length_c   146.162
_cell.angle_alpha   90.00
_cell.angle_beta   90.00
_cell.angle_gamma   90.00
#
_symmetry.space_group_name_H-M   'P 21 21 2'
#
loop_
_entity.id
_entity.type
_entity.pdbx_description
1 polymer Beta-fructofuranosidase
2 branched alpha-D-mannopyranose-(1-3)-alpha-D-mannopyranose-(1-6)-[alpha-D-mannopyranose-(1-3)]beta-D-mannopyranose-(1-4)-2-acetamido-2-deoxy-beta-D-glucopyranose-(1-4)-2-acetamido-2-deoxy-beta-D-glucopyranose
3 branched alpha-D-mannopyranose-(1-2)-alpha-D-mannopyranose-(1-2)-alpha-D-mannopyranose-(1-3)-[alpha-D-mannopyranose-(1-2)-alpha-D-mannopyranose-(1-6)-[alpha-D-mannopyranose-(1-3)]alpha-D-mannopyranose-(1-6)]beta-D-mannopyranose-(1-4)-2-acetamido-2-deoxy-beta-D-glucopyranose-(1-4)-2-acetamido-2-deoxy-beta-D-glucopyranose
4 branched 2-acetamido-2-deoxy-beta-D-glucopyranose-(1-4)-2-acetamido-2-deoxy-beta-D-glucopyranose
5 non-polymer beta-D-fructofuranose
6 non-polymer 1,2-ETHANEDIOL
7 non-polymer 1,4-benzoquinone
8 non-polymer 2-acetamido-2-deoxy-beta-D-glucopyranose
9 water water
#
_entity_poly.entity_id   1
_entity_poly.type   'polypeptide(L)'
_entity_poly.pdbx_seq_one_letter_code
;MVAPLLKTLPFLAAAYAAELDLPNFSALNRRQDNSTSSSAGCSLDQTVAPGNLTLCGNATLFTTFRPKARFIAPEGWMNA
PMGLYQRADGSIHAGYQSHPKHIQWGNISQGAAYSSDFTSWTDFNGSEGYKTIWPSQIYDIRGVFDGSIIKEGIDGYPTI
LYTSTSFGPLGATLNEAEGTETQSLAYTTDDGASWIKLGYGAGQNPVIYEWPETNLTGFRDPYVFQSPRLEALLANTTSI
TNATGDHFATISGGVHGDGARLFLYRQHTTGEFIKWTYLGPLVTTGYKESYGEWSGNYGINFETAGVTRLNPAGAAWDNG
SDTTAVDFVTFGTEQGRADHQNHWPLWAAVDYEVRDNGSIEAVIAYSGVQDWGRSYAYASFPVEGYRQVSVGWIYEDDDN
VILAKQFGYQGAFTLFRDLFVKVVENVSPSTPGLFEQASWSTKNSTDGMSVTVTTLGQRVVPETLAAYKGNSTVSTLAPV
MLNESAAAYTPFSSQPTDRFYALTGSFEFGLNTTAKAGFRVLASEEEYTDIWFDPASENLTVVRTASSLIKSFGNDTELA
KVKLYEIVGAESKTLNLTVFVDGSVIEIYANDEVALSTRAYPWLANSTGAGLLADGTTAGDVVGVSGLELWDGLVDAWPA
RPANTSQGLVWDGPTAAMYGLFAGY
;
_entity_poly.pdbx_strand_id   A,B
#
loop_
_chem_comp.id
_chem_comp.type
_chem_comp.name
_chem_comp.formula
BMA D-saccharide, beta linking beta-D-mannopyranose 'C6 H12 O6'
EDO non-polymer 1,2-ETHANEDIOL 'C2 H6 O2'
FRU D-saccharide, beta linking beta-D-fructofuranose 'C6 H12 O6'
MAN D-saccharide, alpha linking alpha-D-mannopyranose 'C6 H12 O6'
NAG D-saccharide, beta linking 2-acetamido-2-deoxy-beta-D-glucopyranose 'C8 H15 N O6'
PLQ non-polymer 1,4-benzoquinone 'C6 H4 O2'
#
# COMPACT_ATOMS: atom_id res chain seq x y z
N CYS A 42 -24.79 34.50 -6.40
CA CYS A 42 -24.20 33.17 -6.79
C CYS A 42 -25.03 32.00 -6.24
N SER A 43 -25.78 31.36 -7.11
CA SER A 43 -26.56 30.15 -6.77
C SER A 43 -25.76 28.92 -7.22
N LEU A 44 -25.73 27.92 -6.34
CA LEU A 44 -25.11 26.59 -6.59
C LEU A 44 -26.20 25.56 -6.87
N ASP A 45 -27.36 25.99 -7.36
CA ASP A 45 -28.48 25.08 -7.65
C ASP A 45 -28.19 24.36 -8.96
N GLN A 46 -27.86 23.07 -8.88
CA GLN A 46 -27.52 22.25 -10.08
C GLN A 46 -28.78 21.54 -10.61
N THR A 47 -29.98 21.97 -10.23
CA THR A 47 -31.24 21.46 -10.82
C THR A 47 -31.82 22.50 -11.77
N VAL A 48 -31.18 23.66 -11.90
CA VAL A 48 -31.61 24.74 -12.86
C VAL A 48 -30.42 25.22 -13.66
N ALA A 49 -30.65 26.03 -14.68
CA ALA A 49 -29.60 26.57 -15.55
C ALA A 49 -28.59 27.28 -14.64
N PRO A 50 -27.30 27.29 -15.01
CA PRO A 50 -26.32 28.02 -14.24
C PRO A 50 -26.51 29.52 -14.38
N GLY A 51 -26.30 30.24 -13.31
CA GLY A 51 -26.33 31.71 -13.41
C GLY A 51 -25.00 32.23 -13.93
N ASN A 52 -24.67 33.41 -13.46
CA ASN A 52 -23.40 34.09 -13.73
C ASN A 52 -22.45 33.60 -12.64
N LEU A 53 -21.72 32.52 -12.93
CA LEU A 53 -20.87 31.86 -11.92
C LEU A 53 -19.63 32.71 -11.63
N THR A 54 -19.30 33.71 -12.45
CA THR A 54 -18.18 34.65 -12.19
C THR A 54 -18.47 35.50 -10.95
N LEU A 55 -19.70 35.55 -10.46
CA LEU A 55 -20.02 36.30 -9.22
C LEU A 55 -19.76 35.42 -7.99
N CYS A 56 -19.47 34.13 -8.15
CA CYS A 56 -19.30 33.19 -7.02
C CYS A 56 -17.94 33.49 -6.36
N GLY A 57 -17.83 33.24 -5.07
CA GLY A 57 -16.62 33.50 -4.28
C GLY A 57 -15.52 32.51 -4.61
N ASN A 58 -14.34 32.76 -4.08
CA ASN A 58 -13.16 31.89 -4.27
C ASN A 58 -13.49 30.49 -3.76
N ALA A 59 -13.19 29.47 -4.56
CA ALA A 59 -13.31 28.04 -4.15
C ALA A 59 -14.76 27.66 -3.84
N THR A 60 -15.78 28.43 -4.27
CA THR A 60 -17.20 28.02 -4.08
C THR A 60 -17.52 26.85 -5.00
N LEU A 61 -16.83 26.68 -6.11
CA LEU A 61 -17.02 25.53 -7.01
C LEU A 61 -15.94 24.45 -6.76
N PHE A 62 -15.34 24.41 -5.58
CA PHE A 62 -14.18 23.51 -5.31
C PHE A 62 -14.56 22.06 -5.59
N THR A 63 -15.70 21.56 -5.09
CA THR A 63 -16.06 20.13 -5.25
C THR A 63 -16.83 19.85 -6.54
N THR A 64 -17.32 20.85 -7.25
CA THR A 64 -18.38 20.67 -8.27
C THR A 64 -17.89 19.79 -9.42
N PHE A 65 -16.68 20.02 -9.90
CA PHE A 65 -16.10 19.35 -11.09
C PHE A 65 -14.83 18.57 -10.73
N ARG A 66 -14.54 18.39 -9.46
CA ARG A 66 -13.16 18.01 -9.04
C ARG A 66 -12.97 16.52 -9.13
N PRO A 67 -11.88 16.04 -9.78
CA PRO A 67 -11.57 14.61 -9.74
C PRO A 67 -11.38 14.12 -8.32
N LYS A 68 -11.79 12.88 -8.07
CA LYS A 68 -11.62 12.23 -6.76
C LYS A 68 -10.77 10.96 -6.82
N ALA A 69 -10.58 10.37 -8.01
CA ALA A 69 -9.96 9.03 -8.14
C ALA A 69 -8.52 9.07 -8.69
N ARG A 70 -7.87 10.22 -8.67
CA ARG A 70 -6.55 10.36 -9.31
C ARG A 70 -5.67 11.31 -8.50
N PHE A 71 -4.42 11.38 -8.92
CA PHE A 71 -3.44 12.31 -8.31
C PHE A 71 -3.84 13.75 -8.62
N ILE A 72 -3.95 14.57 -7.60
CA ILE A 72 -4.22 16.03 -7.72
C ILE A 72 -3.70 16.69 -6.46
N ALA A 73 -3.23 17.93 -6.57
CA ALA A 73 -2.76 18.72 -5.42
C ALA A 73 -3.92 18.94 -4.46
N PRO A 74 -3.65 19.23 -3.17
CA PRO A 74 -4.72 19.58 -2.24
C PRO A 74 -5.55 20.80 -2.68
N GLU A 75 -4.91 21.75 -3.34
CA GLU A 75 -5.55 23.01 -3.78
C GLU A 75 -4.60 23.78 -4.68
N GLY A 76 -5.12 24.82 -5.35
CA GLY A 76 -4.27 25.75 -6.08
C GLY A 76 -3.81 25.15 -7.39
N TRP A 77 -2.77 25.75 -7.90
CA TRP A 77 -2.21 25.51 -9.23
C TRP A 77 -1.29 24.29 -9.15
N MET A 78 -1.44 23.35 -10.07
CA MET A 78 -0.39 22.33 -10.33
C MET A 78 -0.15 22.21 -11.84
N ASN A 79 1.05 21.78 -12.21
CA ASN A 79 1.35 21.38 -13.60
C ASN A 79 2.21 20.11 -13.56
N ALA A 80 3.37 20.10 -14.21
CA ALA A 80 4.13 18.88 -14.59
C ALA A 80 4.42 18.01 -13.36
N PRO A 81 4.32 16.68 -13.54
CA PRO A 81 4.94 15.74 -12.64
C PRO A 81 6.44 15.94 -12.62
N MET A 82 7.04 15.67 -11.47
CA MET A 82 8.49 15.82 -11.32
C MET A 82 8.98 14.89 -10.19
N GLY A 83 10.29 14.65 -10.16
CA GLY A 83 10.92 13.96 -9.01
C GLY A 83 10.34 12.59 -8.74
N LEU A 84 9.89 11.89 -9.76
CA LEU A 84 9.26 10.58 -9.64
C LEU A 84 10.31 9.50 -9.33
N TYR A 85 10.07 8.72 -8.28
CA TYR A 85 10.94 7.53 -8.04
C TYR A 85 10.25 6.56 -7.11
N GLN A 86 10.66 5.31 -7.25
CA GLN A 86 10.24 4.25 -6.33
C GLN A 86 11.21 4.26 -5.15
N ARG A 87 10.71 4.50 -3.95
CA ARG A 87 11.54 4.59 -2.73
C ARG A 87 11.99 3.17 -2.33
N ALA A 88 12.95 3.11 -1.43
CA ALA A 88 13.55 1.86 -0.91
C ALA A 88 12.46 0.96 -0.30
N ASP A 89 11.38 1.49 0.28
CA ASP A 89 10.31 0.65 0.86
C ASP A 89 9.33 0.17 -0.21
N GLY A 90 9.58 0.46 -1.49
CA GLY A 90 8.71 0.03 -2.60
C GLY A 90 7.61 1.03 -2.94
N SER A 91 7.37 2.01 -2.10
CA SER A 91 6.34 3.07 -2.35
C SER A 91 6.81 4.00 -3.47
N ILE A 92 5.86 4.69 -4.07
CA ILE A 92 6.10 5.65 -5.18
C ILE A 92 6.10 7.06 -4.59
N HIS A 93 7.15 7.81 -4.85
CA HIS A 93 7.22 9.24 -4.55
C HIS A 93 6.87 9.98 -5.83
N ALA A 94 5.85 10.85 -5.77
CA ALA A 94 5.49 11.73 -6.90
C ALA A 94 5.57 13.18 -6.43
N GLY A 95 6.38 13.94 -7.14
CA GLY A 95 6.42 15.39 -7.05
C GLY A 95 5.55 16.02 -8.15
N TYR A 96 5.32 17.32 -8.03
CA TYR A 96 4.60 18.08 -9.07
C TYR A 96 4.89 19.56 -8.90
N GLN A 97 4.98 20.23 -10.04
CA GLN A 97 5.04 21.71 -10.10
C GLN A 97 3.80 22.26 -9.38
N SER A 98 3.98 23.12 -8.38
CA SER A 98 2.92 23.53 -7.45
C SER A 98 2.99 25.02 -7.15
N HIS A 99 1.83 25.68 -7.14
CA HIS A 99 1.69 27.08 -6.60
C HIS A 99 0.46 27.14 -5.71
N PRO A 100 0.61 26.78 -4.43
CA PRO A 100 -0.51 26.78 -3.50
C PRO A 100 -1.12 28.18 -3.36
N LYS A 101 -2.43 28.20 -3.12
CA LYS A 101 -3.23 29.40 -2.80
C LYS A 101 -3.26 30.38 -3.98
N HIS A 102 -2.99 29.90 -5.18
CA HIS A 102 -3.04 30.67 -6.44
C HIS A 102 -3.65 29.76 -7.50
N ILE A 103 -4.17 30.33 -8.60
CA ILE A 103 -4.75 29.53 -9.71
C ILE A 103 -4.04 29.86 -11.01
N GLN A 104 -2.92 30.59 -10.95
CA GLN A 104 -1.98 30.71 -12.09
C GLN A 104 -0.59 30.28 -11.59
N TRP A 105 0.25 29.93 -12.52
CA TRP A 105 1.66 29.53 -12.29
C TRP A 105 2.45 30.64 -11.59
N GLY A 106 3.41 30.26 -10.75
CA GLY A 106 4.37 31.21 -10.19
C GLY A 106 5.03 30.60 -8.96
N ASN A 107 6.13 31.21 -8.55
CA ASN A 107 6.94 30.75 -7.41
C ASN A 107 7.05 29.21 -7.46
N ILE A 108 7.34 28.67 -8.64
CA ILE A 108 6.95 27.26 -8.82
C ILE A 108 7.84 26.38 -7.92
N SER A 109 7.22 25.42 -7.27
CA SER A 109 7.78 24.60 -6.18
C SER A 109 7.47 23.13 -6.45
N GLN A 110 8.15 22.23 -5.78
CA GLN A 110 7.77 20.81 -5.80
C GLN A 110 6.78 20.53 -4.65
N GLY A 111 5.53 20.23 -4.97
CA GLY A 111 4.62 19.57 -4.03
C GLY A 111 4.84 18.08 -4.07
N ALA A 112 4.49 17.31 -3.03
CA ALA A 112 4.80 15.88 -3.09
C ALA A 112 3.83 15.03 -2.30
N ALA A 113 3.76 13.76 -2.69
CA ALA A 113 2.94 12.74 -2.03
C ALA A 113 3.52 11.37 -2.30
N TYR A 114 3.03 10.35 -1.60
CA TYR A 114 3.50 8.97 -1.82
C TYR A 114 2.34 8.00 -1.80
N SER A 115 2.58 6.85 -2.40
CA SER A 115 1.58 5.79 -2.58
C SER A 115 2.25 4.43 -2.60
N SER A 116 1.61 3.40 -2.04
CA SER A 116 2.11 2.02 -2.23
C SER A 116 1.56 1.39 -3.51
N ASP A 117 0.61 2.01 -4.24
CA ASP A 117 -0.08 1.26 -5.33
C ASP A 117 -0.48 2.18 -6.51
N PHE A 118 0.13 3.35 -6.59
CA PHE A 118 -0.14 4.39 -7.61
C PHE A 118 -1.55 5.02 -7.49
N THR A 119 -2.37 4.57 -6.54
CA THR A 119 -3.83 4.74 -6.61
C THR A 119 -4.33 5.51 -5.39
N SER A 120 -3.98 5.06 -4.19
CA SER A 120 -4.32 5.70 -2.91
C SER A 120 -3.07 6.46 -2.41
N TRP A 121 -3.18 7.76 -2.19
CA TRP A 121 -2.00 8.64 -1.93
C TRP A 121 -2.10 9.27 -0.54
N THR A 122 -0.96 9.70 -0.03
CA THR A 122 -0.83 10.50 1.19
C THR A 122 0.05 11.70 0.93
N ASP A 123 -0.39 12.87 1.31
CA ASP A 123 0.42 14.10 1.17
C ASP A 123 1.61 14.03 2.14
N PHE A 124 2.76 14.57 1.76
CA PHE A 124 3.78 14.99 2.76
C PHE A 124 3.21 16.19 3.52
N ASN A 125 3.66 16.37 4.75
CA ASN A 125 3.25 17.50 5.58
C ASN A 125 4.47 17.97 6.38
N GLY A 126 5.01 19.13 6.04
CA GLY A 126 6.23 19.64 6.69
C GLY A 126 6.06 21.10 7.02
N SER A 127 7.15 21.82 7.18
CA SER A 127 7.13 23.24 7.56
C SER A 127 6.48 24.04 6.43
N GLU A 128 6.57 23.59 5.16
CA GLU A 128 5.90 24.33 4.04
C GLU A 128 4.69 23.53 3.54
N GLY A 129 3.97 22.87 4.44
CA GLY A 129 2.73 22.14 4.07
C GLY A 129 3.10 20.93 3.21
N TYR A 130 2.59 20.86 1.99
CA TYR A 130 2.81 19.72 1.09
C TYR A 130 3.97 20.04 0.14
N LYS A 131 4.56 21.23 0.21
CA LYS A 131 5.77 21.50 -0.59
C LYS A 131 6.98 20.83 0.07
N THR A 132 7.94 20.42 -0.76
CA THR A 132 9.22 19.85 -0.25
C THR A 132 10.44 20.53 -0.89
N ILE A 133 10.28 21.25 -2.00
CA ILE A 133 11.36 22.11 -2.56
C ILE A 133 10.70 23.40 -3.07
N TRP A 134 11.32 24.52 -2.78
CA TRP A 134 10.78 25.85 -3.14
C TRP A 134 11.92 26.77 -3.49
N PRO A 135 11.63 27.85 -4.24
CA PRO A 135 12.62 28.89 -4.52
C PRO A 135 13.23 29.45 -3.24
N SER A 136 14.56 29.50 -3.14
CA SER A 136 15.22 29.92 -1.89
C SER A 136 16.61 30.53 -2.08
N GLN A 137 17.14 30.48 -3.29
CA GLN A 137 18.52 30.91 -3.56
C GLN A 137 18.54 31.75 -4.82
N ILE A 138 19.54 32.57 -4.96
CA ILE A 138 19.61 33.44 -6.16
C ILE A 138 19.48 32.60 -7.45
N TYR A 139 19.96 31.36 -7.46
CA TYR A 139 20.01 30.54 -8.69
C TYR A 139 18.66 29.90 -9.01
N ASP A 140 17.76 29.77 -8.01
CA ASP A 140 16.45 29.17 -8.25
C ASP A 140 15.27 30.06 -7.77
N ILE A 141 15.50 31.33 -7.45
CA ILE A 141 14.46 32.15 -6.81
C ILE A 141 13.29 32.39 -7.78
N ARG A 142 13.48 32.20 -9.09
CA ARG A 142 12.40 32.47 -10.07
C ARG A 142 11.55 31.22 -10.25
N GLY A 143 11.99 30.08 -9.72
CA GLY A 143 11.21 28.83 -9.81
C GLY A 143 12.11 27.60 -9.76
N VAL A 144 11.64 26.62 -9.03
CA VAL A 144 12.13 25.22 -9.02
C VAL A 144 11.34 24.48 -10.08
N PHE A 145 11.89 24.42 -11.29
CA PHE A 145 11.26 23.79 -12.45
C PHE A 145 11.45 22.27 -12.34
N ASP A 146 11.04 21.56 -13.37
CA ASP A 146 11.07 20.08 -13.43
C ASP A 146 12.46 19.54 -13.06
N GLY A 147 12.48 18.35 -12.51
CA GLY A 147 13.72 17.64 -12.22
C GLY A 147 13.45 16.15 -12.10
N SER A 148 14.50 15.36 -12.02
CA SER A 148 14.41 13.89 -12.02
C SER A 148 15.43 13.35 -11.03
N ILE A 149 15.29 12.07 -10.70
CA ILE A 149 15.93 11.46 -9.51
C ILE A 149 17.12 10.59 -9.95
N ILE A 150 18.21 10.79 -9.24
CA ILE A 150 19.35 9.85 -9.09
C ILE A 150 19.08 9.02 -7.83
N LYS A 151 18.73 7.74 -7.94
CA LYS A 151 18.31 6.98 -6.73
C LYS A 151 19.46 6.85 -5.75
N GLU A 152 20.70 6.65 -6.24
CA GLU A 152 21.88 6.53 -5.34
C GLU A 152 22.83 7.66 -5.64
N GLY A 153 22.60 8.80 -5.00
CA GLY A 153 23.26 10.06 -5.37
C GLY A 153 24.21 10.52 -4.30
N ILE A 154 24.08 11.77 -3.88
CA ILE A 154 24.99 12.43 -2.90
C ILE A 154 24.97 11.62 -1.61
N ASP A 155 26.13 11.12 -1.17
CA ASP A 155 26.28 10.37 0.11
C ASP A 155 25.40 9.12 0.08
N GLY A 156 25.03 8.64 -1.09
CA GLY A 156 24.17 7.47 -1.29
C GLY A 156 22.66 7.74 -1.19
N TYR A 157 22.27 9.00 -1.01
CA TYR A 157 20.84 9.36 -0.85
C TYR A 157 20.19 9.67 -2.19
N PRO A 158 18.85 9.52 -2.27
CA PRO A 158 18.12 9.94 -3.45
C PRO A 158 18.41 11.42 -3.65
N THR A 159 18.67 11.80 -4.89
CA THR A 159 19.13 13.13 -5.30
C THR A 159 18.32 13.58 -6.51
N ILE A 160 17.88 14.84 -6.49
CA ILE A 160 17.17 15.42 -7.65
C ILE A 160 18.13 16.36 -8.37
N LEU A 161 18.14 16.24 -9.68
CA LEU A 161 18.73 17.23 -10.59
C LEU A 161 17.56 18.00 -11.17
N TYR A 162 17.49 19.30 -10.93
CA TYR A 162 16.32 20.11 -11.32
C TYR A 162 16.76 21.39 -12.00
N THR A 163 15.85 21.95 -12.79
CA THR A 163 16.11 23.27 -13.39
C THR A 163 15.88 24.35 -12.33
N SER A 164 16.96 25.02 -11.96
CA SER A 164 16.98 26.22 -11.08
C SER A 164 16.88 27.46 -11.98
N THR A 165 15.86 28.29 -11.82
CA THR A 165 15.65 29.48 -12.66
C THR A 165 15.93 30.73 -11.86
N SER A 166 16.50 31.72 -12.52
CA SER A 166 16.73 33.06 -11.95
C SER A 166 16.13 34.09 -12.90
N PHE A 167 16.57 35.33 -12.76
N PHE A 167 16.54 35.35 -12.74
CA PHE A 167 15.93 36.48 -13.43
CA PHE A 167 15.90 36.51 -13.43
C PHE A 167 16.22 36.47 -14.93
C PHE A 167 16.21 36.48 -14.92
N GLY A 168 15.40 37.21 -15.68
CA GLY A 168 15.63 37.49 -17.10
C GLY A 168 14.51 36.94 -17.94
N PRO A 169 14.40 37.37 -19.22
CA PRO A 169 13.42 36.77 -20.12
C PRO A 169 13.65 35.24 -20.17
N LEU A 170 12.55 34.48 -20.07
CA LEU A 170 12.59 33.01 -20.06
C LEU A 170 11.47 32.52 -20.99
N GLY A 171 11.84 31.92 -22.11
CA GLY A 171 10.82 31.37 -23.03
C GLY A 171 11.38 31.21 -24.43
N ALA A 172 10.82 30.23 -25.15
CA ALA A 172 11.22 29.83 -26.51
C ALA A 172 10.98 30.97 -27.51
N THR A 173 10.04 31.89 -27.22
CA THR A 173 9.73 33.03 -28.14
C THR A 173 10.38 34.31 -27.62
N LEU A 174 11.19 34.26 -26.55
CA LEU A 174 11.83 35.46 -25.98
C LEU A 174 13.33 35.33 -26.17
N ASN A 175 14.04 36.39 -25.79
CA ASN A 175 15.50 36.43 -25.97
C ASN A 175 16.14 36.00 -24.65
N GLU A 176 16.13 34.70 -24.34
CA GLU A 176 16.71 34.18 -23.09
C GLU A 176 18.23 34.25 -23.16
N ALA A 177 18.83 34.47 -22.01
CA ALA A 177 20.29 34.53 -21.83
C ALA A 177 20.72 33.39 -20.92
N GLU A 178 21.97 33.02 -21.09
CA GLU A 178 22.68 32.09 -20.19
C GLU A 178 22.57 32.55 -18.74
N GLY A 179 22.31 31.61 -17.85
CA GLY A 179 22.18 31.83 -16.40
C GLY A 179 20.73 31.81 -15.93
N THR A 180 19.78 32.19 -16.79
CA THR A 180 18.36 32.26 -16.40
C THR A 180 17.89 30.85 -16.05
N GLU A 181 18.29 29.86 -16.84
CA GLU A 181 17.96 28.45 -16.54
C GLU A 181 19.26 27.70 -16.33
N THR A 182 19.46 27.20 -15.12
CA THR A 182 20.59 26.34 -14.78
C THR A 182 20.05 25.03 -14.20
N GLN A 183 20.93 24.11 -13.89
CA GLN A 183 20.56 22.79 -13.33
C GLN A 183 21.31 22.63 -12.02
N SER A 184 20.58 22.22 -10.99
CA SER A 184 21.06 22.17 -9.60
C SER A 184 20.68 20.87 -8.95
N LEU A 185 21.40 20.53 -7.88
CA LEU A 185 21.20 19.29 -7.10
C LEU A 185 20.62 19.56 -5.71
N ALA A 186 19.80 18.64 -5.27
CA ALA A 186 19.41 18.51 -3.85
C ALA A 186 19.27 17.04 -3.50
N TYR A 187 19.42 16.68 -2.24
CA TYR A 187 19.30 15.27 -1.79
C TYR A 187 18.39 15.19 -0.58
N THR A 188 17.84 14.00 -0.33
CA THR A 188 16.92 13.77 0.80
C THR A 188 17.49 12.70 1.72
N THR A 189 17.52 13.00 3.01
CA THR A 189 17.93 12.02 4.04
C THR A 189 16.69 11.45 4.73
N ASP A 190 15.48 11.87 4.32
CA ASP A 190 14.25 11.39 4.99
C ASP A 190 13.21 10.91 3.96
N ASP A 191 13.66 10.34 2.85
CA ASP A 191 12.80 9.67 1.85
C ASP A 191 11.77 10.66 1.26
N GLY A 192 12.16 11.91 1.04
CA GLY A 192 11.35 12.89 0.30
C GLY A 192 10.57 13.80 1.21
N ALA A 193 10.67 13.67 2.54
CA ALA A 193 9.97 14.64 3.42
C ALA A 193 10.63 16.00 3.28
N SER A 194 11.93 16.05 3.02
CA SER A 194 12.66 17.31 2.83
C SER A 194 13.87 17.07 1.93
N TRP A 195 14.40 18.15 1.37
CA TRP A 195 15.54 18.10 0.42
C TRP A 195 16.52 19.17 0.88
N ILE A 196 17.80 18.82 0.86
CA ILE A 196 18.93 19.73 1.13
C ILE A 196 19.64 20.05 -0.19
N LYS A 197 19.64 21.33 -0.55
CA LYS A 197 20.34 21.78 -1.77
C LYS A 197 21.83 21.79 -1.48
N LEU A 198 22.64 21.53 -2.50
CA LEU A 198 24.07 21.84 -2.38
C LEU A 198 24.20 23.36 -2.19
N GLY A 199 25.30 23.81 -1.63
CA GLY A 199 25.62 25.24 -1.51
C GLY A 199 25.69 25.95 -2.85
N TYR A 200 25.46 27.25 -2.86
CA TYR A 200 25.69 28.09 -4.04
C TYR A 200 27.19 28.30 -4.20
N GLY A 201 27.73 28.07 -5.40
CA GLY A 201 29.07 28.57 -5.71
C GLY A 201 29.89 27.67 -6.60
N ALA A 202 31.18 28.00 -6.71
CA ALA A 202 32.14 27.26 -7.58
C ALA A 202 32.26 25.84 -7.08
N GLY A 203 32.06 24.91 -8.00
CA GLY A 203 32.14 23.47 -7.73
C GLY A 203 30.96 22.97 -6.93
N GLN A 204 29.91 23.78 -6.81
CA GLN A 204 28.66 23.33 -6.13
C GLN A 204 27.49 23.77 -7.03
N ASN A 205 26.37 24.25 -6.46
CA ASN A 205 25.20 24.62 -7.30
C ASN A 205 25.41 25.99 -7.90
N PRO A 206 24.86 26.24 -9.08
CA PRO A 206 24.31 25.20 -9.96
C PRO A 206 25.43 24.39 -10.63
N VAL A 207 25.16 23.12 -10.90
CA VAL A 207 26.16 22.19 -11.47
C VAL A 207 26.21 22.26 -13.00
N ILE A 208 25.16 22.66 -13.67
CA ILE A 208 25.18 22.84 -15.15
C ILE A 208 24.65 24.23 -15.43
N TYR A 209 25.45 25.07 -16.09
CA TYR A 209 25.02 26.46 -16.35
C TYR A 209 25.44 26.96 -17.72
N GLU A 210 26.53 26.42 -18.30
CA GLU A 210 26.96 26.86 -19.64
C GLU A 210 26.05 26.27 -20.70
N TRP A 211 25.59 27.11 -21.60
CA TRP A 211 24.82 26.65 -22.76
C TRP A 211 25.73 25.85 -23.68
N PRO A 212 25.28 24.66 -24.11
CA PRO A 212 26.11 23.83 -24.99
C PRO A 212 26.15 24.35 -26.42
N GLU A 213 25.24 25.22 -26.82
CA GLU A 213 25.16 25.78 -28.19
C GLU A 213 24.65 27.19 -27.97
N THR A 214 24.84 28.12 -28.89
CA THR A 214 24.36 29.52 -28.69
C THR A 214 22.88 29.63 -29.08
N ASN A 215 22.24 30.72 -28.63
CA ASN A 215 20.86 31.15 -29.01
C ASN A 215 19.86 30.04 -28.71
N LEU A 216 19.92 29.46 -27.51
CA LEU A 216 18.93 28.45 -27.10
C LEU A 216 17.55 29.09 -26.94
N THR A 217 16.53 28.30 -27.29
CA THR A 217 15.12 28.60 -27.02
C THR A 217 14.76 28.18 -25.59
N GLY A 218 15.54 27.28 -25.02
CA GLY A 218 15.22 26.74 -23.69
C GLY A 218 16.35 25.84 -23.25
N PHE A 219 16.44 25.56 -21.97
CA PHE A 219 17.52 24.75 -21.40
C PHE A 219 17.08 24.21 -20.07
N ARG A 220 16.21 23.20 -20.09
CA ARG A 220 15.56 22.78 -18.84
C ARG A 220 15.12 21.32 -18.88
N ASP A 221 14.66 20.85 -17.71
CA ASP A 221 13.96 19.56 -17.51
C ASP A 221 14.97 18.45 -17.63
N PRO A 222 16.01 18.45 -16.75
CA PRO A 222 17.04 17.44 -16.81
C PRO A 222 16.46 16.08 -16.47
N TYR A 223 16.74 15.10 -17.33
CA TYR A 223 16.22 13.73 -17.19
C TYR A 223 17.40 12.79 -17.00
N VAL A 224 17.60 12.34 -15.79
CA VAL A 224 18.71 11.44 -15.41
C VAL A 224 18.29 9.99 -15.58
N PHE A 225 19.17 9.18 -16.19
CA PHE A 225 18.88 7.76 -16.45
C PHE A 225 20.20 6.99 -16.57
N GLN A 226 20.11 5.72 -16.22
CA GLN A 226 21.19 4.70 -16.49
C GLN A 226 20.84 4.06 -17.82
N SER A 227 21.86 3.63 -18.57
CA SER A 227 21.67 3.05 -19.91
C SER A 227 22.83 2.11 -20.25
N PRO A 228 22.69 0.82 -19.94
CA PRO A 228 23.62 -0.19 -20.46
C PRO A 228 23.81 -0.06 -21.98
N ARG A 229 22.74 0.29 -22.69
CA ARG A 229 22.77 0.49 -24.15
C ARG A 229 23.72 1.62 -24.52
N LEU A 230 23.56 2.82 -23.95
CA LEU A 230 24.43 3.94 -24.33
C LEU A 230 25.84 3.67 -23.81
N GLU A 231 25.99 3.04 -22.64
CA GLU A 231 27.36 2.75 -22.11
C GLU A 231 28.12 1.85 -23.11
N ALA A 232 27.45 0.84 -23.61
CA ALA A 232 28.04 -0.13 -24.60
C ALA A 232 28.39 0.62 -25.89
N LEU A 233 27.53 1.50 -26.39
CA LEU A 233 27.79 2.26 -27.64
C LEU A 233 28.96 3.22 -27.43
N LEU A 234 29.13 3.80 -26.24
CA LEU A 234 30.17 4.86 -26.06
C LEU A 234 31.50 4.27 -25.59
N ALA A 235 31.54 2.99 -25.17
CA ALA A 235 32.68 2.37 -24.46
C ALA A 235 33.97 2.51 -25.28
N ASN A 236 33.89 2.55 -26.60
CA ASN A 236 35.11 2.64 -27.47
C ASN A 236 35.57 4.07 -27.65
N THR A 237 34.86 5.07 -27.12
CA THR A 237 35.12 6.50 -27.42
C THR A 237 35.41 7.29 -26.14
N THR A 238 35.43 6.65 -24.97
CA THR A 238 35.51 7.40 -23.68
C THR A 238 36.83 8.14 -23.57
N SER A 239 37.88 7.77 -24.33
CA SER A 239 39.16 8.53 -24.41
C SER A 239 38.92 9.89 -25.04
N ILE A 240 37.93 10.04 -25.91
CA ILE A 240 37.70 11.34 -26.61
C ILE A 240 37.12 12.37 -25.61
N THR A 241 36.21 11.94 -24.72
CA THR A 241 35.42 12.86 -23.85
C THR A 241 35.84 12.79 -22.40
N ASN A 242 36.48 11.69 -21.98
CA ASN A 242 36.86 11.38 -20.58
C ASN A 242 35.62 11.15 -19.68
N ALA A 243 34.42 11.06 -20.24
CA ALA A 243 33.18 10.86 -19.44
C ALA A 243 32.90 9.36 -19.34
N THR A 244 32.94 8.79 -18.14
CA THR A 244 32.84 7.33 -17.92
C THR A 244 31.82 7.01 -16.84
N GLY A 245 31.02 7.97 -16.38
CA GLY A 245 30.00 7.66 -15.36
C GLY A 245 28.89 6.75 -15.86
N ASP A 246 28.12 6.22 -14.92
CA ASP A 246 26.99 5.28 -15.17
C ASP A 246 25.64 6.03 -15.24
N HIS A 247 25.61 7.35 -15.13
CA HIS A 247 24.37 8.15 -15.38
C HIS A 247 24.52 9.05 -16.58
N PHE A 248 23.47 9.16 -17.36
CA PHE A 248 23.29 10.14 -18.43
C PHE A 248 22.23 11.14 -18.00
N ALA A 249 22.23 12.30 -18.64
CA ALA A 249 21.14 13.29 -18.46
C ALA A 249 20.89 13.94 -19.79
N THR A 250 19.61 14.09 -20.15
CA THR A 250 19.23 14.96 -21.25
C THR A 250 18.75 16.28 -20.67
N ILE A 251 18.95 17.34 -21.44
CA ILE A 251 18.34 18.66 -21.18
C ILE A 251 17.57 19.06 -22.42
N SER A 252 16.33 19.54 -22.21
CA SER A 252 15.38 19.87 -23.28
C SER A 252 15.55 21.32 -23.73
N GLY A 253 15.54 21.56 -25.03
CA GLY A 253 15.56 22.93 -25.53
C GLY A 253 15.43 22.97 -27.04
N GLY A 254 16.24 23.82 -27.65
CA GLY A 254 16.15 24.15 -29.08
C GLY A 254 17.04 25.31 -29.40
N VAL A 255 17.06 25.70 -30.67
CA VAL A 255 17.91 26.81 -31.20
C VAL A 255 17.02 27.77 -31.97
N HIS A 256 17.13 29.07 -31.71
CA HIS A 256 16.28 30.10 -32.32
C HIS A 256 16.33 29.93 -33.85
N GLY A 257 15.16 29.87 -34.47
CA GLY A 257 14.95 29.76 -35.91
C GLY A 257 15.26 28.37 -36.44
N ASP A 258 15.73 27.40 -35.64
CA ASP A 258 16.33 26.15 -36.21
C ASP A 258 15.83 24.86 -35.54
N GLY A 259 14.72 24.93 -34.81
CA GLY A 259 14.06 23.72 -34.29
C GLY A 259 14.54 23.31 -32.90
N ALA A 260 13.91 22.26 -32.40
CA ALA A 260 14.13 21.69 -31.05
C ALA A 260 15.40 20.87 -31.00
N ARG A 261 15.94 20.75 -29.79
CA ARG A 261 17.13 19.93 -29.49
C ARG A 261 16.92 19.22 -28.17
N LEU A 262 17.37 17.98 -28.08
CA LEU A 262 17.57 17.29 -26.80
C LEU A 262 19.08 17.10 -26.64
N PHE A 263 19.67 17.72 -25.62
CA PHE A 263 21.13 17.72 -25.38
C PHE A 263 21.48 16.56 -24.47
N LEU A 264 22.49 15.78 -24.83
CA LEU A 264 22.93 14.62 -24.00
C LEU A 264 24.20 14.95 -23.23
N TYR A 265 24.15 14.70 -21.94
CA TYR A 265 25.26 14.82 -20.98
C TYR A 265 25.53 13.44 -20.43
N ARG A 266 26.77 13.22 -20.04
CA ARG A 266 27.16 12.03 -19.29
C ARG A 266 27.90 12.44 -18.03
N GLN A 267 27.53 11.83 -16.91
CA GLN A 267 28.23 11.96 -15.62
C GLN A 267 29.72 11.69 -15.90
N HIS A 268 30.59 12.59 -15.48
CA HIS A 268 32.03 12.51 -15.82
C HIS A 268 32.65 11.29 -15.12
N THR A 269 32.36 11.08 -13.85
CA THR A 269 32.92 9.97 -13.04
C THR A 269 31.84 9.31 -12.20
N THR A 270 31.82 7.98 -12.19
CA THR A 270 30.92 7.18 -11.34
C THR A 270 31.09 7.63 -9.88
N GLY A 271 29.99 7.76 -9.16
CA GLY A 271 29.95 8.13 -7.75
C GLY A 271 30.22 9.59 -7.50
N GLU A 272 30.34 10.42 -8.53
CA GLU A 272 30.55 11.87 -8.35
C GLU A 272 29.46 12.62 -9.15
N PHE A 273 28.84 13.65 -8.55
CA PHE A 273 27.58 14.20 -9.14
C PHE A 273 27.67 15.67 -9.50
N ILE A 274 28.85 16.27 -9.40
CA ILE A 274 29.05 17.71 -9.71
C ILE A 274 29.29 17.86 -11.21
N LYS A 275 30.17 17.02 -11.78
CA LYS A 275 30.65 17.22 -13.15
C LYS A 275 29.85 16.36 -14.14
N TRP A 276 29.25 17.02 -15.11
CA TRP A 276 28.44 16.40 -16.19
C TRP A 276 29.05 16.88 -17.48
N THR A 277 29.41 15.98 -18.38
CA THR A 277 30.10 16.36 -19.65
C THR A 277 29.10 16.38 -20.78
N TYR A 278 28.97 17.50 -21.48
CA TYR A 278 28.15 17.63 -22.70
C TYR A 278 28.76 16.76 -23.80
N LEU A 279 28.00 15.83 -24.35
CA LEU A 279 28.46 14.95 -25.45
C LEU A 279 28.03 15.57 -26.78
N GLY A 280 26.77 15.91 -26.88
CA GLY A 280 26.20 16.46 -28.11
C GLY A 280 24.69 16.37 -28.14
N PRO A 281 24.07 16.91 -29.19
CA PRO A 281 22.63 16.82 -29.40
C PRO A 281 22.25 15.37 -29.71
N LEU A 282 21.24 14.88 -28.99
CA LEU A 282 20.75 13.50 -29.10
C LEU A 282 19.65 13.51 -30.15
N VAL A 283 18.73 14.44 -30.03
CA VAL A 283 17.60 14.58 -30.99
C VAL A 283 17.64 15.98 -31.57
N THR A 284 17.68 16.05 -32.90
CA THR A 284 17.66 17.33 -33.66
C THR A 284 16.47 17.29 -34.60
N THR A 285 15.53 18.23 -34.48
CA THR A 285 14.38 18.31 -35.38
C THR A 285 14.32 19.73 -35.97
N GLY A 286 13.60 19.86 -37.08
CA GLY A 286 13.48 21.13 -37.80
C GLY A 286 12.45 22.04 -37.18
N TYR A 287 12.56 23.33 -37.48
CA TYR A 287 11.58 24.37 -37.08
C TYR A 287 10.18 24.02 -37.59
N LYS A 288 9.26 23.70 -36.67
CA LYS A 288 7.89 23.25 -36.98
C LYS A 288 7.86 22.12 -38.00
N GLU A 289 8.84 21.24 -38.02
CA GLU A 289 8.87 19.96 -38.78
C GLU A 289 7.74 19.05 -38.28
N SER A 290 7.00 18.37 -39.18
CA SER A 290 6.00 17.33 -38.81
C SER A 290 6.37 16.03 -39.51
N TYR A 291 6.34 14.87 -38.84
CA TYR A 291 6.50 13.57 -39.55
C TYR A 291 5.14 13.16 -40.14
N GLY A 292 4.07 13.90 -39.90
CA GLY A 292 2.77 13.71 -40.58
C GLY A 292 1.60 13.62 -39.62
N GLU A 293 0.46 13.19 -40.14
CA GLU A 293 -0.86 13.17 -39.48
C GLU A 293 -0.87 12.33 -38.20
N TRP A 294 -0.01 11.33 -38.09
CA TRP A 294 0.01 10.40 -36.95
C TRP A 294 1.00 10.89 -35.88
N SER A 295 1.64 12.04 -36.08
CA SER A 295 2.90 12.34 -35.35
C SER A 295 2.94 13.75 -34.75
N GLY A 296 1.83 14.48 -34.71
CA GLY A 296 1.80 15.88 -34.22
C GLY A 296 2.82 16.74 -34.96
N ASN A 297 3.52 17.64 -34.26
CA ASN A 297 4.49 18.57 -34.86
C ASN A 297 5.63 18.79 -33.84
N TYR A 298 6.85 18.90 -34.33
CA TYR A 298 8.06 19.00 -33.48
C TYR A 298 8.26 20.45 -32.99
N GLY A 299 7.43 21.39 -33.42
CA GLY A 299 7.43 22.77 -32.88
C GLY A 299 8.79 23.43 -32.95
N ILE A 300 9.13 24.23 -31.94
CA ILE A 300 10.37 25.05 -31.96
C ILE A 300 11.27 24.72 -30.77
N ASN A 301 10.78 23.96 -29.81
CA ASN A 301 11.48 23.78 -28.53
C ASN A 301 10.89 22.55 -27.83
N PHE A 302 11.75 21.74 -27.24
CA PHE A 302 11.33 20.56 -26.46
C PHE A 302 11.24 20.93 -24.97
N GLU A 303 10.31 20.27 -24.32
CA GLU A 303 10.15 20.29 -22.83
C GLU A 303 9.98 18.86 -22.32
N THR A 304 10.37 18.65 -21.07
CA THR A 304 10.15 17.42 -20.28
C THR A 304 10.50 16.17 -21.11
N ALA A 305 11.58 16.19 -21.88
CA ALA A 305 11.99 15.01 -22.65
C ALA A 305 12.61 13.95 -21.73
N GLY A 306 12.36 12.67 -22.04
CA GLY A 306 13.03 11.55 -21.36
C GLY A 306 13.43 10.47 -22.38
N VAL A 307 14.25 9.55 -21.94
CA VAL A 307 14.87 8.48 -22.75
C VAL A 307 14.63 7.17 -22.03
N THR A 308 14.14 6.15 -22.75
CA THR A 308 13.98 4.81 -22.15
C THR A 308 14.23 3.72 -23.22
N ARG A 309 14.18 2.50 -22.75
CA ARG A 309 14.40 1.29 -23.58
C ARG A 309 13.37 0.30 -23.10
N LEU A 310 12.55 -0.22 -24.01
CA LEU A 310 11.39 -1.06 -23.69
C LEU A 310 11.48 -2.34 -24.53
N ASN A 311 10.81 -3.36 -24.06
CA ASN A 311 10.59 -4.64 -24.81
C ASN A 311 9.12 -4.95 -24.60
N PRO A 312 8.59 -6.04 -25.22
CA PRO A 312 7.17 -6.32 -25.13
C PRO A 312 6.64 -6.43 -23.69
N ALA A 313 7.47 -6.78 -22.72
CA ALA A 313 7.01 -6.97 -21.32
C ALA A 313 7.02 -5.65 -20.52
N GLY A 314 7.82 -4.65 -20.92
CA GLY A 314 8.04 -3.43 -20.11
C GLY A 314 9.38 -2.81 -20.36
N ALA A 315 10.12 -2.55 -19.29
CA ALA A 315 11.44 -1.88 -19.34
C ALA A 315 12.47 -2.93 -19.76
N ALA A 316 13.44 -2.52 -20.56
CA ALA A 316 14.52 -3.40 -21.04
C ALA A 316 15.84 -2.85 -20.51
N TRP A 317 16.58 -3.67 -19.77
CA TRP A 317 17.92 -3.31 -19.21
C TRP A 317 19.10 -3.88 -20.03
N ASP A 318 18.88 -4.42 -21.23
CA ASP A 318 19.97 -5.05 -22.04
C ASP A 318 20.85 -3.95 -22.65
N ASN A 319 22.00 -4.35 -23.22
CA ASN A 319 22.99 -3.42 -23.82
C ASN A 319 22.80 -3.30 -25.33
N GLY A 320 21.72 -3.83 -25.90
CA GLY A 320 21.51 -3.89 -27.35
C GLY A 320 21.34 -5.32 -27.85
N SER A 321 21.66 -6.29 -26.99
CA SER A 321 21.59 -7.77 -27.23
C SER A 321 20.15 -8.27 -27.37
N ASP A 322 19.16 -7.61 -26.75
CA ASP A 322 17.74 -8.02 -26.92
C ASP A 322 17.21 -7.43 -28.22
N THR A 323 17.04 -8.29 -29.24
CA THR A 323 16.52 -7.88 -30.58
C THR A 323 15.05 -7.47 -30.49
N THR A 324 14.34 -7.76 -29.40
CA THR A 324 12.91 -7.39 -29.22
C THR A 324 12.79 -5.99 -28.57
N ALA A 325 13.89 -5.40 -28.12
CA ALA A 325 13.87 -4.11 -27.36
C ALA A 325 13.98 -2.93 -28.33
N VAL A 326 13.44 -1.77 -27.93
CA VAL A 326 13.36 -0.57 -28.78
C VAL A 326 13.72 0.62 -27.88
N ASP A 327 14.55 1.51 -28.42
CA ASP A 327 14.91 2.79 -27.76
C ASP A 327 13.84 3.81 -28.06
N PHE A 328 13.37 4.51 -27.03
CA PHE A 328 12.31 5.50 -27.18
C PHE A 328 12.73 6.80 -26.52
N VAL A 329 12.32 7.91 -27.12
CA VAL A 329 12.39 9.24 -26.49
C VAL A 329 10.96 9.72 -26.34
N THR A 330 10.60 10.28 -25.18
CA THR A 330 9.28 10.92 -25.02
C THR A 330 9.54 12.41 -24.78
N PHE A 331 8.71 13.29 -25.31
CA PHE A 331 9.04 14.74 -25.27
C PHE A 331 7.80 15.57 -25.59
N GLY A 332 7.71 16.73 -24.94
CA GLY A 332 6.75 17.76 -25.31
C GLY A 332 7.36 18.68 -26.34
N THR A 333 6.52 19.23 -27.19
CA THR A 333 6.98 20.28 -28.12
C THR A 333 6.10 21.50 -27.92
N GLU A 334 6.64 22.68 -28.23
CA GLU A 334 5.83 23.89 -28.16
C GLU A 334 5.89 24.67 -29.49
N GLN A 335 4.81 25.40 -29.69
CA GLN A 335 4.54 26.36 -30.80
C GLN A 335 4.44 25.61 -32.12
N GLY A 336 4.10 24.32 -32.11
CA GLY A 336 3.81 23.55 -33.33
C GLY A 336 2.35 23.16 -33.41
N ARG A 337 1.48 23.84 -32.69
CA ARG A 337 0.06 23.45 -32.61
C ARG A 337 -0.77 24.70 -32.41
N ALA A 338 -1.92 24.78 -33.09
CA ALA A 338 -2.77 26.00 -33.11
C ALA A 338 -3.61 26.07 -31.84
N ASP A 339 -3.74 24.97 -31.10
CA ASP A 339 -4.62 24.93 -29.92
C ASP A 339 -3.95 24.01 -28.87
N HIS A 340 -4.68 23.55 -27.87
CA HIS A 340 -4.09 22.71 -26.78
C HIS A 340 -2.84 23.42 -26.23
N GLN A 341 -2.96 24.73 -26.01
CA GLN A 341 -1.90 25.54 -25.38
C GLN A 341 -0.61 25.42 -26.19
N ASN A 342 -0.71 25.23 -27.51
CA ASN A 342 0.43 25.14 -28.45
C ASN A 342 1.36 23.96 -28.10
N HIS A 343 0.84 22.90 -27.49
CA HIS A 343 1.65 21.80 -26.87
C HIS A 343 1.29 20.41 -27.38
N TRP A 344 2.29 19.66 -27.85
CA TRP A 344 2.16 18.26 -28.28
C TRP A 344 2.96 17.41 -27.30
N PRO A 345 2.38 16.39 -26.64
CA PRO A 345 3.17 15.35 -25.99
C PRO A 345 3.42 14.16 -26.92
N LEU A 346 4.66 13.99 -27.37
CA LEU A 346 5.03 13.07 -28.46
C LEU A 346 5.93 11.97 -27.93
N TRP A 347 6.20 10.98 -28.78
CA TRP A 347 7.24 9.96 -28.56
C TRP A 347 7.80 9.54 -29.92
N ALA A 348 9.01 9.05 -29.92
CA ALA A 348 9.68 8.52 -31.13
C ALA A 348 10.47 7.28 -30.75
N ALA A 349 10.42 6.28 -31.64
CA ALA A 349 11.38 5.17 -31.64
C ALA A 349 12.64 5.67 -32.35
N VAL A 350 13.81 5.39 -31.83
CA VAL A 350 15.09 5.94 -32.37
C VAL A 350 16.09 4.82 -32.54
N ASP A 351 16.98 4.99 -33.50
CA ASP A 351 18.17 4.13 -33.71
C ASP A 351 19.38 4.99 -33.39
N TYR A 352 20.18 4.57 -32.44
CA TYR A 352 21.37 5.32 -32.00
C TYR A 352 22.53 5.09 -32.98
N GLU A 353 23.25 6.15 -33.31
CA GLU A 353 24.51 6.14 -34.11
C GLU A 353 25.57 6.84 -33.25
N VAL A 354 26.79 6.31 -33.23
CA VAL A 354 27.92 6.95 -32.50
C VAL A 354 28.65 7.91 -33.43
N ARG A 355 28.82 9.17 -33.01
CA ARG A 355 29.55 10.20 -33.76
C ARG A 355 31.04 10.03 -33.47
N ASP A 356 31.88 10.56 -34.36
CA ASP A 356 33.35 10.52 -34.20
C ASP A 356 33.76 11.27 -32.92
N ASN A 357 33.01 12.28 -32.46
CA ASN A 357 33.39 13.04 -31.24
C ASN A 357 32.86 12.37 -29.96
N GLY A 358 32.42 11.12 -30.02
CA GLY A 358 32.10 10.32 -28.81
C GLY A 358 30.73 10.73 -28.24
N SER A 359 29.82 11.11 -29.12
CA SER A 359 28.43 11.51 -28.78
C SER A 359 27.48 10.60 -29.52
N ILE A 360 26.18 10.74 -29.28
CA ILE A 360 25.15 9.83 -29.82
C ILE A 360 24.18 10.65 -30.63
N GLU A 361 23.88 10.21 -31.85
CA GLU A 361 22.76 10.73 -32.63
C GLU A 361 21.60 9.76 -32.53
N ALA A 362 20.44 10.21 -32.06
CA ALA A 362 19.23 9.39 -32.00
C ALA A 362 18.45 9.67 -33.27
N VAL A 363 18.50 8.75 -34.22
CA VAL A 363 17.81 8.94 -35.52
C VAL A 363 16.39 8.43 -35.36
N ILE A 364 15.41 9.26 -35.63
CA ILE A 364 13.98 8.87 -35.48
C ILE A 364 13.60 7.81 -36.54
N ALA A 365 13.08 6.68 -36.10
CA ALA A 365 12.65 5.53 -36.94
C ALA A 365 11.16 5.66 -37.25
N TYR A 366 10.37 6.04 -36.23
CA TYR A 366 8.92 6.31 -36.36
C TYR A 366 8.53 7.14 -35.13
N SER A 367 7.40 7.82 -35.20
CA SER A 367 7.14 8.98 -34.31
C SER A 367 5.65 9.05 -34.09
N GLY A 368 5.25 9.09 -32.83
CA GLY A 368 3.83 9.10 -32.48
C GLY A 368 3.48 10.14 -31.43
N VAL A 369 2.29 9.98 -30.88
CA VAL A 369 1.64 10.93 -29.94
C VAL A 369 1.35 10.17 -28.66
N GLN A 370 1.77 10.70 -27.51
CA GLN A 370 1.56 10.01 -26.21
C GLN A 370 0.12 10.21 -25.74
N ASP A 371 -0.45 11.39 -25.98
CA ASP A 371 -1.87 11.68 -25.66
C ASP A 371 -2.35 12.77 -26.61
N TRP A 372 -3.52 12.61 -27.20
CA TRP A 372 -4.05 13.52 -28.25
C TRP A 372 -4.87 14.66 -27.64
N GLY A 373 -5.07 14.70 -26.31
CA GLY A 373 -5.95 15.68 -25.70
C GLY A 373 -5.25 16.75 -24.89
N ARG A 374 -5.93 17.21 -23.85
CA ARG A 374 -5.47 18.34 -23.01
C ARG A 374 -4.53 17.79 -21.92
N SER A 375 -3.46 17.19 -22.35
CA SER A 375 -2.39 16.70 -21.44
C SER A 375 -1.03 17.02 -22.01
N TYR A 376 -0.02 17.02 -21.12
CA TYR A 376 1.34 17.45 -21.47
C TYR A 376 2.28 17.07 -20.34
N ALA A 377 3.58 17.14 -20.58
CA ALA A 377 4.62 17.07 -19.54
C ALA A 377 4.60 15.65 -18.96
N TYR A 378 4.60 14.64 -19.83
CA TYR A 378 4.75 13.24 -19.42
C TYR A 378 6.18 13.03 -18.90
N ALA A 379 6.26 12.36 -17.76
CA ALA A 379 7.49 11.90 -17.11
C ALA A 379 7.41 10.38 -17.05
N SER A 380 8.53 9.67 -17.23
CA SER A 380 8.56 8.20 -17.05
C SER A 380 9.66 7.87 -16.06
N PHE A 381 9.48 6.80 -15.32
CA PHE A 381 10.45 6.37 -14.32
C PHE A 381 10.41 4.85 -14.15
N PRO A 382 11.53 4.27 -13.70
CA PRO A 382 11.60 2.84 -13.50
C PRO A 382 10.92 2.34 -12.25
N VAL A 383 10.29 1.18 -12.36
CA VAL A 383 9.57 0.55 -11.25
C VAL A 383 9.98 -0.93 -11.23
N GLU A 384 10.17 -1.47 -10.02
CA GLU A 384 10.53 -2.89 -9.78
C GLU A 384 9.68 -3.82 -10.66
N GLY A 385 10.28 -4.91 -11.13
CA GLY A 385 9.58 -5.86 -12.02
C GLY A 385 9.76 -5.50 -13.49
N TYR A 386 10.79 -4.72 -13.81
CA TYR A 386 11.15 -4.40 -15.20
C TYR A 386 10.00 -3.59 -15.83
N ARG A 387 9.56 -2.55 -15.12
CA ARG A 387 8.49 -1.65 -15.58
C ARG A 387 9.06 -0.26 -15.81
N GLN A 388 8.47 0.41 -16.78
CA GLN A 388 8.71 1.85 -17.02
C GLN A 388 7.32 2.47 -16.97
N VAL A 389 7.11 3.37 -16.01
CA VAL A 389 5.79 3.95 -15.74
C VAL A 389 5.82 5.44 -16.11
N SER A 390 4.80 5.87 -16.84
CA SER A 390 4.67 7.25 -17.36
C SER A 390 3.43 7.90 -16.77
N VAL A 391 3.51 9.21 -16.49
CA VAL A 391 2.34 9.97 -16.01
C VAL A 391 2.47 11.42 -16.50
N GLY A 392 1.36 12.06 -16.79
CA GLY A 392 1.38 13.44 -17.30
C GLY A 392 0.44 14.33 -16.52
N TRP A 393 0.28 15.54 -17.04
CA TRP A 393 -0.58 16.57 -16.45
C TRP A 393 -1.72 16.85 -17.41
N ILE A 394 -2.91 16.84 -16.86
CA ILE A 394 -4.18 17.24 -17.57
C ILE A 394 -4.51 18.65 -17.10
N TYR A 395 -4.42 19.61 -18.01
CA TYR A 395 -4.82 21.00 -17.68
C TYR A 395 -6.34 21.10 -17.79
N GLU A 396 -6.88 22.22 -17.29
CA GLU A 396 -8.34 22.50 -17.35
C GLU A 396 -8.67 22.93 -18.79
N ASP A 397 -9.96 23.13 -19.08
CA ASP A 397 -10.36 23.76 -20.37
C ASP A 397 -11.03 25.09 -20.05
N ASP A 398 -10.26 26.01 -19.46
CA ASP A 398 -10.71 27.35 -19.01
C ASP A 398 -9.55 28.30 -19.34
N ASP A 399 -9.15 28.33 -20.58
CA ASP A 399 -7.92 29.05 -21.02
C ASP A 399 -8.04 30.56 -20.83
N ASN A 400 -9.25 31.12 -20.69
CA ASN A 400 -9.43 32.58 -20.41
C ASN A 400 -9.51 32.83 -18.91
N VAL A 401 -9.38 31.81 -18.07
CA VAL A 401 -9.27 31.94 -16.60
C VAL A 401 -10.54 32.60 -16.06
N ILE A 402 -11.69 32.13 -16.51
CA ILE A 402 -12.99 32.76 -16.18
C ILE A 402 -13.51 32.23 -14.86
N LEU A 403 -13.37 30.92 -14.55
CA LEU A 403 -13.87 30.34 -13.28
C LEU A 403 -12.74 29.71 -12.43
N ALA A 404 -11.49 30.00 -12.74
CA ALA A 404 -10.33 29.40 -12.00
C ALA A 404 -10.39 29.78 -10.53
N LYS A 405 -10.67 31.05 -10.19
CA LYS A 405 -10.78 31.45 -8.78
C LYS A 405 -11.94 30.74 -8.08
N GLN A 406 -13.08 30.58 -8.76
CA GLN A 406 -14.25 29.89 -8.17
C GLN A 406 -13.90 28.40 -7.96
N PHE A 407 -13.14 27.79 -8.87
CA PHE A 407 -12.65 26.42 -8.60
C PHE A 407 -11.79 26.40 -7.31
N GLY A 408 -10.81 27.28 -7.24
CA GLY A 408 -9.81 27.30 -6.16
C GLY A 408 -8.66 26.31 -6.40
N TYR A 409 -8.57 25.79 -7.59
CA TYR A 409 -7.50 24.84 -8.02
C TYR A 409 -7.45 24.82 -9.54
N GLN A 410 -6.36 24.34 -10.10
CA GLN A 410 -6.22 24.05 -11.54
C GLN A 410 -5.32 22.83 -11.68
N GLY A 411 -5.76 21.84 -12.44
CA GLY A 411 -4.87 20.78 -12.92
C GLY A 411 -5.07 19.47 -12.19
N ALA A 412 -4.69 18.39 -12.86
CA ALA A 412 -4.60 17.04 -12.25
C ALA A 412 -3.54 16.25 -13.00
N PHE A 413 -3.17 15.07 -12.48
CA PHE A 413 -2.41 14.11 -13.27
C PHE A 413 -3.34 13.33 -14.21
N THR A 414 -2.73 12.69 -15.21
CA THR A 414 -3.29 11.51 -15.89
C THR A 414 -3.26 10.32 -14.93
N LEU A 415 -3.78 9.20 -15.38
CA LEU A 415 -3.48 7.94 -14.69
C LEU A 415 -2.04 7.53 -14.98
N PHE A 416 -1.49 6.68 -14.11
CA PHE A 416 -0.14 6.13 -14.30
C PHE A 416 -0.21 4.99 -15.33
N ARG A 417 0.69 5.02 -16.29
CA ARG A 417 0.65 4.10 -17.44
C ARG A 417 1.91 3.25 -17.48
N ASP A 418 1.78 1.95 -17.63
CA ASP A 418 2.91 1.05 -18.00
C ASP A 418 3.22 1.29 -19.47
N LEU A 419 4.47 1.56 -19.80
CA LEU A 419 4.97 1.58 -21.20
C LEU A 419 5.58 0.22 -21.52
N PHE A 420 5.44 -0.18 -22.77
CA PHE A 420 5.95 -1.47 -23.28
C PHE A 420 5.98 -1.35 -24.79
N VAL A 421 6.63 -2.31 -25.45
CA VAL A 421 6.56 -2.45 -26.93
C VAL A 421 5.29 -3.24 -27.26
N LYS A 422 4.34 -2.60 -27.94
CA LYS A 422 3.10 -3.24 -28.42
C LYS A 422 3.47 -3.97 -29.72
N VAL A 423 3.29 -5.30 -29.73
CA VAL A 423 3.56 -6.15 -30.92
C VAL A 423 2.24 -6.76 -31.39
N VAL A 424 1.84 -6.54 -32.64
CA VAL A 424 0.61 -7.15 -33.22
C VAL A 424 1.09 -8.15 -34.27
N GLU A 425 0.74 -9.42 -34.10
CA GLU A 425 1.19 -10.47 -35.03
C GLU A 425 0.10 -10.76 -36.05
N ASN A 426 0.52 -11.31 -37.20
CA ASN A 426 -0.42 -11.85 -38.21
C ASN A 426 -1.27 -10.73 -38.73
N VAL A 427 -0.67 -9.56 -38.94
CA VAL A 427 -1.41 -8.43 -39.54
C VAL A 427 -1.49 -8.67 -41.05
N SER A 428 -2.68 -8.46 -41.59
CA SER A 428 -3.00 -8.52 -43.03
C SER A 428 -2.35 -7.35 -43.76
N PRO A 429 -1.56 -7.62 -44.83
CA PRO A 429 -1.05 -6.57 -45.69
C PRO A 429 -2.08 -5.71 -46.39
N SER A 430 -3.36 -6.07 -46.33
CA SER A 430 -4.41 -5.24 -46.95
C SER A 430 -4.95 -4.21 -45.94
N THR A 431 -4.44 -4.20 -44.71
CA THR A 431 -4.74 -3.10 -43.75
C THR A 431 -4.44 -1.76 -44.42
N PRO A 432 -5.43 -0.89 -44.58
CA PRO A 432 -5.21 0.38 -45.26
C PRO A 432 -4.07 1.16 -44.60
N GLY A 433 -3.15 1.69 -45.40
CA GLY A 433 -2.07 2.60 -44.95
C GLY A 433 -0.99 1.91 -44.16
N LEU A 434 -0.96 0.58 -44.13
CA LEU A 434 -0.08 -0.19 -43.23
C LEU A 434 1.40 0.13 -43.48
N PHE A 435 1.81 0.35 -44.73
CA PHE A 435 3.26 0.46 -45.03
C PHE A 435 3.74 1.91 -45.01
N GLU A 436 2.87 2.87 -44.70
CA GLU A 436 3.36 4.21 -44.33
C GLU A 436 4.25 4.11 -43.07
N GLN A 437 4.05 3.13 -42.18
CA GLN A 437 4.96 2.97 -41.00
C GLN A 437 5.16 4.35 -40.28
N ALA A 438 4.07 5.10 -40.05
CA ALA A 438 4.13 6.52 -39.56
C ALA A 438 4.51 6.52 -38.07
N SER A 439 3.70 5.91 -37.22
CA SER A 439 3.95 5.78 -35.76
C SER A 439 4.06 4.30 -35.38
N TRP A 440 4.46 3.47 -36.35
CA TRP A 440 4.71 2.02 -36.11
C TRP A 440 5.74 1.54 -37.14
N SER A 441 6.34 0.39 -36.88
CA SER A 441 7.21 -0.33 -37.81
C SER A 441 6.45 -1.55 -38.34
N THR A 442 6.81 -2.03 -39.53
CA THR A 442 6.29 -3.32 -40.09
C THR A 442 7.47 -4.20 -40.45
N LYS A 443 7.32 -5.50 -40.18
CA LYS A 443 8.32 -6.53 -40.56
C LYS A 443 7.54 -7.65 -41.28
N ASN A 444 7.81 -7.85 -42.57
CA ASN A 444 7.18 -8.94 -43.37
C ASN A 444 7.60 -10.31 -42.87
N SER A 445 6.69 -11.28 -42.90
CA SER A 445 7.03 -12.73 -42.86
C SER A 445 7.92 -13.09 -44.06
N THR A 446 8.70 -14.17 -43.96
CA THR A 446 9.53 -14.70 -45.08
C THR A 446 8.69 -14.73 -46.36
N ASP A 447 7.45 -15.19 -46.30
CA ASP A 447 6.62 -15.42 -47.52
C ASP A 447 5.85 -14.15 -47.92
N GLY A 448 5.97 -13.04 -47.18
CA GLY A 448 5.35 -11.76 -47.55
C GLY A 448 3.83 -11.74 -47.41
N MET A 449 3.22 -12.73 -46.76
CA MET A 449 1.72 -12.82 -46.65
C MET A 449 1.20 -12.35 -45.27
N SER A 450 2.08 -12.05 -44.33
CA SER A 450 1.69 -11.39 -43.05
C SER A 450 2.79 -10.45 -42.57
N VAL A 451 2.39 -9.61 -41.60
CA VAL A 451 3.25 -8.50 -41.10
C VAL A 451 3.21 -8.53 -39.56
N THR A 452 4.35 -8.30 -38.95
CA THR A 452 4.43 -7.98 -37.51
C THR A 452 4.47 -6.44 -37.40
N VAL A 453 3.56 -5.89 -36.60
CA VAL A 453 3.53 -4.42 -36.33
C VAL A 453 4.11 -4.19 -34.93
N THR A 454 4.99 -3.18 -34.82
CA THR A 454 5.60 -2.77 -33.53
C THR A 454 5.28 -1.29 -33.33
N THR A 455 4.81 -0.90 -32.14
CA THR A 455 4.60 0.50 -31.76
C THR A 455 4.82 0.65 -30.25
N LEU A 456 4.68 1.87 -29.76
CA LEU A 456 4.66 2.11 -28.29
C LEU A 456 3.33 1.66 -27.74
N GLY A 457 3.34 0.83 -26.70
CA GLY A 457 2.15 0.47 -25.97
C GLY A 457 2.04 1.33 -24.71
N GLN A 458 0.81 1.64 -24.31
CA GLN A 458 0.51 2.33 -23.03
C GLN A 458 -0.70 1.65 -22.44
N ARG A 459 -0.66 1.29 -21.17
CA ARG A 459 -1.86 0.77 -20.50
C ARG A 459 -1.86 1.27 -19.06
N VAL A 460 -3.03 1.44 -18.48
CA VAL A 460 -3.13 1.89 -17.08
C VAL A 460 -2.48 0.82 -16.20
N VAL A 461 -1.69 1.26 -15.22
CA VAL A 461 -1.03 0.31 -14.28
C VAL A 461 -2.09 -0.59 -13.66
N PRO A 462 -1.79 -1.90 -13.59
CA PRO A 462 -2.79 -2.87 -13.15
C PRO A 462 -3.24 -2.64 -11.70
N GLU A 463 -2.38 -2.09 -10.86
CA GLU A 463 -2.77 -1.76 -9.45
C GLU A 463 -4.01 -0.84 -9.44
N THR A 464 -4.06 0.14 -10.33
CA THR A 464 -5.16 1.12 -10.40
C THR A 464 -6.40 0.39 -10.95
N LEU A 465 -6.27 -0.39 -12.03
CA LEU A 465 -7.46 -1.08 -12.60
C LEU A 465 -8.02 -2.04 -11.52
N ALA A 466 -7.17 -2.78 -10.80
CA ALA A 466 -7.67 -3.72 -9.76
C ALA A 466 -8.39 -2.94 -8.64
N ALA A 467 -7.81 -1.84 -8.16
CA ALA A 467 -8.38 -1.04 -7.05
C ALA A 467 -9.70 -0.42 -7.52
N TYR A 468 -9.74 0.14 -8.73
CA TYR A 468 -10.96 0.78 -9.29
C TYR A 468 -12.10 -0.26 -9.35
N LYS A 469 -11.84 -1.40 -9.94
CA LYS A 469 -12.85 -2.46 -10.12
C LYS A 469 -13.30 -2.98 -8.75
N GLY A 470 -12.38 -3.24 -7.83
CA GLY A 470 -12.70 -3.83 -6.52
C GLY A 470 -13.51 -2.90 -5.65
N ASN A 471 -13.36 -1.59 -5.79
CA ASN A 471 -14.03 -0.60 -4.94
C ASN A 471 -15.33 -0.14 -5.61
N SER A 472 -15.54 -0.45 -6.87
CA SER A 472 -16.72 0.00 -7.64
C SER A 472 -17.91 -0.97 -7.46
N THR A 473 -19.11 -0.52 -7.74
CA THR A 473 -20.24 -1.39 -8.16
C THR A 473 -20.05 -1.72 -9.63
N VAL A 474 -19.75 -2.98 -9.95
CA VAL A 474 -19.47 -3.47 -11.32
C VAL A 474 -20.76 -3.99 -11.93
N SER A 475 -21.13 -3.50 -13.09
CA SER A 475 -22.26 -4.03 -13.89
C SER A 475 -21.70 -4.62 -15.17
N THR A 476 -21.85 -5.92 -15.36
CA THR A 476 -21.46 -6.61 -16.61
C THR A 476 -22.65 -6.51 -17.54
N LEU A 477 -22.51 -5.86 -18.69
CA LEU A 477 -23.68 -5.56 -19.57
C LEU A 477 -23.77 -6.59 -20.67
N ALA A 478 -24.99 -6.89 -21.12
CA ALA A 478 -25.25 -7.82 -22.25
C ALA A 478 -24.63 -7.24 -23.51
N PRO A 479 -24.06 -8.08 -24.39
CA PRO A 479 -23.58 -7.62 -25.69
C PRO A 479 -24.75 -7.04 -26.47
N VAL A 480 -24.44 -6.10 -27.36
CA VAL A 480 -25.46 -5.31 -28.14
C VAL A 480 -25.02 -5.32 -29.60
N MET A 481 -25.93 -5.67 -30.52
CA MET A 481 -25.68 -5.45 -31.95
C MET A 481 -26.36 -4.13 -32.34
N LEU A 482 -25.55 -3.20 -32.86
CA LEU A 482 -26.05 -1.89 -33.33
C LEU A 482 -26.35 -2.03 -34.82
N ASN A 483 -27.63 -1.98 -35.17
CA ASN A 483 -28.10 -2.22 -36.55
C ASN A 483 -29.12 -1.15 -36.93
N GLU A 484 -30.07 -1.51 -37.82
CA GLU A 484 -31.06 -0.53 -38.36
C GLU A 484 -31.94 -0.05 -37.22
N SER A 485 -32.09 -0.85 -36.15
CA SER A 485 -32.99 -0.51 -35.01
C SER A 485 -32.28 0.35 -33.94
N ALA A 486 -30.96 0.55 -34.02
CA ALA A 486 -30.20 1.29 -32.95
C ALA A 486 -30.64 2.75 -32.94
N ALA A 487 -31.03 3.29 -31.79
CA ALA A 487 -31.18 4.76 -31.59
C ALA A 487 -29.80 5.42 -31.69
N ALA A 488 -29.75 6.75 -31.86
CA ALA A 488 -28.49 7.53 -31.87
C ALA A 488 -27.73 7.25 -30.55
N TYR A 489 -28.49 7.23 -29.45
CA TYR A 489 -28.01 7.05 -28.06
C TYR A 489 -28.90 6.01 -27.36
N THR A 490 -28.28 4.98 -26.81
CA THR A 490 -28.93 3.93 -25.99
C THR A 490 -28.27 3.91 -24.61
N PRO A 491 -28.93 4.40 -23.55
CA PRO A 491 -28.38 4.30 -22.21
C PRO A 491 -28.05 2.87 -21.80
N PHE A 492 -26.99 2.66 -21.03
CA PHE A 492 -26.70 1.31 -20.49
C PHE A 492 -27.83 0.90 -19.53
N SER A 493 -28.06 -0.41 -19.40
CA SER A 493 -29.08 -1.03 -18.52
C SER A 493 -28.81 -0.70 -17.05
N SER A 494 -27.54 -0.46 -16.67
CA SER A 494 -27.15 0.11 -15.35
C SER A 494 -26.50 1.47 -15.60
N GLN A 495 -26.77 2.42 -14.71
CA GLN A 495 -26.31 3.82 -14.83
C GLN A 495 -25.33 4.11 -13.70
N PRO A 496 -24.37 5.02 -13.97
CA PRO A 496 -23.51 5.56 -12.92
C PRO A 496 -24.38 6.29 -11.89
N THR A 497 -23.88 6.49 -10.68
CA THR A 497 -24.55 7.25 -9.61
C THR A 497 -23.90 8.61 -9.40
N ASP A 498 -22.76 8.92 -10.06
CA ASP A 498 -22.05 10.21 -9.84
C ASP A 498 -21.05 10.34 -10.99
N ARG A 499 -20.12 11.29 -10.91
CA ARG A 499 -19.17 11.59 -12.01
C ARG A 499 -17.85 10.81 -11.85
N PHE A 500 -17.92 9.59 -11.32
CA PHE A 500 -16.71 8.78 -11.03
C PHE A 500 -16.99 7.35 -11.48
N TYR A 501 -16.56 7.00 -12.68
CA TYR A 501 -16.85 5.67 -13.26
C TYR A 501 -15.91 5.36 -14.42
N ALA A 502 -15.82 4.09 -14.76
CA ALA A 502 -15.10 3.59 -15.94
C ALA A 502 -16.06 2.77 -16.78
N LEU A 503 -15.82 2.80 -18.08
CA LEU A 503 -16.57 2.00 -19.07
C LEU A 503 -15.56 1.24 -19.88
N THR A 504 -15.89 0.03 -20.28
CA THR A 504 -15.09 -0.68 -21.28
C THR A 504 -16.04 -1.34 -22.30
N GLY A 505 -15.55 -1.50 -23.52
CA GLY A 505 -16.26 -2.26 -24.57
C GLY A 505 -15.37 -2.57 -25.74
N SER A 506 -15.74 -3.62 -26.49
CA SER A 506 -15.07 -4.05 -27.74
C SER A 506 -16.08 -3.84 -28.86
N PHE A 507 -15.73 -2.99 -29.80
CA PHE A 507 -16.54 -2.60 -30.97
C PHE A 507 -16.03 -3.31 -32.19
N GLU A 508 -16.84 -4.21 -32.76
CA GLU A 508 -16.43 -5.03 -33.90
C GLU A 508 -17.12 -4.46 -35.15
N PHE A 509 -16.33 -4.06 -36.13
CA PHE A 509 -16.80 -3.40 -37.36
C PHE A 509 -16.49 -4.27 -38.57
N GLY A 510 -17.36 -4.21 -39.59
CA GLY A 510 -17.01 -4.75 -40.92
C GLY A 510 -15.76 -4.08 -41.48
N LEU A 511 -14.99 -4.79 -42.29
CA LEU A 511 -13.79 -4.23 -42.92
C LEU A 511 -14.10 -3.03 -43.80
N ASN A 512 -15.33 -2.87 -44.29
CA ASN A 512 -15.67 -1.76 -45.22
C ASN A 512 -16.77 -0.93 -44.62
N THR A 513 -16.86 -0.88 -43.29
CA THR A 513 -17.92 -0.13 -42.59
C THR A 513 -17.86 1.35 -42.94
N THR A 514 -19.00 2.03 -42.90
CA THR A 514 -19.04 3.51 -42.83
C THR A 514 -19.82 3.89 -41.58
N ALA A 515 -20.04 2.94 -40.68
CA ALA A 515 -20.78 3.19 -39.44
C ALA A 515 -19.80 3.84 -38.41
N LYS A 516 -20.37 4.55 -37.46
CA LYS A 516 -19.64 5.17 -36.32
C LYS A 516 -20.29 4.62 -35.06
N ALA A 517 -19.49 4.39 -34.02
CA ALA A 517 -20.07 4.01 -32.73
C ALA A 517 -19.15 4.51 -31.60
N GLY A 518 -19.66 4.51 -30.40
CA GLY A 518 -18.82 4.84 -29.25
C GLY A 518 -19.65 4.94 -28.02
N PHE A 519 -19.22 5.82 -27.12
CA PHE A 519 -19.83 6.01 -25.79
C PHE A 519 -20.22 7.46 -25.63
N ARG A 520 -21.38 7.66 -25.02
CA ARG A 520 -21.82 8.95 -24.46
C ARG A 520 -21.60 8.89 -22.95
N VAL A 521 -20.99 9.94 -22.39
CA VAL A 521 -20.76 10.00 -20.92
C VAL A 521 -21.19 11.36 -20.37
N LEU A 522 -21.28 11.45 -19.04
CA LEU A 522 -21.68 12.68 -18.31
C LEU A 522 -22.94 13.27 -18.97
N ALA A 523 -23.97 12.43 -19.09
CA ALA A 523 -25.11 12.67 -20.00
C ALA A 523 -26.41 12.81 -19.22
N SER A 524 -27.10 13.91 -19.47
CA SER A 524 -28.55 14.08 -19.20
C SER A 524 -29.19 14.42 -20.55
N GLU A 525 -30.46 14.82 -20.55
CA GLU A 525 -31.12 15.20 -21.83
C GLU A 525 -30.41 16.42 -22.44
N GLU A 526 -29.95 17.36 -21.63
CA GLU A 526 -29.45 18.66 -22.17
C GLU A 526 -27.92 18.81 -22.16
N GLU A 527 -27.19 17.95 -21.45
CA GLU A 527 -25.70 18.00 -21.45
C GLU A 527 -25.16 16.58 -21.62
N TYR A 528 -24.14 16.44 -22.44
CA TYR A 528 -23.52 15.13 -22.71
C TYR A 528 -22.27 15.35 -23.51
N THR A 529 -21.41 14.35 -23.44
CA THR A 529 -20.11 14.30 -24.11
C THR A 529 -20.11 13.04 -24.94
N ASP A 530 -19.82 13.18 -26.23
CA ASP A 530 -19.88 12.05 -27.18
C ASP A 530 -18.48 11.63 -27.59
N ILE A 531 -18.19 10.35 -27.39
CA ILE A 531 -16.91 9.72 -27.83
C ILE A 531 -17.20 8.79 -29.01
N TRP A 532 -16.74 9.16 -30.21
CA TRP A 532 -17.06 8.45 -31.46
C TRP A 532 -15.79 7.83 -32.03
N PHE A 533 -15.90 6.63 -32.59
CA PHE A 533 -14.86 6.13 -33.50
C PHE A 533 -15.52 5.96 -34.87
N ASP A 534 -14.81 6.39 -35.90
CA ASP A 534 -15.25 6.37 -37.32
C ASP A 534 -14.17 5.63 -38.08
N PRO A 535 -14.25 4.29 -38.17
CA PRO A 535 -13.22 3.50 -38.83
C PRO A 535 -12.88 3.98 -40.26
N ALA A 536 -13.86 4.52 -41.00
CA ALA A 536 -13.62 4.91 -42.42
C ALA A 536 -12.61 6.06 -42.47
N SER A 537 -12.64 6.99 -41.51
CA SER A 537 -11.69 8.13 -41.41
C SER A 537 -10.48 7.81 -40.50
N GLU A 538 -10.56 6.76 -39.68
CA GLU A 538 -9.54 6.35 -38.66
C GLU A 538 -9.49 7.39 -37.52
N ASN A 539 -10.59 8.07 -37.28
CA ASN A 539 -10.66 9.19 -36.32
C ASN A 539 -11.47 8.79 -35.09
N LEU A 540 -10.89 8.98 -33.93
CA LEU A 540 -11.58 8.94 -32.62
C LEU A 540 -11.79 10.37 -32.18
N THR A 541 -13.03 10.78 -31.96
CA THR A 541 -13.38 12.16 -31.67
C THR A 541 -14.12 12.22 -30.36
N VAL A 542 -13.95 13.35 -29.67
CA VAL A 542 -14.76 13.69 -28.52
C VAL A 542 -15.46 14.99 -28.87
N VAL A 543 -16.78 14.90 -29.04
CA VAL A 543 -17.62 16.06 -29.43
C VAL A 543 -18.18 16.64 -28.14
N ARG A 544 -17.91 17.93 -27.89
CA ARG A 544 -18.19 18.63 -26.62
C ARG A 544 -19.07 19.87 -26.84
N THR A 545 -19.75 19.95 -27.97
CA THR A 545 -20.69 21.05 -28.25
C THR A 545 -21.77 21.09 -27.18
N ALA A 546 -22.17 19.95 -26.62
CA ALA A 546 -23.22 19.90 -25.59
C ALA A 546 -22.65 19.48 -24.22
N SER A 547 -21.33 19.42 -24.06
CA SER A 547 -20.73 18.93 -22.76
C SER A 547 -21.27 19.73 -21.59
N SER A 548 -21.49 21.05 -21.73
CA SER A 548 -21.91 21.91 -20.61
C SER A 548 -22.82 23.07 -21.05
N LEU A 549 -23.75 23.44 -20.19
CA LEU A 549 -24.54 24.70 -20.28
C LEU A 549 -23.65 25.90 -19.95
N ILE A 550 -22.52 25.68 -19.26
CA ILE A 550 -21.60 26.79 -18.90
C ILE A 550 -20.76 27.11 -20.11
N LYS A 551 -20.94 28.31 -20.69
CA LYS A 551 -20.39 28.57 -22.06
C LYS A 551 -18.91 28.99 -22.05
N SER A 552 -18.33 29.30 -20.89
CA SER A 552 -16.92 29.76 -20.83
C SER A 552 -15.91 28.60 -20.95
N PHE A 553 -16.32 27.35 -20.76
CA PHE A 553 -15.41 26.19 -20.92
C PHE A 553 -15.23 25.85 -22.39
N GLY A 554 -14.08 25.29 -22.74
CA GLY A 554 -13.78 24.82 -24.11
C GLY A 554 -14.82 23.82 -24.58
N ASN A 555 -15.19 23.90 -25.88
CA ASN A 555 -16.23 23.01 -26.46
C ASN A 555 -15.78 22.50 -27.82
N ASP A 556 -14.50 22.60 -28.12
CA ASP A 556 -13.89 22.16 -29.39
C ASP A 556 -13.82 20.62 -29.40
N THR A 557 -13.90 20.03 -30.59
CA THR A 557 -13.87 18.56 -30.79
C THR A 557 -12.44 18.05 -30.63
N GLU A 558 -12.22 17.05 -29.78
CA GLU A 558 -10.91 16.39 -29.67
C GLU A 558 -10.82 15.32 -30.76
N LEU A 559 -9.62 15.08 -31.24
CA LEU A 559 -9.35 14.07 -32.29
C LEU A 559 -8.05 13.30 -32.03
N ALA A 560 -8.11 11.97 -32.14
CA ALA A 560 -6.96 11.04 -32.20
C ALA A 560 -7.06 10.19 -33.47
N LYS A 561 -5.95 9.84 -34.08
CA LYS A 561 -5.90 8.82 -35.15
C LYS A 561 -5.72 7.45 -34.49
N VAL A 562 -6.48 6.44 -34.91
CA VAL A 562 -6.34 5.06 -34.42
C VAL A 562 -6.26 4.12 -35.62
N LYS A 563 -5.19 3.38 -35.73
CA LYS A 563 -5.01 2.35 -36.78
C LYS A 563 -5.55 1.01 -36.26
N LEU A 564 -6.64 0.53 -36.83
CA LEU A 564 -7.09 -0.87 -36.58
C LEU A 564 -6.30 -1.81 -37.50
N TYR A 565 -5.31 -2.49 -36.93
CA TYR A 565 -4.46 -3.48 -37.63
C TYR A 565 -5.40 -4.68 -37.87
N GLU A 566 -5.71 -4.92 -39.14
CA GLU A 566 -6.60 -6.05 -39.55
C GLU A 566 -5.79 -7.33 -39.45
N ILE A 567 -6.39 -8.40 -38.93
CA ILE A 567 -5.67 -9.69 -38.73
C ILE A 567 -5.96 -10.64 -39.92
N VAL A 568 -4.95 -11.36 -40.37
CA VAL A 568 -5.04 -12.32 -41.52
C VAL A 568 -6.21 -13.25 -41.22
N GLY A 569 -7.17 -13.36 -42.14
CA GLY A 569 -8.28 -14.32 -41.98
C GLY A 569 -9.46 -13.72 -41.26
N ALA A 570 -9.37 -12.51 -40.73
CA ALA A 570 -10.48 -11.90 -40.00
C ALA A 570 -11.42 -11.25 -41.03
N GLU A 571 -12.71 -11.24 -40.75
CA GLU A 571 -13.72 -10.58 -41.60
C GLU A 571 -14.23 -9.35 -40.87
N SER A 572 -13.49 -8.89 -39.88
CA SER A 572 -13.92 -7.73 -39.06
C SER A 572 -12.68 -7.08 -38.44
N LYS A 573 -12.87 -5.89 -37.88
CA LYS A 573 -11.77 -5.16 -37.18
C LYS A 573 -12.38 -4.60 -35.88
N THR A 574 -11.59 -4.63 -34.81
CA THR A 574 -12.06 -4.36 -33.42
C THR A 574 -11.31 -3.18 -32.76
N LEU A 575 -12.09 -2.29 -32.15
CA LEU A 575 -11.65 -1.19 -31.26
C LEU A 575 -11.97 -1.61 -29.83
N ASN A 576 -10.95 -1.78 -28.99
CA ASN A 576 -11.20 -1.91 -27.52
C ASN A 576 -11.05 -0.54 -26.86
N LEU A 577 -12.12 -0.03 -26.32
CA LEU A 577 -12.21 1.36 -25.80
C LEU A 577 -12.47 1.28 -24.32
N THR A 578 -11.60 1.90 -23.51
CA THR A 578 -11.81 2.11 -22.06
C THR A 578 -11.86 3.61 -21.75
N VAL A 579 -12.83 4.02 -20.97
CA VAL A 579 -13.08 5.45 -20.63
C VAL A 579 -13.16 5.57 -19.12
N PHE A 580 -12.37 6.49 -18.57
CA PHE A 580 -12.42 6.91 -17.16
C PHE A 580 -13.05 8.30 -17.11
N VAL A 581 -14.08 8.40 -16.30
CA VAL A 581 -14.80 9.63 -15.97
C VAL A 581 -14.51 9.93 -14.51
N ASP A 582 -13.91 11.09 -14.26
CA ASP A 582 -13.46 11.44 -12.88
C ASP A 582 -13.63 12.93 -12.64
N GLY A 583 -14.79 13.34 -12.17
CA GLY A 583 -15.13 14.75 -12.01
C GLY A 583 -15.31 15.36 -13.36
N SER A 584 -14.34 16.12 -13.83
CA SER A 584 -14.33 16.77 -15.17
C SER A 584 -13.39 16.05 -16.12
N VAL A 585 -12.57 15.11 -15.63
CA VAL A 585 -11.61 14.40 -16.50
C VAL A 585 -12.37 13.31 -17.26
N ILE A 586 -12.13 13.26 -18.54
CA ILE A 586 -12.49 12.09 -19.40
C ILE A 586 -11.18 11.59 -19.99
N GLU A 587 -10.79 10.37 -19.62
CA GLU A 587 -9.51 9.82 -20.08
C GLU A 587 -9.80 8.53 -20.84
N ILE A 588 -9.42 8.51 -22.12
CA ILE A 588 -9.79 7.46 -23.08
C ILE A 588 -8.55 6.69 -23.45
N TYR A 589 -8.67 5.37 -23.49
CA TYR A 589 -7.60 4.46 -23.94
C TYR A 589 -8.20 3.57 -25.04
N ALA A 590 -7.50 3.44 -26.15
CA ALA A 590 -7.89 2.50 -27.24
C ALA A 590 -6.77 1.53 -27.51
N ASN A 591 -7.10 0.24 -27.47
CA ASN A 591 -6.21 -0.86 -27.90
C ASN A 591 -4.85 -0.77 -27.20
N ASP A 592 -4.80 -0.27 -25.97
CA ASP A 592 -3.51 -0.17 -25.20
C ASP A 592 -2.45 0.58 -26.02
N GLU A 593 -2.86 1.61 -26.75
CA GLU A 593 -1.95 2.28 -27.68
C GLU A 593 -2.26 3.77 -27.68
N VAL A 594 -3.52 4.12 -27.87
CA VAL A 594 -3.95 5.53 -28.13
C VAL A 594 -4.58 6.05 -26.86
N ALA A 595 -4.17 7.24 -26.43
CA ALA A 595 -4.73 7.86 -25.21
C ALA A 595 -5.20 9.27 -25.57
N LEU A 596 -6.29 9.69 -24.99
CA LEU A 596 -6.87 11.01 -25.23
C LEU A 596 -7.49 11.46 -23.93
N SER A 597 -6.93 12.51 -23.30
CA SER A 597 -7.41 13.10 -22.03
C SER A 597 -8.14 14.41 -22.37
N THR A 598 -9.29 14.62 -21.82
CA THR A 598 -10.01 15.89 -22.08
C THR A 598 -10.82 16.24 -20.85
N ARG A 599 -11.62 17.28 -20.97
CA ARG A 599 -12.36 17.85 -19.86
C ARG A 599 -13.82 18.14 -20.27
N ALA A 600 -14.74 17.91 -19.36
CA ALA A 600 -16.17 18.26 -19.54
C ALA A 600 -16.71 18.71 -18.20
N TYR A 601 -17.44 19.82 -18.22
CA TYR A 601 -17.90 20.48 -16.99
C TYR A 601 -19.41 20.71 -17.03
N PRO A 602 -20.25 19.65 -17.18
CA PRO A 602 -21.70 19.83 -17.13
C PRO A 602 -22.11 20.40 -15.79
N TRP A 603 -23.07 21.31 -15.83
CA TRP A 603 -23.61 21.96 -14.61
C TRP A 603 -24.61 21.06 -13.89
N LEU A 604 -25.50 20.40 -14.62
CA LEU A 604 -26.66 19.76 -13.94
C LEU A 604 -26.21 18.55 -13.13
N ALA A 605 -26.79 18.40 -11.95
CA ALA A 605 -26.48 17.29 -11.03
C ALA A 605 -26.79 15.96 -11.70
N ASN A 606 -27.74 15.88 -12.64
CA ASN A 606 -28.07 14.56 -13.23
C ASN A 606 -27.34 14.37 -14.56
N SER A 607 -26.33 15.18 -14.92
CA SER A 607 -25.54 14.93 -16.15
C SER A 607 -24.44 13.89 -15.85
N THR A 608 -24.83 12.66 -15.52
CA THR A 608 -23.90 11.59 -15.07
C THR A 608 -24.10 10.32 -15.91
N GLY A 609 -25.07 10.30 -16.81
CA GLY A 609 -25.46 9.07 -17.51
C GLY A 609 -24.49 8.65 -18.56
N ALA A 610 -24.62 7.40 -19.01
CA ALA A 610 -23.76 6.85 -20.07
C ALA A 610 -24.48 5.78 -20.89
N GLY A 611 -23.97 5.59 -22.11
CA GLY A 611 -24.46 4.54 -23.00
C GLY A 611 -23.74 4.53 -24.32
N LEU A 612 -24.37 3.87 -25.29
CA LEU A 612 -23.80 3.56 -26.61
C LEU A 612 -24.28 4.60 -27.60
N LEU A 613 -23.37 4.98 -28.48
CA LEU A 613 -23.61 5.84 -29.65
C LEU A 613 -23.56 4.97 -30.89
N ALA A 614 -24.44 5.28 -31.83
CA ALA A 614 -24.55 4.59 -33.14
C ALA A 614 -24.92 5.60 -34.22
N ASP A 615 -24.17 5.59 -35.33
CA ASP A 615 -24.46 6.44 -36.51
C ASP A 615 -24.24 5.61 -37.77
N GLY A 616 -25.26 5.58 -38.62
CA GLY A 616 -25.16 4.87 -39.91
C GLY A 616 -25.07 3.38 -39.72
N THR A 617 -25.55 2.85 -38.58
CA THR A 617 -25.68 1.38 -38.41
C THR A 617 -26.99 0.94 -39.11
N THR A 618 -26.92 -0.15 -39.80
CA THR A 618 -28.02 -0.69 -40.66
C THR A 618 -28.10 -2.22 -40.50
N ALA A 619 -29.05 -2.84 -41.20
CA ALA A 619 -29.21 -4.31 -41.23
C ALA A 619 -27.90 -4.90 -41.79
N GLY A 620 -27.26 -4.21 -42.73
CA GLY A 620 -26.04 -4.68 -43.43
C GLY A 620 -24.76 -4.21 -42.75
N ASP A 621 -24.76 -3.02 -42.14
CA ASP A 621 -23.52 -2.39 -41.57
C ASP A 621 -23.74 -2.38 -40.04
N VAL A 622 -23.38 -3.49 -39.41
CA VAL A 622 -23.73 -3.81 -38.01
C VAL A 622 -22.45 -3.63 -37.17
N VAL A 623 -22.57 -2.97 -36.03
CA VAL A 623 -21.42 -2.87 -35.09
C VAL A 623 -21.74 -3.79 -33.92
N GLY A 624 -20.88 -4.78 -33.70
CA GLY A 624 -21.04 -5.70 -32.57
C GLY A 624 -20.31 -5.14 -31.35
N VAL A 625 -21.02 -4.96 -30.27
CA VAL A 625 -20.44 -4.44 -29.00
C VAL A 625 -20.49 -5.57 -27.97
N SER A 626 -19.34 -5.92 -27.41
CA SER A 626 -19.22 -6.98 -26.39
C SER A 626 -18.19 -6.57 -25.33
N GLY A 627 -18.01 -7.39 -24.31
CA GLY A 627 -17.13 -7.11 -23.16
C GLY A 627 -17.56 -5.82 -22.44
N LEU A 628 -18.84 -5.46 -22.47
CA LEU A 628 -19.32 -4.18 -21.88
C LEU A 628 -19.34 -4.27 -20.35
N GLU A 629 -18.76 -3.27 -19.69
CA GLU A 629 -18.75 -3.23 -18.21
C GLU A 629 -18.74 -1.77 -17.75
N LEU A 630 -19.51 -1.49 -16.71
CA LEU A 630 -19.54 -0.22 -15.99
C LEU A 630 -18.95 -0.47 -14.61
N TRP A 631 -17.91 0.31 -14.25
CA TRP A 631 -17.41 0.36 -12.86
C TRP A 631 -17.89 1.68 -12.25
N ASP A 632 -18.87 1.63 -11.36
CA ASP A 632 -19.38 2.85 -10.72
C ASP A 632 -18.71 3.10 -9.36
N GLY A 633 -18.01 4.22 -9.23
CA GLY A 633 -17.48 4.72 -7.95
C GLY A 633 -15.96 4.92 -7.98
N LEU A 634 -15.22 4.02 -8.64
CA LEU A 634 -13.73 4.01 -8.62
C LEU A 634 -13.28 4.02 -7.15
N VAL A 635 -12.22 4.78 -6.84
CA VAL A 635 -11.56 4.79 -5.52
C VAL A 635 -11.45 6.24 -5.09
N ASP A 636 -11.56 6.48 -3.79
CA ASP A 636 -11.15 7.75 -3.15
C ASP A 636 -9.60 7.79 -3.10
N ALA A 637 -8.95 8.51 -4.01
CA ALA A 637 -7.47 8.47 -4.14
C ALA A 637 -6.80 9.15 -2.95
N TRP A 638 -7.51 10.01 -2.20
CA TRP A 638 -6.91 10.81 -1.13
C TRP A 638 -7.72 10.64 0.15
N PRO A 639 -7.68 9.46 0.77
CA PRO A 639 -8.60 9.15 1.87
C PRO A 639 -8.42 10.06 3.08
N ALA A 640 -7.24 10.62 3.33
CA ALA A 640 -7.04 11.48 4.51
C ALA A 640 -7.56 12.88 4.25
N ARG A 641 -7.82 13.26 3.00
CA ARG A 641 -8.21 14.65 2.72
C ARG A 641 -9.72 14.78 2.92
N PRO A 642 -10.18 15.86 3.55
CA PRO A 642 -11.62 16.17 3.52
C PRO A 642 -12.03 16.55 2.09
N ALA A 643 -13.34 16.72 1.84
CA ALA A 643 -13.86 17.02 0.49
C ALA A 643 -13.35 18.37 0.02
N ASN A 644 -13.26 19.33 0.92
CA ASN A 644 -12.81 20.71 0.60
C ASN A 644 -11.46 20.94 1.25
N THR A 645 -10.36 20.89 0.47
CA THR A 645 -9.00 21.16 0.98
C THR A 645 -8.54 22.55 0.57
N SER A 646 -9.44 23.42 0.13
CA SER A 646 -9.09 24.83 -0.13
C SER A 646 -8.53 25.47 1.15
N GLN A 647 -7.51 26.32 1.01
CA GLN A 647 -7.08 27.20 2.10
C GLN A 647 -7.31 28.64 1.71
N GLY A 648 -8.16 28.90 0.73
CA GLY A 648 -8.33 30.26 0.21
C GLY A 648 -7.30 30.60 -0.84
N LEU A 649 -7.49 31.73 -1.49
CA LEU A 649 -6.56 32.24 -2.51
C LEU A 649 -6.00 33.55 -2.03
N VAL A 650 -4.82 33.91 -2.51
CA VAL A 650 -4.16 35.18 -2.12
C VAL A 650 -3.69 35.89 -3.37
N TRP A 651 -3.49 37.21 -3.23
CA TRP A 651 -2.88 38.05 -4.26
C TRP A 651 -1.46 38.44 -3.83
N ASP A 652 -0.52 38.40 -4.76
CA ASP A 652 0.88 38.81 -4.48
C ASP A 652 0.96 40.33 -4.28
N GLY A 653 -0.05 41.07 -4.72
CA GLY A 653 -0.07 42.53 -4.64
C GLY A 653 0.63 43.18 -5.82
N PRO A 654 0.78 44.52 -5.74
CA PRO A 654 1.29 45.31 -6.85
C PRO A 654 2.73 44.98 -7.30
N THR A 655 3.55 44.35 -6.43
CA THR A 655 4.93 44.02 -6.80
C THR A 655 4.94 42.90 -7.85
N ALA A 656 3.87 42.13 -8.01
CA ALA A 656 3.92 41.02 -8.99
C ALA A 656 4.17 41.60 -10.37
N ALA A 657 3.50 42.69 -10.71
CA ALA A 657 3.63 43.37 -12.01
C ALA A 657 4.97 44.09 -12.07
N MET A 658 5.51 44.57 -10.94
CA MET A 658 6.84 45.22 -10.96
C MET A 658 7.93 44.20 -11.31
N TYR A 659 7.92 43.05 -10.66
CA TYR A 659 8.93 42.00 -10.88
C TYR A 659 8.72 41.39 -12.27
N GLY A 660 7.46 41.24 -12.70
CA GLY A 660 7.12 40.75 -14.04
C GLY A 660 7.38 39.24 -14.23
N LEU A 661 7.50 38.46 -13.18
CA LEU A 661 7.83 37.00 -13.29
C LEU A 661 6.59 36.14 -13.23
N PHE A 662 5.65 36.49 -12.36
CA PHE A 662 4.44 35.68 -12.04
C PHE A 662 3.19 36.55 -12.24
N ALA A 663 2.06 35.93 -12.59
CA ALA A 663 0.78 36.65 -12.71
C ALA A 663 0.43 37.31 -11.37
N GLY A 664 0.65 36.62 -10.26
CA GLY A 664 0.43 37.13 -8.91
C GLY A 664 -0.84 36.60 -8.26
N TYR A 665 -1.60 35.76 -8.96
CA TYR A 665 -2.85 35.19 -8.39
C TYR A 665 -2.98 33.74 -8.88
N CYS B 42 34.40 -19.19 16.76
CA CYS B 42 33.03 -19.12 16.16
C CYS B 42 33.05 -19.47 14.68
N SER B 43 32.53 -20.64 14.33
CA SER B 43 32.34 -21.08 12.94
C SER B 43 30.87 -20.86 12.58
N LEU B 44 30.63 -20.26 11.43
CA LEU B 44 29.28 -20.04 10.86
C LEU B 44 29.07 -21.02 9.72
N ASP B 45 29.81 -22.13 9.71
CA ASP B 45 29.69 -23.16 8.65
C ASP B 45 28.40 -23.94 8.90
N GLN B 46 27.38 -23.70 8.08
CA GLN B 46 26.06 -24.38 8.23
C GLN B 46 26.01 -25.67 7.37
N THR B 47 27.16 -26.16 6.87
CA THR B 47 27.21 -27.46 6.13
C THR B 47 27.70 -28.56 7.05
N VAL B 48 28.12 -28.23 8.28
CA VAL B 48 28.56 -29.23 9.28
C VAL B 48 27.85 -28.92 10.60
N ALA B 49 27.85 -29.87 11.53
CA ALA B 49 27.19 -29.74 12.85
C ALA B 49 27.68 -28.45 13.51
N PRO B 50 26.85 -27.82 14.37
CA PRO B 50 27.23 -26.56 14.99
C PRO B 50 28.26 -26.83 16.08
N GLY B 51 29.20 -25.91 16.24
CA GLY B 51 30.07 -25.91 17.41
C GLY B 51 29.39 -25.23 18.56
N ASN B 52 30.24 -24.64 19.38
CA ASN B 52 29.86 -23.92 20.61
C ASN B 52 29.52 -22.48 20.17
N LEU B 53 28.26 -22.21 19.87
CA LEU B 53 27.87 -20.89 19.30
C LEU B 53 27.93 -19.79 20.36
N THR B 54 28.04 -20.12 21.66
CA THR B 54 28.23 -19.11 22.73
C THR B 54 29.57 -18.39 22.55
N LEU B 55 30.49 -18.89 21.72
CA LEU B 55 31.78 -18.19 21.45
C LEU B 55 31.59 -17.09 20.40
N CYS B 56 30.47 -17.06 19.70
CA CYS B 56 30.21 -16.11 18.60
C CYS B 56 29.94 -14.71 19.20
N GLY B 57 30.30 -13.67 18.47
CA GLY B 57 30.17 -12.27 18.89
C GLY B 57 28.70 -11.82 18.83
N ASN B 58 28.47 -10.61 19.29
CA ASN B 58 27.13 -9.98 19.30
C ASN B 58 26.62 -9.89 17.86
N ALA B 59 25.39 -10.36 17.64
CA ALA B 59 24.67 -10.20 16.35
C ALA B 59 25.39 -10.94 15.22
N THR B 60 26.27 -11.91 15.52
CA THR B 60 26.90 -12.75 14.47
C THR B 60 25.87 -13.72 13.91
N LEU B 61 24.83 -14.07 14.67
CA LEU B 61 23.74 -14.94 14.17
C LEU B 61 22.51 -14.10 13.78
N PHE B 62 22.68 -12.83 13.44
CA PHE B 62 21.51 -11.93 13.20
C PHE B 62 20.60 -12.50 12.11
N THR B 63 21.14 -12.93 10.98
CA THR B 63 20.29 -13.34 9.82
C THR B 63 19.98 -14.84 9.86
N THR B 64 20.65 -15.62 10.70
CA THR B 64 20.61 -17.12 10.62
C THR B 64 19.19 -17.66 10.77
N PHE B 65 18.46 -17.19 11.76
CA PHE B 65 17.12 -17.71 12.12
C PHE B 65 16.01 -16.64 11.96
N ARG B 66 16.33 -15.52 11.34
CA ARG B 66 15.49 -14.31 11.49
C ARG B 66 14.29 -14.35 10.53
N PRO B 67 13.06 -14.13 11.02
CA PRO B 67 11.92 -13.98 10.12
C PRO B 67 12.13 -12.82 9.14
N LYS B 68 11.64 -13.00 7.92
CA LYS B 68 11.72 -11.96 6.87
C LYS B 68 10.32 -11.51 6.39
N ALA B 69 9.26 -12.28 6.66
CA ALA B 69 7.95 -12.09 5.98
C ALA B 69 6.92 -11.52 6.96
N ARG B 70 7.35 -10.99 8.11
CA ARG B 70 6.40 -10.53 9.14
C ARG B 70 6.94 -9.31 9.88
N PHE B 71 6.11 -8.74 10.71
CA PHE B 71 6.48 -7.57 11.54
C PHE B 71 7.51 -7.99 12.58
N ILE B 72 8.62 -7.28 12.63
CA ILE B 72 9.68 -7.46 13.65
C ILE B 72 10.41 -6.11 13.74
N ALA B 73 10.94 -5.78 14.89
CA ALA B 73 11.77 -4.59 15.12
C ALA B 73 13.01 -4.66 14.26
N PRO B 74 13.66 -3.52 13.96
CA PRO B 74 14.94 -3.54 13.26
C PRO B 74 16.01 -4.37 13.99
N GLU B 75 15.98 -4.33 15.32
CA GLU B 75 17.02 -5.02 16.12
C GLU B 75 16.61 -4.98 17.59
N GLY B 76 17.30 -5.73 18.45
CA GLY B 76 17.06 -5.63 19.87
C GLY B 76 15.79 -6.30 20.30
N TRP B 77 15.38 -5.94 21.48
CA TRP B 77 14.28 -6.56 22.23
C TRP B 77 12.96 -5.98 21.73
N MET B 78 11.99 -6.83 21.45
CA MET B 78 10.58 -6.37 21.32
C MET B 78 9.65 -7.30 22.08
N ASN B 79 8.50 -6.77 22.54
CA ASN B 79 7.40 -7.63 23.05
C ASN B 79 6.09 -7.12 22.48
N ALA B 80 5.11 -6.81 23.33
CA ALA B 80 3.68 -6.65 22.98
C ALA B 80 3.50 -5.61 21.88
N PRO B 81 2.57 -5.90 20.94
CA PRO B 81 1.99 -4.85 20.12
C PRO B 81 1.28 -3.82 20.98
N MET B 82 1.29 -2.57 20.52
CA MET B 82 0.60 -1.46 21.24
C MET B 82 0.27 -0.33 20.25
N GLY B 83 -0.63 0.57 20.64
CA GLY B 83 -0.92 1.78 19.85
C GLY B 83 -1.41 1.48 18.46
N LEU B 84 -2.11 0.35 18.26
CA LEU B 84 -2.59 -0.06 16.92
C LEU B 84 -3.78 0.81 16.48
N TYR B 85 -3.70 1.37 15.27
CA TYR B 85 -4.88 2.06 14.69
C TYR B 85 -4.70 2.23 13.19
N GLN B 86 -5.84 2.33 12.52
CA GLN B 86 -5.88 2.62 11.09
C GLN B 86 -5.87 4.14 11.00
N ARG B 87 -4.86 4.68 10.33
CA ARG B 87 -4.73 6.14 10.17
C ARG B 87 -5.74 6.67 9.13
N ALA B 88 -5.85 7.97 9.04
CA ALA B 88 -6.88 8.67 8.19
C ALA B 88 -6.63 8.31 6.71
N ASP B 89 -5.39 8.04 6.32
CA ASP B 89 -5.08 7.66 4.91
C ASP B 89 -5.33 6.17 4.65
N GLY B 90 -5.88 5.43 5.61
CA GLY B 90 -6.17 4.01 5.43
C GLY B 90 -5.01 3.09 5.80
N SER B 91 -3.81 3.63 6.02
CA SER B 91 -2.65 2.79 6.41
C SER B 91 -2.80 2.34 7.87
N ILE B 92 -2.03 1.32 8.24
CA ILE B 92 -2.04 0.75 9.61
C ILE B 92 -0.82 1.26 10.36
N HIS B 93 -1.02 1.89 11.52
CA HIS B 93 0.06 2.24 12.45
C HIS B 93 0.16 1.11 13.46
N ALA B 94 1.34 0.50 13.59
CA ALA B 94 1.62 -0.51 14.63
C ALA B 94 2.75 -0.02 15.51
N GLY B 95 2.46 0.05 16.81
CA GLY B 95 3.49 0.19 17.85
C GLY B 95 3.89 -1.15 18.43
N TYR B 96 4.95 -1.14 19.21
CA TYR B 96 5.43 -2.33 19.93
C TYR B 96 6.36 -1.92 21.05
N GLN B 97 6.24 -2.63 22.16
CA GLN B 97 7.17 -2.55 23.31
C GLN B 97 8.57 -2.85 22.77
N SER B 98 9.53 -1.96 23.00
CA SER B 98 10.83 -1.93 22.32
C SER B 98 11.94 -1.57 23.32
N HIS B 99 13.07 -2.27 23.24
CA HIS B 99 14.34 -1.90 23.93
C HIS B 99 15.49 -2.08 22.95
N PRO B 100 15.76 -1.06 22.12
CA PRO B 100 16.84 -1.14 21.14
C PRO B 100 18.20 -1.39 21.83
N LYS B 101 19.06 -2.11 21.10
CA LYS B 101 20.49 -2.34 21.43
C LYS B 101 20.62 -3.17 22.72
N HIS B 102 19.55 -3.87 23.10
CA HIS B 102 19.51 -4.78 24.27
C HIS B 102 18.81 -6.05 23.80
N ILE B 103 18.98 -7.16 24.54
CA ILE B 103 18.23 -8.42 24.23
C ILE B 103 17.43 -8.87 25.44
N GLN B 104 17.29 -8.02 26.46
CA GLN B 104 16.30 -8.21 27.55
C GLN B 104 15.50 -6.91 27.66
N TRP B 105 14.32 -7.02 28.24
CA TRP B 105 13.39 -5.92 28.51
C TRP B 105 14.01 -4.82 29.37
N GLY B 106 13.58 -3.59 29.13
CA GLY B 106 13.92 -2.46 29.99
C GLY B 106 13.73 -1.16 29.23
N ASN B 107 13.73 -0.06 29.97
CA ASN B 107 13.45 1.31 29.46
C ASN B 107 12.33 1.24 28.42
N ILE B 108 11.27 0.51 28.72
CA ILE B 108 10.44 0.00 27.61
C ILE B 108 9.75 1.21 26.95
N SER B 109 9.75 1.22 25.63
CA SER B 109 9.38 2.35 24.77
C SER B 109 8.45 1.84 23.68
N GLN B 110 7.79 2.76 22.98
CA GLN B 110 7.05 2.40 21.76
C GLN B 110 7.96 2.55 20.54
N GLY B 111 8.27 1.44 19.90
CA GLY B 111 8.78 1.46 18.51
C GLY B 111 7.61 1.49 17.55
N ALA B 112 7.77 1.94 16.30
CA ALA B 112 6.57 2.04 15.45
C ALA B 112 6.91 1.92 13.98
N ALA B 113 5.93 1.49 13.22
CA ALA B 113 6.04 1.35 11.75
C ALA B 113 4.64 1.48 11.15
N TYR B 114 4.55 1.64 9.84
CA TYR B 114 3.24 1.67 9.17
C TYR B 114 3.26 0.83 7.91
N SER B 115 2.05 0.48 7.45
CA SER B 115 1.82 -0.37 6.29
C SER B 115 0.50 -0.03 5.64
N SER B 116 0.43 -0.12 4.33
CA SER B 116 -0.86 0.02 3.64
C SER B 116 -1.56 -1.33 3.51
N ASP B 117 -0.98 -2.48 3.87
CA ASP B 117 -1.61 -3.80 3.57
C ASP B 117 -1.32 -4.88 4.64
N PHE B 118 -0.92 -4.46 5.84
CA PHE B 118 -0.50 -5.33 6.98
C PHE B 118 0.76 -6.13 6.71
N THR B 119 1.35 -6.04 5.51
CA THR B 119 2.29 -7.07 5.03
C THR B 119 3.67 -6.48 4.72
N SER B 120 3.71 -5.37 3.98
CA SER B 120 4.94 -4.61 3.64
C SER B 120 4.98 -3.39 4.54
N TRP B 121 6.04 -3.22 5.32
CA TRP B 121 6.09 -2.19 6.40
C TRP B 121 7.23 -1.19 6.12
N THR B 122 7.13 -0.03 6.74
CA THR B 122 8.14 1.02 6.74
C THR B 122 8.32 1.50 8.17
N ASP B 123 9.57 1.58 8.62
CA ASP B 123 9.84 2.10 9.98
C ASP B 123 9.59 3.61 10.02
N PHE B 124 9.12 4.13 11.15
CA PHE B 124 9.28 5.57 11.44
C PHE B 124 10.76 5.86 11.69
N ASN B 125 11.19 7.08 11.44
CA ASN B 125 12.62 7.45 11.66
C ASN B 125 12.62 8.89 12.15
N GLY B 126 12.93 9.10 13.41
CA GLY B 126 12.91 10.44 14.02
C GLY B 126 14.15 10.64 14.84
N SER B 127 14.09 11.56 15.80
CA SER B 127 15.26 11.89 16.64
C SER B 127 15.66 10.66 17.47
N GLU B 128 14.72 9.76 17.79
CA GLU B 128 15.03 8.53 18.58
C GLU B 128 14.96 7.30 17.70
N GLY B 129 15.37 7.43 16.44
CA GLY B 129 15.34 6.33 15.46
C GLY B 129 13.91 5.87 15.22
N TYR B 130 13.60 4.61 15.53
CA TYR B 130 12.26 4.03 15.25
C TYR B 130 11.38 4.11 16.50
N LYS B 131 11.86 4.65 17.60
CA LYS B 131 11.01 4.89 18.78
C LYS B 131 10.16 6.15 18.55
N THR B 132 8.96 6.17 19.11
CA THR B 132 8.07 7.36 19.05
C THR B 132 7.56 7.77 20.42
N ILE B 133 7.64 6.92 21.43
CA ILE B 133 7.34 7.29 22.84
C ILE B 133 8.36 6.54 23.71
N TRP B 134 8.88 7.23 24.70
CA TRP B 134 9.95 6.69 25.57
C TRP B 134 9.76 7.26 26.96
N PRO B 135 10.29 6.57 27.99
CA PRO B 135 10.30 7.13 29.35
C PRO B 135 10.94 8.53 29.38
N SER B 136 10.29 9.52 29.98
CA SER B 136 10.82 10.89 29.99
C SER B 136 10.37 11.74 31.19
N GLN B 137 9.47 11.21 32.01
CA GLN B 137 8.80 11.97 33.09
C GLN B 137 8.77 11.12 34.35
N ILE B 138 8.68 11.78 35.51
CA ILE B 138 8.67 11.01 36.78
C ILE B 138 7.59 9.89 36.72
N TYR B 139 6.48 10.13 36.04
CA TYR B 139 5.30 9.21 36.06
C TYR B 139 5.50 8.01 35.11
N ASP B 140 6.41 8.11 34.13
CA ASP B 140 6.64 7.00 33.17
C ASP B 140 8.11 6.63 33.05
N ILE B 141 8.99 7.11 33.94
CA ILE B 141 10.45 6.92 33.73
C ILE B 141 10.82 5.43 33.84
N ARG B 142 10.00 4.59 34.46
CA ARG B 142 10.32 3.17 34.64
C ARG B 142 9.86 2.38 33.41
N GLY B 143 9.11 3.01 32.50
CA GLY B 143 8.66 2.32 31.29
C GLY B 143 7.33 2.85 30.79
N VAL B 144 7.26 2.99 29.47
CA VAL B 144 6.03 3.27 28.70
C VAL B 144 5.47 1.92 28.27
N PHE B 145 4.55 1.40 29.08
CA PHE B 145 3.93 0.07 28.89
C PHE B 145 2.85 0.22 27.80
N ASP B 146 2.10 -0.84 27.62
CA ASP B 146 1.06 -1.00 26.61
C ASP B 146 0.06 0.14 26.68
N GLY B 147 -0.51 0.50 25.53
CA GLY B 147 -1.57 1.50 25.47
C GLY B 147 -2.35 1.36 24.19
N SER B 148 -3.47 2.05 24.09
CA SER B 148 -4.38 1.90 22.93
C SER B 148 -4.87 3.28 22.50
N ILE B 149 -5.51 3.33 21.35
CA ILE B 149 -5.74 4.60 20.61
C ILE B 149 -7.20 5.05 20.73
N ILE B 150 -7.33 6.31 21.05
CA ILE B 150 -8.57 7.13 20.85
C ILE B 150 -8.39 7.83 19.49
N LYS B 151 -9.14 7.45 18.47
CA LYS B 151 -8.86 7.94 17.11
C LYS B 151 -9.13 9.43 17.04
N GLU B 152 -10.18 9.91 17.69
CA GLU B 152 -10.51 11.36 17.72
C GLU B 152 -10.42 11.85 19.16
N GLY B 153 -9.22 12.24 19.56
CA GLY B 153 -8.91 12.51 20.96
C GLY B 153 -8.66 13.97 21.20
N ILE B 154 -7.54 14.27 21.85
CA ILE B 154 -7.17 15.64 22.27
C ILE B 154 -7.09 16.53 21.01
N ASP B 155 -7.88 17.60 20.97
CA ASP B 155 -7.92 18.58 19.86
C ASP B 155 -8.25 17.86 18.56
N GLY B 156 -8.93 16.72 18.62
CA GLY B 156 -9.32 15.91 17.45
C GLY B 156 -8.21 15.02 16.89
N TYR B 157 -7.04 14.96 17.52
CA TYR B 157 -5.89 14.14 17.08
C TYR B 157 -5.96 12.74 17.67
N PRO B 158 -5.33 11.77 16.99
CA PRO B 158 -5.20 10.43 17.55
C PRO B 158 -4.44 10.58 18.86
N THR B 159 -4.91 9.85 19.85
CA THR B 159 -4.47 9.98 21.26
C THR B 159 -4.25 8.57 21.80
N ILE B 160 -3.15 8.37 22.51
CA ILE B 160 -2.89 7.07 23.16
C ILE B 160 -3.13 7.26 24.65
N LEU B 161 -3.83 6.30 25.23
CA LEU B 161 -3.91 6.09 26.69
C LEU B 161 -3.01 4.91 27.00
N TYR B 162 -1.94 5.15 27.78
CA TYR B 162 -0.90 4.12 28.01
C TYR B 162 -0.59 4.01 29.50
N THR B 163 -0.09 2.84 29.87
CA THR B 163 0.40 2.66 31.26
C THR B 163 1.77 3.33 31.42
N SER B 164 1.79 4.36 32.26
CA SER B 164 3.01 5.09 32.68
C SER B 164 3.47 4.45 34.00
N THR B 165 4.68 3.94 34.02
CA THR B 165 5.22 3.27 35.23
C THR B 165 6.30 4.13 35.88
N SER B 166 6.28 4.15 37.21
CA SER B 166 7.33 4.80 38.03
C SER B 166 7.97 3.74 38.94
N PHE B 167 8.62 4.21 39.99
N PHE B 167 8.72 4.19 39.96
CA PHE B 167 9.47 3.37 40.87
CA PHE B 167 9.54 3.33 40.85
C PHE B 167 8.59 2.47 41.73
C PHE B 167 8.61 2.49 41.73
N GLY B 168 9.20 1.42 42.27
CA GLY B 168 8.58 0.55 43.28
C GLY B 168 8.44 -0.87 42.77
N PRO B 169 8.20 -1.85 43.68
CA PRO B 169 7.97 -3.22 43.26
C PRO B 169 6.79 -3.22 42.25
N LEU B 170 6.95 -3.97 41.16
CA LEU B 170 5.94 -4.03 40.08
C LEU B 170 5.81 -5.50 39.68
N GLY B 171 4.64 -6.09 39.93
CA GLY B 171 4.43 -7.48 39.54
C GLY B 171 3.33 -8.13 40.36
N ALA B 172 2.68 -9.10 39.74
CA ALA B 172 1.53 -9.85 40.29
C ALA B 172 2.00 -10.66 41.52
N THR B 173 3.29 -11.03 41.58
CA THR B 173 3.82 -11.83 42.72
C THR B 173 4.56 -10.93 43.72
N LEU B 174 4.54 -9.61 43.54
CA LEU B 174 5.25 -8.67 44.46
C LEU B 174 4.22 -7.85 45.21
N ASN B 175 4.68 -7.00 46.12
CA ASN B 175 3.79 -6.14 46.91
C ASN B 175 3.76 -4.77 46.23
N GLU B 176 3.05 -4.63 45.11
CA GLU B 176 2.96 -3.35 44.37
C GLU B 176 2.13 -2.35 45.16
N ALA B 177 2.50 -1.08 45.08
CA ALA B 177 1.73 0.03 45.67
C ALA B 177 1.15 0.89 44.58
N GLU B 178 0.11 1.62 44.96
CA GLU B 178 -0.54 2.67 44.17
C GLU B 178 0.49 3.70 43.68
N GLY B 179 0.43 4.07 42.40
CA GLY B 179 1.34 5.08 41.82
C GLY B 179 2.39 4.47 40.91
N THR B 180 2.80 3.24 41.18
CA THR B 180 3.82 2.56 40.39
C THR B 180 3.30 2.39 38.95
N GLU B 181 2.04 2.02 38.81
CA GLU B 181 1.41 1.92 37.47
C GLU B 181 0.26 2.90 37.44
N THR B 182 0.35 3.87 36.55
CA THR B 182 -0.73 4.84 36.29
C THR B 182 -1.04 4.85 34.80
N GLN B 183 -2.04 5.62 34.39
CA GLN B 183 -2.43 5.68 32.95
C GLN B 183 -2.35 7.14 32.53
N SER B 184 -1.73 7.37 31.39
CA SER B 184 -1.38 8.71 30.90
C SER B 184 -1.80 8.85 29.44
N LEU B 185 -1.93 10.10 28.98
CA LEU B 185 -2.31 10.44 27.60
C LEU B 185 -1.13 11.09 26.85
N ALA B 186 -1.07 10.80 25.56
CA ALA B 186 -0.27 11.57 24.58
C ALA B 186 -1.03 11.62 23.28
N TYR B 187 -0.77 12.63 22.45
CA TYR B 187 -1.47 12.77 21.15
C TYR B 187 -0.42 13.03 20.05
N THR B 188 -0.80 12.77 18.81
CA THR B 188 0.08 12.95 17.65
C THR B 188 -0.55 13.96 16.68
N THR B 189 0.24 14.95 16.26
CA THR B 189 -0.16 15.91 15.22
C THR B 189 0.49 15.54 13.89
N ASP B 190 1.20 14.41 13.81
CA ASP B 190 1.94 14.06 12.58
C ASP B 190 1.75 12.56 12.27
N ASP B 191 0.57 12.03 12.58
CA ASP B 191 0.13 10.67 12.20
C ASP B 191 1.11 9.60 12.74
N GLY B 192 1.64 9.79 13.93
CA GLY B 192 2.42 8.78 14.67
C GLY B 192 3.92 8.96 14.51
N ALA B 193 4.38 10.00 13.79
CA ALA B 193 5.84 10.23 13.73
C ALA B 193 6.32 10.66 15.11
N SER B 194 5.50 11.37 15.87
CA SER B 194 5.85 11.80 17.24
C SER B 194 4.59 11.93 18.07
N TRP B 195 4.76 11.94 19.39
CA TRP B 195 3.64 12.03 20.35
C TRP B 195 4.00 13.11 21.35
N ILE B 196 3.03 13.93 21.70
CA ILE B 196 3.13 14.96 22.76
C ILE B 196 2.36 14.47 23.98
N LYS B 197 3.04 14.30 25.09
CA LYS B 197 2.38 13.94 26.38
C LYS B 197 1.68 15.15 26.94
N LEU B 198 0.56 14.93 27.62
CA LEU B 198 0.01 16.01 28.46
C LEU B 198 1.05 16.33 29.54
N GLY B 199 0.98 17.53 30.10
CA GLY B 199 1.85 17.94 31.22
C GLY B 199 1.66 17.06 32.46
N TYR B 200 2.69 17.00 33.31
CA TYR B 200 2.58 16.35 34.61
C TYR B 200 1.79 17.27 35.54
N GLY B 201 0.79 16.73 36.23
CA GLY B 201 0.21 17.51 37.33
C GLY B 201 -1.28 17.30 37.53
N ALA B 202 -1.82 18.08 38.45
CA ALA B 202 -3.26 18.07 38.79
C ALA B 202 -4.07 18.39 37.54
N GLY B 203 -5.02 17.52 37.21
CA GLY B 203 -5.93 17.72 36.08
C GLY B 203 -5.24 17.40 34.76
N GLN B 204 -4.02 16.89 34.81
CA GLN B 204 -3.30 16.48 33.56
C GLN B 204 -2.76 15.06 33.80
N ASN B 205 -1.57 14.73 33.28
CA ASN B 205 -1.02 13.37 33.47
C ASN B 205 -0.49 13.17 34.88
N PRO B 206 -0.53 11.93 35.40
CA PRO B 206 -1.32 10.84 34.80
C PRO B 206 -2.82 11.04 35.09
N VAL B 207 -3.67 10.59 34.17
CA VAL B 207 -5.15 10.82 34.23
C VAL B 207 -5.86 9.75 35.08
N ILE B 208 -5.30 8.55 35.19
CA ILE B 208 -5.89 7.50 36.07
C ILE B 208 -4.78 7.00 36.98
N TYR B 209 -4.94 7.12 38.31
CA TYR B 209 -3.86 6.73 39.23
C TYR B 209 -4.38 6.03 40.49
N GLU B 210 -5.63 6.30 40.88
CA GLU B 210 -6.24 5.63 42.06
C GLU B 210 -6.62 4.21 41.71
N TRP B 211 -6.19 3.28 42.52
CA TRP B 211 -6.61 1.88 42.43
C TRP B 211 -8.11 1.78 42.72
N PRO B 212 -8.88 1.12 41.85
CA PRO B 212 -10.32 0.99 42.05
C PRO B 212 -10.68 -0.01 43.18
N GLU B 213 -9.75 -0.84 43.60
CA GLU B 213 -9.96 -1.86 44.65
C GLU B 213 -8.59 -1.98 45.32
N THR B 214 -8.52 -2.51 46.54
CA THR B 214 -7.24 -2.63 47.28
C THR B 214 -6.51 -3.89 46.83
N ASN B 215 -5.22 -3.95 47.14
CA ASN B 215 -4.35 -5.14 47.00
C ASN B 215 -4.36 -5.65 45.56
N LEU B 216 -4.19 -4.75 44.58
CA LEU B 216 -4.10 -5.19 43.17
C LEU B 216 -2.82 -5.98 42.94
N THR B 217 -2.92 -6.96 42.04
CA THR B 217 -1.78 -7.69 41.47
C THR B 217 -1.21 -6.91 40.28
N GLY B 218 -2.00 -6.03 39.69
CA GLY B 218 -1.59 -5.31 38.48
C GLY B 218 -2.60 -4.28 38.12
N PHE B 219 -2.20 -3.25 37.36
CA PHE B 219 -3.11 -2.14 37.00
C PHE B 219 -2.62 -1.52 35.70
N ARG B 220 -2.82 -2.19 34.58
CA ARG B 220 -2.16 -1.75 33.33
C ARG B 220 -2.92 -2.16 32.08
N ASP B 221 -2.41 -1.67 30.95
CA ASP B 221 -2.83 -2.04 29.57
C ASP B 221 -4.22 -1.51 29.30
N PRO B 222 -4.43 -0.17 29.36
CA PRO B 222 -5.73 0.43 29.15
C PRO B 222 -6.15 0.19 27.69
N TYR B 223 -7.35 -0.35 27.51
CA TYR B 223 -7.92 -0.67 26.20
C TYR B 223 -9.14 0.19 26.00
N VAL B 224 -9.01 1.16 25.11
CA VAL B 224 -10.08 2.17 24.85
C VAL B 224 -10.92 1.66 23.68
N PHE B 225 -12.24 1.75 23.81
CA PHE B 225 -13.17 1.26 22.78
C PHE B 225 -14.51 2.02 22.89
N GLN B 226 -15.16 2.17 21.76
CA GLN B 226 -16.57 2.62 21.67
C GLN B 226 -17.42 1.35 21.67
N SER B 227 -18.63 1.47 22.21
CA SER B 227 -19.56 0.32 22.35
C SER B 227 -20.99 0.83 22.39
N PRO B 228 -21.66 0.91 21.23
CA PRO B 228 -23.13 1.09 21.19
C PRO B 228 -23.83 0.11 22.14
N ARG B 229 -23.32 -1.11 22.23
CA ARG B 229 -23.89 -2.19 23.09
C ARG B 229 -23.82 -1.74 24.54
N LEU B 230 -22.63 -1.37 25.05
CA LEU B 230 -22.55 -0.98 26.47
C LEU B 230 -23.30 0.34 26.68
N GLU B 231 -23.31 1.28 25.72
CA GLU B 231 -24.05 2.56 25.93
C GLU B 231 -25.55 2.25 26.12
N ALA B 232 -26.10 1.37 25.29
CA ALA B 232 -27.53 0.95 25.34
C ALA B 232 -27.80 0.30 26.70
N LEU B 233 -26.91 -0.59 27.16
CA LEU B 233 -27.12 -1.32 28.43
C LEU B 233 -27.04 -0.35 29.60
N LEU B 234 -26.22 0.69 29.53
CA LEU B 234 -26.01 1.56 30.70
C LEU B 234 -26.95 2.77 30.70
N ALA B 235 -27.66 3.03 29.60
CA ALA B 235 -28.34 4.33 29.32
C ALA B 235 -29.26 4.73 30.48
N ASN B 236 -29.89 3.78 31.16
CA ASN B 236 -30.92 4.10 32.19
C ASN B 236 -30.25 4.14 33.56
N THR B 237 -28.92 4.08 33.62
CA THR B 237 -28.16 4.16 34.90
C THR B 237 -27.25 5.39 34.90
N THR B 238 -27.24 6.21 33.85
CA THR B 238 -26.27 7.34 33.74
C THR B 238 -26.59 8.41 34.78
N SER B 239 -27.82 8.45 35.32
CA SER B 239 -28.11 9.34 36.48
C SER B 239 -27.43 8.82 37.75
N ILE B 240 -27.16 7.51 37.89
CA ILE B 240 -26.43 6.95 39.07
C ILE B 240 -24.95 7.35 39.02
N THR B 241 -24.28 7.29 37.86
CA THR B 241 -22.79 7.41 37.79
C THR B 241 -22.34 8.76 37.22
N ASN B 242 -23.19 9.43 36.45
CA ASN B 242 -22.92 10.68 35.70
C ASN B 242 -21.89 10.46 34.58
N ALA B 243 -21.48 9.22 34.29
CA ALA B 243 -20.57 8.92 33.16
C ALA B 243 -21.41 8.72 31.88
N THR B 244 -21.25 9.58 30.89
CA THR B 244 -22.08 9.60 29.66
C THR B 244 -21.21 9.67 28.43
N GLY B 245 -19.88 9.49 28.53
CA GLY B 245 -19.03 9.54 27.32
C GLY B 245 -19.25 8.39 26.38
N ASP B 246 -18.77 8.53 25.15
CA ASP B 246 -18.86 7.54 24.06
C ASP B 246 -17.63 6.61 24.04
N HIS B 247 -16.66 6.77 24.95
CA HIS B 247 -15.53 5.82 25.07
C HIS B 247 -15.57 5.09 26.39
N PHE B 248 -15.26 3.80 26.33
CA PHE B 248 -15.00 2.98 27.52
C PHE B 248 -13.52 2.64 27.56
N ALA B 249 -13.01 2.27 28.72
CA ALA B 249 -11.64 1.70 28.83
C ALA B 249 -11.63 0.59 29.85
N THR B 250 -11.00 -0.52 29.53
CA THR B 250 -10.69 -1.54 30.56
C THR B 250 -9.23 -1.37 30.99
N ILE B 251 -8.97 -1.69 32.24
CA ILE B 251 -7.61 -1.86 32.78
C ILE B 251 -7.49 -3.28 33.34
N SER B 252 -6.37 -3.93 33.03
CA SER B 252 -6.10 -5.33 33.33
C SER B 252 -5.38 -5.47 34.68
N GLY B 253 -5.86 -6.38 35.51
CA GLY B 253 -5.15 -6.68 36.74
C GLY B 253 -5.75 -7.88 37.48
N GLY B 254 -5.90 -7.72 38.79
CA GLY B 254 -6.32 -8.81 39.68
C GLY B 254 -6.21 -8.37 41.11
N VAL B 255 -6.54 -9.28 42.03
CA VAL B 255 -6.53 -9.00 43.50
C VAL B 255 -5.74 -10.11 44.18
N HIS B 256 -4.78 -9.75 45.03
CA HIS B 256 -3.85 -10.71 45.68
C HIS B 256 -4.68 -11.84 46.32
N GLY B 257 -4.33 -13.09 46.00
CA GLY B 257 -4.97 -14.32 46.50
C GLY B 257 -6.38 -14.57 45.96
N ASP B 258 -6.96 -13.72 45.12
CA ASP B 258 -8.40 -13.83 44.75
C ASP B 258 -8.67 -13.77 43.23
N GLY B 259 -7.63 -13.92 42.40
CA GLY B 259 -7.80 -14.10 40.95
C GLY B 259 -7.72 -12.78 40.17
N ALA B 260 -7.85 -12.91 38.85
CA ALA B 260 -7.72 -11.80 37.88
C ALA B 260 -8.99 -10.93 37.84
N ARG B 261 -8.82 -9.68 37.41
CA ARG B 261 -9.91 -8.71 37.24
C ARG B 261 -9.67 -7.92 35.97
N LEU B 262 -10.72 -7.65 35.23
CA LEU B 262 -10.73 -6.58 34.19
C LEU B 262 -11.65 -5.48 34.71
N PHE B 263 -11.09 -4.30 34.93
CA PHE B 263 -11.81 -3.14 35.51
C PHE B 263 -12.36 -2.31 34.37
N LEU B 264 -13.64 -1.95 34.43
CA LEU B 264 -14.28 -1.13 33.37
C LEU B 264 -14.44 0.32 33.83
N TYR B 265 -13.99 1.22 32.97
CA TYR B 265 -14.11 2.68 33.12
C TYR B 265 -14.96 3.19 31.98
N ARG B 266 -15.60 4.33 32.20
CA ARG B 266 -16.30 5.05 31.13
C ARG B 266 -15.86 6.51 31.17
N GLN B 267 -15.54 7.03 30.01
CA GLN B 267 -15.23 8.47 29.79
C GLN B 267 -16.38 9.26 30.42
N HIS B 268 -16.08 10.19 31.31
CA HIS B 268 -17.10 10.94 32.05
C HIS B 268 -17.97 11.75 31.09
N THR B 269 -17.33 12.48 30.17
CA THR B 269 -18.03 13.40 29.24
C THR B 269 -17.48 13.25 27.83
N THR B 270 -18.36 13.14 26.84
CA THR B 270 -17.99 13.10 25.41
C THR B 270 -17.11 14.30 25.11
N GLY B 271 -16.05 14.09 24.32
CA GLY B 271 -15.14 15.17 23.87
C GLY B 271 -14.19 15.63 24.96
N GLU B 272 -14.17 14.99 26.12
CA GLU B 272 -13.22 15.35 27.20
C GLU B 272 -12.47 14.09 27.65
N PHE B 273 -11.15 14.15 27.81
CA PHE B 273 -10.33 12.91 27.90
C PHE B 273 -9.56 12.80 29.20
N ILE B 274 -9.77 13.69 30.16
CA ILE B 274 -9.03 13.68 31.44
C ILE B 274 -9.78 12.77 32.42
N LYS B 275 -11.11 12.91 32.52
CA LYS B 275 -11.88 12.22 33.59
C LYS B 275 -12.49 10.92 33.07
N TRP B 276 -12.12 9.82 33.73
CA TRP B 276 -12.62 8.45 33.42
C TRP B 276 -13.25 7.93 34.71
N THR B 277 -14.50 7.50 34.66
CA THR B 277 -15.22 7.05 35.88
C THR B 277 -15.18 5.53 35.95
N TYR B 278 -14.66 5.00 37.05
CA TYR B 278 -14.63 3.57 37.36
C TYR B 278 -16.07 3.10 37.58
N LEU B 279 -16.53 2.12 36.82
CA LEU B 279 -17.89 1.54 36.95
C LEU B 279 -17.81 0.33 37.86
N GLY B 280 -16.93 -0.60 37.54
CA GLY B 280 -16.79 -1.83 38.31
C GLY B 280 -16.02 -2.88 37.55
N PRO B 281 -15.80 -4.05 38.18
CA PRO B 281 -15.15 -5.19 37.54
C PRO B 281 -16.05 -5.76 36.44
N LEU B 282 -15.50 -5.92 35.25
CA LEU B 282 -16.20 -6.42 34.06
C LEU B 282 -16.06 -7.93 34.08
N VAL B 283 -14.83 -8.41 34.25
CA VAL B 283 -14.55 -9.86 34.28
C VAL B 283 -13.87 -10.16 35.60
N THR B 284 -14.40 -11.17 36.29
CA THR B 284 -13.87 -11.66 37.59
C THR B 284 -13.66 -13.16 37.46
N THR B 285 -12.44 -13.63 37.66
CA THR B 285 -12.15 -15.08 37.63
C THR B 285 -11.45 -15.46 38.93
N GLY B 286 -11.46 -16.75 39.25
CA GLY B 286 -10.88 -17.28 40.48
C GLY B 286 -9.40 -17.45 40.37
N TYR B 287 -8.73 -17.47 41.50
CA TYR B 287 -7.28 -17.74 41.65
C TYR B 287 -6.94 -19.09 40.99
N LYS B 288 -6.20 -19.03 39.88
CA LYS B 288 -5.81 -20.21 39.09
C LYS B 288 -7.01 -21.11 38.74
N GLU B 289 -8.19 -20.55 38.56
CA GLU B 289 -9.39 -21.23 38.03
C GLU B 289 -9.14 -21.63 36.56
N SER B 290 -9.53 -22.85 36.17
CA SER B 290 -9.58 -23.28 34.75
C SER B 290 -11.04 -23.51 34.39
N TYR B 291 -11.48 -23.02 33.24
CA TYR B 291 -12.80 -23.35 32.66
C TYR B 291 -12.77 -24.78 32.10
N GLY B 292 -11.59 -25.39 31.89
CA GLY B 292 -11.49 -26.75 31.34
C GLY B 292 -10.33 -26.94 30.40
N GLU B 293 -10.23 -28.15 29.84
CA GLU B 293 -9.08 -28.62 29.02
C GLU B 293 -8.96 -27.79 27.72
N TRP B 294 -10.06 -27.21 27.26
CA TRP B 294 -10.12 -26.46 25.98
C TRP B 294 -9.86 -24.96 26.22
N SER B 295 -9.53 -24.56 27.44
CA SER B 295 -9.70 -23.16 27.88
C SER B 295 -8.50 -22.59 28.66
N GLY B 296 -7.36 -23.28 28.69
CA GLY B 296 -6.16 -22.84 29.42
C GLY B 296 -6.49 -22.61 30.89
N ASN B 297 -5.94 -21.56 31.50
CA ASN B 297 -6.13 -21.27 32.96
C ASN B 297 -6.13 -19.77 33.16
N TYR B 298 -6.99 -19.28 34.05
CA TYR B 298 -7.23 -17.84 34.26
C TYR B 298 -6.14 -17.24 35.17
N GLY B 299 -5.20 -18.04 35.68
CA GLY B 299 -4.04 -17.55 36.45
C GLY B 299 -4.41 -16.64 37.61
N ILE B 300 -3.58 -15.61 37.86
CA ILE B 300 -3.73 -14.76 39.07
C ILE B 300 -3.91 -13.29 38.68
N ASN B 301 -3.67 -12.97 37.41
CA ASN B 301 -3.62 -11.54 36.96
C ASN B 301 -3.84 -11.54 35.45
N PHE B 302 -4.60 -10.57 34.96
CA PHE B 302 -4.77 -10.35 33.50
C PHE B 302 -3.78 -9.30 32.99
N GLU B 303 -3.40 -9.46 31.73
CA GLU B 303 -2.60 -8.49 30.95
C GLU B 303 -3.26 -8.31 29.57
N THR B 304 -3.04 -7.15 28.97
CA THR B 304 -3.39 -6.82 27.58
C THR B 304 -4.81 -7.27 27.23
N ALA B 305 -5.78 -7.05 28.11
CA ALA B 305 -7.18 -7.45 27.83
C ALA B 305 -7.84 -6.43 26.91
N GLY B 306 -8.73 -6.89 26.07
CA GLY B 306 -9.55 -6.06 25.17
C GLY B 306 -10.98 -6.59 25.12
N VAL B 307 -11.87 -5.75 24.62
CA VAL B 307 -13.33 -5.99 24.52
C VAL B 307 -13.75 -5.70 23.10
N THR B 308 -14.47 -6.62 22.47
CA THR B 308 -15.00 -6.37 21.11
C THR B 308 -16.39 -7.03 20.97
N ARG B 309 -16.97 -6.82 19.81
CA ARG B 309 -18.29 -7.39 19.44
C ARG B 309 -18.15 -7.81 17.98
N LEU B 310 -18.48 -9.06 17.67
CA LEU B 310 -18.26 -9.65 16.34
C LEU B 310 -19.57 -10.25 15.87
N ASN B 311 -19.69 -10.40 14.57
CA ASN B 311 -20.76 -11.17 13.90
C ASN B 311 -20.05 -12.05 12.90
N PRO B 312 -20.78 -12.91 12.15
CA PRO B 312 -20.14 -13.82 11.20
C PRO B 312 -19.23 -13.13 10.17
N ALA B 313 -19.49 -11.87 9.83
CA ALA B 313 -18.73 -11.15 8.77
C ALA B 313 -17.47 -10.47 9.33
N GLY B 314 -17.39 -10.22 10.65
CA GLY B 314 -16.29 -9.42 11.24
C GLY B 314 -16.75 -8.65 12.45
N ALA B 315 -16.48 -7.34 12.48
CA ALA B 315 -16.80 -6.46 13.61
C ALA B 315 -18.30 -6.12 13.56
N ALA B 316 -18.94 -6.04 14.72
CA ALA B 316 -20.36 -5.70 14.83
C ALA B 316 -20.48 -4.38 15.61
N TRP B 317 -21.13 -3.39 15.02
CA TRP B 317 -21.37 -2.06 15.64
C TRP B 317 -22.83 -1.92 16.15
N ASP B 318 -23.62 -2.99 16.23
CA ASP B 318 -25.04 -2.90 16.69
C ASP B 318 -25.08 -2.72 18.22
N ASN B 319 -26.24 -2.36 18.75
CA ASN B 319 -26.46 -2.08 20.19
C ASN B 319 -27.00 -3.32 20.92
N GLY B 320 -27.01 -4.48 20.28
CA GLY B 320 -27.65 -5.69 20.85
C GLY B 320 -28.74 -6.24 19.95
N SER B 321 -29.18 -5.44 18.97
CA SER B 321 -30.27 -5.74 17.99
C SER B 321 -29.86 -6.86 17.00
N ASP B 322 -28.57 -7.02 16.68
CA ASP B 322 -28.10 -8.11 15.81
C ASP B 322 -27.99 -9.40 16.62
N THR B 323 -28.93 -10.31 16.40
CA THR B 323 -29.01 -11.60 17.14
C THR B 323 -27.86 -12.50 16.71
N THR B 324 -27.16 -12.21 15.61
CA THR B 324 -26.00 -13.01 15.13
C THR B 324 -24.67 -12.54 15.80
N ALA B 325 -24.68 -11.44 16.53
CA ALA B 325 -23.45 -10.82 17.08
C ALA B 325 -23.17 -11.38 18.47
N VAL B 326 -21.89 -11.44 18.85
CA VAL B 326 -21.43 -12.00 20.14
C VAL B 326 -20.42 -11.01 20.74
N ASP B 327 -20.52 -10.79 22.03
CA ASP B 327 -19.56 -10.00 22.83
C ASP B 327 -18.39 -10.89 23.22
N PHE B 328 -17.16 -10.40 22.98
CA PHE B 328 -15.95 -11.15 23.31
C PHE B 328 -15.03 -10.30 24.15
N VAL B 329 -14.29 -10.95 25.05
CA VAL B 329 -13.16 -10.34 25.76
C VAL B 329 -11.95 -11.17 25.40
N THR B 330 -10.82 -10.57 25.09
CA THR B 330 -9.53 -11.29 24.92
C THR B 330 -8.62 -10.83 26.05
N PHE B 331 -7.77 -11.69 26.55
CA PHE B 331 -6.95 -11.37 27.74
C PHE B 331 -5.84 -12.40 27.88
N GLY B 332 -4.69 -11.92 28.32
CA GLY B 332 -3.58 -12.76 28.77
C GLY B 332 -3.72 -13.04 30.23
N THR B 333 -3.29 -14.21 30.66
CA THR B 333 -3.28 -14.53 32.10
C THR B 333 -1.87 -14.92 32.47
N GLU B 334 -1.50 -14.68 33.73
CA GLU B 334 -0.17 -15.11 34.19
C GLU B 334 -0.27 -16.00 35.46
N GLN B 335 0.73 -16.84 35.59
CA GLN B 335 1.00 -17.77 36.72
C GLN B 335 -0.10 -18.84 36.76
N GLY B 336 -0.75 -19.13 35.62
CA GLY B 336 -1.69 -20.26 35.49
C GLY B 336 -1.14 -21.36 34.62
N ARG B 337 0.16 -21.39 34.38
CA ARG B 337 0.74 -22.30 33.37
C ARG B 337 2.17 -22.66 33.79
N ALA B 338 2.53 -23.93 33.64
CA ALA B 338 3.82 -24.49 34.12
C ALA B 338 4.92 -24.17 33.11
N ASP B 339 4.59 -23.70 31.91
CA ASP B 339 5.61 -23.48 30.87
C ASP B 339 5.11 -22.28 30.03
N HIS B 340 5.70 -22.07 28.85
CA HIS B 340 5.32 -20.91 27.98
C HIS B 340 5.35 -19.62 28.82
N GLN B 341 6.40 -19.45 29.61
CA GLN B 341 6.65 -18.22 30.42
C GLN B 341 5.44 -17.94 31.32
N ASN B 342 4.74 -18.98 31.76
CA ASN B 342 3.59 -18.91 32.70
C ASN B 342 2.42 -18.12 32.09
N HIS B 343 2.31 -18.09 30.76
CA HIS B 343 1.38 -17.15 30.07
C HIS B 343 0.39 -17.87 29.14
N TRP B 344 -0.90 -17.59 29.31
CA TRP B 344 -1.99 -18.04 28.40
C TRP B 344 -2.55 -16.82 27.70
N PRO B 345 -2.63 -16.81 26.35
CA PRO B 345 -3.47 -15.85 25.63
C PRO B 345 -4.86 -16.45 25.34
N LEU B 346 -5.87 -15.94 26.03
CA LEU B 346 -7.22 -16.51 26.09
C LEU B 346 -8.23 -15.58 25.45
N TRP B 347 -9.45 -16.07 25.30
CA TRP B 347 -10.64 -15.26 24.95
C TRP B 347 -11.87 -15.92 25.56
N ALA B 348 -12.93 -15.14 25.73
CA ALA B 348 -14.24 -15.65 26.18
C ALA B 348 -15.35 -14.94 25.43
N ALA B 349 -16.43 -15.69 25.12
CA ALA B 349 -17.71 -15.08 24.78
C ALA B 349 -18.41 -14.73 26.09
N VAL B 350 -19.02 -13.57 26.19
CA VAL B 350 -19.65 -13.11 27.46
C VAL B 350 -21.06 -12.66 27.19
N ASP B 351 -21.91 -12.75 28.20
CA ASP B 351 -23.28 -12.16 28.22
C ASP B 351 -23.23 -11.06 29.25
N TYR B 352 -23.50 -9.83 28.84
CA TYR B 352 -23.42 -8.67 29.75
C TYR B 352 -24.68 -8.63 30.64
N GLU B 353 -24.53 -8.37 31.94
CA GLU B 353 -25.63 -8.09 32.90
C GLU B 353 -25.35 -6.71 33.52
N VAL B 354 -26.39 -5.89 33.71
CA VAL B 354 -26.26 -4.55 34.34
C VAL B 354 -26.42 -4.69 35.85
N ARG B 355 -25.48 -4.17 36.63
CA ARG B 355 -25.53 -4.15 38.11
C ARG B 355 -26.35 -2.94 38.56
N ASP B 356 -26.85 -2.98 39.80
CA ASP B 356 -27.67 -1.88 40.37
C ASP B 356 -26.86 -0.59 40.42
N ASN B 357 -25.54 -0.67 40.62
CA ASN B 357 -24.69 0.55 40.74
C ASN B 357 -24.27 1.09 39.35
N GLY B 358 -24.88 0.64 38.26
CA GLY B 358 -24.64 1.22 36.92
C GLY B 358 -23.31 0.74 36.32
N SER B 359 -22.92 -0.49 36.64
CA SER B 359 -21.73 -1.19 36.10
C SER B 359 -22.17 -2.45 35.35
N ILE B 360 -21.24 -3.16 34.74
CA ILE B 360 -21.54 -4.29 33.83
C ILE B 360 -20.79 -5.49 34.36
N GLU B 361 -21.49 -6.62 34.53
CA GLU B 361 -20.85 -7.93 34.75
C GLU B 361 -20.80 -8.67 33.42
N ALA B 362 -19.62 -9.09 32.99
CA ALA B 362 -19.46 -9.90 31.76
C ALA B 362 -19.47 -11.36 32.20
N VAL B 363 -20.57 -12.05 32.01
CA VAL B 363 -20.63 -13.47 32.45
C VAL B 363 -20.11 -14.37 31.33
N ILE B 364 -19.08 -15.15 31.60
CA ILE B 364 -18.46 -16.01 30.58
C ILE B 364 -19.42 -17.12 30.13
N ALA B 365 -19.72 -17.19 28.83
CA ALA B 365 -20.64 -18.15 28.19
C ALA B 365 -19.85 -19.34 27.68
N TYR B 366 -18.65 -19.10 27.12
CA TYR B 366 -17.68 -20.14 26.72
C TYR B 366 -16.32 -19.46 26.59
N SER B 367 -15.26 -20.23 26.58
CA SER B 367 -13.90 -19.68 26.90
C SER B 367 -12.88 -20.48 26.14
N GLY B 368 -12.02 -19.80 25.38
CA GLY B 368 -11.04 -20.49 24.55
C GLY B 368 -9.67 -19.86 24.62
N VAL B 369 -8.86 -20.27 23.67
CA VAL B 369 -7.41 -19.98 23.58
C VAL B 369 -7.19 -19.27 22.25
N GLN B 370 -6.51 -18.12 22.26
CA GLN B 370 -6.27 -17.37 21.01
C GLN B 370 -5.10 -18.01 20.26
N ASP B 371 -4.09 -18.51 20.99
CA ASP B 371 -2.96 -19.23 20.38
C ASP B 371 -2.40 -20.19 21.44
N TRP B 372 -2.12 -21.42 21.03
CA TRP B 372 -1.69 -22.49 21.97
C TRP B 372 -0.18 -22.53 22.14
N GLY B 373 0.58 -21.70 21.42
CA GLY B 373 2.04 -21.80 21.43
C GLY B 373 2.76 -20.64 22.13
N ARG B 374 3.95 -20.31 21.64
CA ARG B 374 4.86 -19.32 22.26
C ARG B 374 4.45 -17.92 21.78
N SER B 375 3.21 -17.53 22.05
CA SER B 375 2.74 -16.16 21.74
C SER B 375 1.90 -15.66 22.90
N TYR B 376 1.75 -14.32 22.96
CA TYR B 376 1.08 -13.64 24.08
C TYR B 376 0.82 -12.19 23.68
N ALA B 377 0.02 -11.50 24.47
CA ALA B 377 -0.14 -10.04 24.41
C ALA B 377 -0.84 -9.71 23.09
N TYR B 378 -1.95 -10.40 22.80
CA TYR B 378 -2.76 -10.10 21.61
C TYR B 378 -3.48 -8.78 21.83
N ALA B 379 -3.44 -7.94 20.80
CA ALA B 379 -4.18 -6.68 20.72
C ALA B 379 -5.13 -6.80 19.52
N SER B 380 -6.30 -6.19 19.61
CA SER B 380 -7.24 -6.12 18.48
C SER B 380 -7.63 -4.66 18.29
N PHE B 381 -7.94 -4.30 17.05
CA PHE B 381 -8.28 -2.92 16.70
C PHE B 381 -9.23 -2.92 15.49
N PRO B 382 -10.06 -1.89 15.38
CA PRO B 382 -11.01 -1.80 14.25
C PRO B 382 -10.39 -1.37 12.94
N VAL B 383 -10.83 -1.98 11.86
CA VAL B 383 -10.33 -1.71 10.49
C VAL B 383 -11.55 -1.46 9.59
N GLU B 384 -11.42 -0.52 8.67
CA GLU B 384 -12.49 -0.19 7.71
C GLU B 384 -13.06 -1.44 7.07
N GLY B 385 -14.36 -1.42 6.74
CA GLY B 385 -15.03 -2.62 6.18
C GLY B 385 -15.60 -3.54 7.26
N TYR B 386 -15.82 -3.00 8.46
CA TYR B 386 -16.43 -3.77 9.57
C TYR B 386 -15.52 -4.96 9.94
N ARG B 387 -14.24 -4.65 10.16
CA ARG B 387 -13.23 -5.67 10.53
C ARG B 387 -12.71 -5.40 11.92
N GLN B 388 -12.36 -6.47 12.62
CA GLN B 388 -11.64 -6.39 13.91
C GLN B 388 -10.40 -7.26 13.71
N VAL B 389 -9.22 -6.63 13.83
CA VAL B 389 -7.95 -7.30 13.47
C VAL B 389 -7.12 -7.47 14.73
N SER B 390 -6.56 -8.66 14.90
CA SER B 390 -5.81 -9.05 16.11
C SER B 390 -4.39 -9.42 15.72
N VAL B 391 -3.42 -9.11 16.59
CA VAL B 391 -2.02 -9.48 16.36
C VAL B 391 -1.37 -9.67 17.74
N GLY B 392 -0.44 -10.60 17.83
CA GLY B 392 0.28 -10.83 19.09
C GLY B 392 1.77 -10.83 18.89
N TRP B 393 2.45 -11.22 19.96
CA TRP B 393 3.92 -11.30 20.03
C TRP B 393 4.32 -12.76 20.18
N ILE B 394 5.22 -13.19 19.31
CA ILE B 394 5.87 -14.53 19.37
C ILE B 394 7.25 -14.36 20.01
N TYR B 395 7.43 -14.91 21.19
CA TYR B 395 8.74 -14.83 21.88
C TYR B 395 9.64 -15.93 21.32
N GLU B 396 10.94 -15.86 21.63
CA GLU B 396 11.95 -16.84 21.19
C GLU B 396 11.78 -18.12 22.05
N ASP B 397 12.52 -19.17 21.75
CA ASP B 397 12.56 -20.36 22.64
C ASP B 397 14.01 -20.51 23.14
N ASP B 398 14.47 -19.49 23.86
CA ASP B 398 15.85 -19.41 24.40
C ASP B 398 15.72 -18.85 25.82
N ASP B 399 14.90 -19.48 26.64
CA ASP B 399 14.46 -18.85 27.92
C ASP B 399 15.64 -18.71 28.92
N ASN B 400 16.75 -19.41 28.71
CA ASN B 400 17.98 -19.27 29.55
C ASN B 400 18.91 -18.24 28.92
N VAL B 401 18.52 -17.58 27.81
CA VAL B 401 19.25 -16.41 27.26
C VAL B 401 20.66 -16.84 26.86
N ILE B 402 20.77 -17.99 26.20
CA ILE B 402 22.10 -18.59 25.87
C ILE B 402 22.66 -17.97 24.59
N LEU B 403 21.82 -17.73 23.55
CA LEU B 403 22.31 -17.17 22.25
C LEU B 403 21.64 -15.82 21.91
N ALA B 404 20.99 -15.17 22.86
CA ALA B 404 20.26 -13.90 22.59
C ALA B 404 21.24 -12.83 22.12
N LYS B 405 22.41 -12.71 22.77
CA LYS B 405 23.40 -11.71 22.33
C LYS B 405 23.91 -12.01 20.92
N GLN B 406 24.11 -13.29 20.60
CA GLN B 406 24.59 -13.70 19.27
C GLN B 406 23.49 -13.38 18.23
N PHE B 407 22.22 -13.55 18.58
CA PHE B 407 21.12 -13.11 17.66
C PHE B 407 21.20 -11.61 17.42
N GLY B 408 21.28 -10.84 18.50
CA GLY B 408 21.25 -9.37 18.46
C GLY B 408 19.80 -8.83 18.37
N TYR B 409 18.82 -9.67 18.62
CA TYR B 409 17.38 -9.32 18.68
C TYR B 409 16.65 -10.42 19.43
N GLN B 410 15.45 -10.10 19.89
CA GLN B 410 14.47 -11.06 20.43
C GLN B 410 13.07 -10.64 19.99
N GLY B 411 12.30 -11.58 19.49
CA GLY B 411 10.84 -11.42 19.34
C GLY B 411 10.42 -11.06 17.93
N ALA B 412 9.17 -11.36 17.64
CA ALA B 412 8.47 -10.94 16.39
C ALA B 412 7.00 -10.82 16.70
N PHE B 413 6.22 -10.28 15.76
CA PHE B 413 4.75 -10.41 15.82
C PHE B 413 4.31 -11.75 15.25
N THR B 414 3.09 -12.12 15.58
CA THR B 414 2.29 -13.07 14.77
C THR B 414 1.93 -12.43 13.44
N LEU B 415 1.23 -13.18 12.60
CA LEU B 415 0.50 -12.54 11.48
C LEU B 415 -0.72 -11.79 12.02
N PHE B 416 -1.21 -10.84 11.22
CA PHE B 416 -2.44 -10.11 11.55
C PHE B 416 -3.63 -11.02 11.19
N ARG B 417 -4.61 -11.06 12.07
CA ARG B 417 -5.75 -11.99 11.97
C ARG B 417 -7.05 -11.21 11.99
N ASP B 418 -7.93 -11.50 11.05
CA ASP B 418 -9.34 -11.06 11.10
C ASP B 418 -10.06 -11.95 12.15
N LEU B 419 -10.73 -11.30 13.08
CA LEU B 419 -11.65 -11.98 14.02
C LEU B 419 -13.07 -11.92 13.45
N PHE B 420 -13.86 -12.94 13.73
CA PHE B 420 -15.26 -13.03 13.25
C PHE B 420 -15.92 -14.14 14.09
N VAL B 421 -17.25 -14.22 14.00
CA VAL B 421 -17.98 -15.35 14.63
C VAL B 421 -18.00 -16.50 13.63
N LYS B 422 -17.32 -17.59 13.98
CA LYS B 422 -17.33 -18.83 13.18
C LYS B 422 -18.63 -19.58 13.51
N VAL B 423 -19.46 -19.82 12.51
CA VAL B 423 -20.75 -20.56 12.66
C VAL B 423 -20.64 -21.83 11.82
N VAL B 424 -20.85 -22.99 12.42
CA VAL B 424 -20.82 -24.29 11.69
C VAL B 424 -22.24 -24.83 11.74
N GLU B 425 -22.86 -25.05 10.58
CA GLU B 425 -24.27 -25.50 10.53
C GLU B 425 -24.30 -27.02 10.36
N ASN B 426 -25.43 -27.62 10.76
CA ASN B 426 -25.71 -29.05 10.46
C ASN B 426 -24.64 -29.94 11.07
N VAL B 427 -24.23 -29.62 12.30
CA VAL B 427 -23.29 -30.47 13.05
C VAL B 427 -24.07 -31.69 13.61
N SER B 428 -23.48 -32.88 13.46
CA SER B 428 -23.97 -34.17 14.00
C SER B 428 -23.88 -34.17 15.52
N PRO B 429 -24.98 -34.48 16.24
CA PRO B 429 -24.96 -34.62 17.69
C PRO B 429 -24.04 -35.71 18.22
N SER B 430 -23.59 -36.60 17.34
CA SER B 430 -22.70 -37.71 17.74
C SER B 430 -21.22 -37.26 17.67
N THR B 431 -20.96 -36.00 17.31
CA THR B 431 -19.58 -35.44 17.43
C THR B 431 -19.09 -35.68 18.86
N PRO B 432 -18.01 -36.43 19.07
CA PRO B 432 -17.56 -36.73 20.41
C PRO B 432 -17.31 -35.43 21.18
N GLY B 433 -17.82 -35.34 22.42
CA GLY B 433 -17.46 -34.27 23.37
C GLY B 433 -18.07 -32.93 22.99
N LEU B 434 -19.10 -32.94 22.15
CA LEU B 434 -19.62 -31.67 21.57
C LEU B 434 -20.29 -30.85 22.69
N PHE B 435 -20.85 -31.50 23.70
CA PHE B 435 -21.66 -30.81 24.73
C PHE B 435 -20.83 -30.58 26.00
N GLU B 436 -19.54 -30.83 25.97
CA GLU B 436 -18.65 -30.52 27.11
C GLU B 436 -18.47 -29.00 27.25
N GLN B 437 -18.07 -28.55 28.44
CA GLN B 437 -17.79 -27.13 28.74
C GLN B 437 -16.46 -26.75 28.05
N ALA B 438 -16.52 -26.02 26.94
CA ALA B 438 -15.31 -25.82 26.12
C ALA B 438 -15.40 -24.43 25.46
N SER B 439 -14.97 -24.31 24.19
CA SER B 439 -14.74 -22.99 23.57
C SER B 439 -15.76 -22.70 22.49
N TRP B 440 -16.97 -23.26 22.61
CA TRP B 440 -18.05 -23.04 21.61
C TRP B 440 -19.40 -23.15 22.29
N SER B 441 -20.43 -22.63 21.65
CA SER B 441 -21.83 -22.82 22.08
C SER B 441 -22.48 -23.80 21.09
N THR B 442 -23.52 -24.47 21.56
CA THR B 442 -24.36 -25.39 20.73
C THR B 442 -25.79 -24.89 20.80
N LYS B 443 -26.48 -24.93 19.68
CA LYS B 443 -27.94 -24.71 19.62
C LYS B 443 -28.52 -25.91 18.86
N ASN B 444 -29.24 -26.77 19.58
CA ASN B 444 -29.96 -27.93 19.00
C ASN B 444 -31.03 -27.46 18.01
N SER B 445 -31.20 -28.16 16.88
CA SER B 445 -32.44 -28.10 16.06
C SER B 445 -33.64 -28.57 16.90
N THR B 446 -34.87 -28.16 16.56
CA THR B 446 -36.12 -28.62 17.25
C THR B 446 -36.09 -30.14 17.42
N ASP B 447 -35.70 -30.87 16.38
CA ASP B 447 -35.84 -32.34 16.33
C ASP B 447 -34.60 -33.03 16.92
N GLY B 448 -33.63 -32.25 17.42
CA GLY B 448 -32.43 -32.75 18.15
C GLY B 448 -31.48 -33.55 17.27
N MET B 449 -31.65 -33.54 15.94
CA MET B 449 -30.85 -34.32 14.97
C MET B 449 -29.68 -33.50 14.39
N SER B 450 -29.66 -32.20 14.63
CA SER B 450 -28.48 -31.36 14.25
C SER B 450 -28.26 -30.23 15.25
N VAL B 451 -27.06 -29.65 15.16
CA VAL B 451 -26.58 -28.60 16.09
C VAL B 451 -25.96 -27.46 15.25
N THR B 452 -26.22 -26.23 15.64
CA THR B 452 -25.43 -25.05 15.16
C THR B 452 -24.35 -24.76 16.20
N VAL B 453 -23.09 -24.77 15.75
CA VAL B 453 -21.93 -24.51 16.64
C VAL B 453 -21.46 -23.05 16.36
N THR B 454 -21.25 -22.27 17.42
CA THR B 454 -20.73 -20.89 17.35
C THR B 454 -19.42 -20.83 18.13
N THR B 455 -18.36 -20.25 17.58
CA THR B 455 -17.09 -20.01 18.30
C THR B 455 -16.41 -18.72 17.75
N LEU B 456 -15.25 -18.40 18.29
CA LEU B 456 -14.39 -17.32 17.74
C LEU B 456 -13.67 -17.83 16.51
N GLY B 457 -13.83 -17.14 15.39
CA GLY B 457 -13.02 -17.42 14.21
C GLY B 457 -11.77 -16.54 14.17
N GLN B 458 -10.72 -17.05 13.59
CA GLN B 458 -9.46 -16.32 13.34
C GLN B 458 -8.94 -16.76 12.00
N ARG B 459 -8.64 -15.80 11.12
CA ARG B 459 -7.97 -16.15 9.82
C ARG B 459 -6.97 -15.05 9.50
N VAL B 460 -5.91 -15.42 8.80
CA VAL B 460 -4.88 -14.41 8.41
C VAL B 460 -5.58 -13.39 7.49
N VAL B 461 -5.28 -12.12 7.68
CA VAL B 461 -5.88 -11.06 6.84
C VAL B 461 -5.62 -11.37 5.38
N PRO B 462 -6.65 -11.20 4.53
CA PRO B 462 -6.54 -11.61 3.12
C PRO B 462 -5.46 -10.84 2.37
N GLU B 463 -5.16 -9.61 2.78
CA GLU B 463 -4.07 -8.81 2.14
C GLU B 463 -2.75 -9.60 2.20
N THR B 464 -2.47 -10.22 3.36
CA THR B 464 -1.22 -10.96 3.59
C THR B 464 -1.24 -12.23 2.73
N LEU B 465 -2.33 -12.98 2.76
CA LEU B 465 -2.40 -14.25 1.97
C LEU B 465 -2.24 -13.91 0.49
N ALA B 466 -2.88 -12.84 -0.02
CA ALA B 466 -2.78 -12.46 -1.45
C ALA B 466 -1.34 -12.07 -1.80
N ALA B 467 -0.69 -11.26 -0.96
CA ALA B 467 0.70 -10.80 -1.18
C ALA B 467 1.67 -12.00 -1.11
N TYR B 468 1.51 -12.88 -0.13
CA TYR B 468 2.38 -14.07 0.05
C TYR B 468 2.29 -14.94 -1.21
N LYS B 469 1.08 -15.28 -1.62
CA LYS B 469 0.87 -16.20 -2.76
C LYS B 469 1.39 -15.52 -4.04
N GLY B 470 1.08 -14.25 -4.26
CA GLY B 470 1.49 -13.52 -5.48
C GLY B 470 2.99 -13.38 -5.62
N ASN B 471 3.73 -13.28 -4.51
CA ASN B 471 5.19 -13.05 -4.56
C ASN B 471 5.94 -14.38 -4.50
N SER B 472 5.25 -15.47 -4.19
CA SER B 472 5.88 -16.81 -4.04
C SER B 472 5.97 -17.57 -5.38
N THR B 473 6.84 -18.58 -5.45
CA THR B 473 6.71 -19.67 -6.44
C THR B 473 5.71 -20.68 -5.88
N VAL B 474 4.53 -20.76 -6.51
CA VAL B 474 3.40 -21.59 -6.01
C VAL B 474 3.48 -22.96 -6.69
N SER B 475 3.50 -24.04 -5.91
CA SER B 475 3.40 -25.43 -6.46
C SER B 475 2.09 -26.04 -5.99
N THR B 476 1.16 -26.28 -6.92
CA THR B 476 -0.13 -26.97 -6.65
C THR B 476 0.16 -28.46 -6.69
N LEU B 477 0.01 -29.19 -5.58
CA LEU B 477 0.51 -30.58 -5.48
C LEU B 477 -0.65 -31.55 -5.67
N ALA B 478 -0.37 -32.70 -6.26
CA ALA B 478 -1.36 -33.78 -6.51
C ALA B 478 -1.91 -34.25 -5.15
N PRO B 479 -3.22 -34.51 -5.06
CA PRO B 479 -3.80 -35.08 -3.87
C PRO B 479 -3.16 -36.47 -3.63
N VAL B 480 -3.08 -36.87 -2.37
CA VAL B 480 -2.37 -38.11 -1.92
C VAL B 480 -3.34 -38.85 -1.00
N MET B 481 -3.50 -40.15 -1.23
CA MET B 481 -4.18 -41.04 -0.25
C MET B 481 -3.10 -41.71 0.60
N LEU B 482 -3.15 -41.49 1.92
CA LEU B 482 -2.18 -42.06 2.86
C LEU B 482 -2.78 -43.40 3.33
N ASN B 483 -2.19 -44.50 2.90
CA ASN B 483 -2.73 -45.86 3.17
C ASN B 483 -1.58 -46.78 3.60
N GLU B 484 -1.71 -48.08 3.31
CA GLU B 484 -0.71 -49.09 3.77
C GLU B 484 0.63 -48.82 3.10
N SER B 485 0.64 -48.16 1.94
CA SER B 485 1.89 -47.87 1.20
C SER B 485 2.57 -46.56 1.66
N ALA B 486 1.95 -45.74 2.52
CA ALA B 486 2.51 -44.42 2.90
C ALA B 486 3.77 -44.61 3.74
N ALA B 487 4.89 -43.98 3.39
CA ALA B 487 6.05 -43.83 4.30
C ALA B 487 5.65 -42.93 5.48
N ALA B 488 6.42 -42.97 6.57
CA ALA B 488 6.20 -42.11 7.76
C ALA B 488 6.30 -40.64 7.30
N TYR B 489 7.28 -40.36 6.43
CA TYR B 489 7.57 -39.02 5.86
C TYR B 489 7.71 -39.14 4.35
N THR B 490 6.91 -38.36 3.63
CA THR B 490 6.96 -38.26 2.15
C THR B 490 7.22 -36.81 1.76
N PRO B 491 8.43 -36.46 1.29
CA PRO B 491 8.71 -35.11 0.79
C PRO B 491 7.74 -34.68 -0.31
N PHE B 492 7.33 -33.41 -0.33
CA PHE B 492 6.50 -32.90 -1.44
C PHE B 492 7.28 -33.00 -2.74
N SER B 493 6.56 -33.13 -3.86
CA SER B 493 7.11 -33.22 -5.23
C SER B 493 7.87 -31.95 -5.58
N SER B 494 7.50 -30.80 -5.00
CA SER B 494 8.30 -29.53 -5.05
C SER B 494 8.77 -29.18 -3.64
N GLN B 495 9.97 -28.65 -3.51
CA GLN B 495 10.61 -28.34 -2.21
C GLN B 495 10.76 -26.83 -2.07
N PRO B 496 10.66 -26.31 -0.84
CA PRO B 496 11.07 -24.93 -0.54
C PRO B 496 12.54 -24.73 -0.91
N THR B 497 12.98 -23.49 -1.14
CA THR B 497 14.39 -23.17 -1.41
C THR B 497 15.04 -22.46 -0.22
N ASP B 498 14.27 -22.15 0.83
CA ASP B 498 14.81 -21.37 1.99
C ASP B 498 13.81 -21.52 3.13
N ARG B 499 13.95 -20.79 4.23
CA ARG B 499 13.10 -20.94 5.42
C ARG B 499 11.91 -19.98 5.41
N PHE B 500 11.36 -19.70 4.24
CA PHE B 500 10.28 -18.71 4.06
C PHE B 500 9.26 -19.35 3.11
N TYR B 501 8.23 -19.95 3.66
CA TYR B 501 7.23 -20.68 2.86
C TYR B 501 5.95 -20.94 3.63
N ALA B 502 4.88 -21.20 2.88
CA ALA B 502 3.58 -21.58 3.46
C ALA B 502 3.18 -22.90 2.83
N LEU B 503 2.44 -23.69 3.57
CA LEU B 503 1.85 -24.88 2.97
C LEU B 503 0.43 -24.98 3.49
N THR B 504 -0.42 -25.57 2.66
CA THR B 504 -1.82 -25.75 3.03
C THR B 504 -2.24 -27.17 2.61
N GLY B 505 -3.23 -27.73 3.29
CA GLY B 505 -3.76 -29.06 2.95
C GLY B 505 -5.03 -29.32 3.71
N SER B 506 -5.94 -30.13 3.12
CA SER B 506 -7.17 -30.64 3.75
C SER B 506 -6.96 -32.15 3.98
N PHE B 507 -7.04 -32.55 5.24
CA PHE B 507 -6.83 -33.94 5.69
C PHE B 507 -8.20 -34.53 6.01
N GLU B 508 -8.58 -35.57 5.25
CA GLU B 508 -9.93 -36.17 5.41
C GLU B 508 -9.75 -37.51 6.14
N PHE B 509 -10.38 -37.64 7.30
CA PHE B 509 -10.24 -38.82 8.18
C PHE B 509 -11.59 -39.54 8.26
N GLY B 510 -11.54 -40.86 8.42
CA GLY B 510 -12.74 -41.63 8.84
C GLY B 510 -13.21 -41.17 10.20
N LEU B 511 -14.52 -41.27 10.46
CA LEU B 511 -15.09 -40.89 11.77
C LEU B 511 -14.51 -41.70 12.92
N ASN B 512 -13.96 -42.90 12.71
CA ASN B 512 -13.41 -43.70 13.84
C ASN B 512 -11.95 -43.98 13.57
N THR B 513 -11.27 -43.09 12.85
CA THR B 513 -9.83 -43.25 12.54
C THR B 513 -9.03 -43.38 13.85
N THR B 514 -7.90 -44.05 13.79
CA THR B 514 -6.83 -44.00 14.82
C THR B 514 -5.55 -43.63 14.10
N ALA B 515 -5.63 -43.17 12.84
CA ALA B 515 -4.45 -42.70 12.09
C ALA B 515 -4.11 -41.27 12.55
N LYS B 516 -2.87 -40.88 12.30
CA LYS B 516 -2.38 -39.49 12.49
C LYS B 516 -1.80 -39.03 11.16
N ALA B 517 -1.87 -37.73 10.87
CA ALA B 517 -1.17 -37.21 9.69
C ALA B 517 -0.84 -35.73 9.93
N GLY B 518 0.03 -35.20 9.10
CA GLY B 518 0.35 -33.76 9.19
C GLY B 518 1.46 -33.42 8.28
N PHE B 519 2.25 -32.45 8.70
CA PHE B 519 3.34 -31.90 7.87
C PHE B 519 4.63 -31.92 8.68
N ARG B 520 5.71 -32.25 8.00
CA ARG B 520 7.09 -32.05 8.47
C ARG B 520 7.64 -30.81 7.76
N VAL B 521 8.29 -29.92 8.50
CA VAL B 521 8.87 -28.67 7.95
C VAL B 521 10.30 -28.50 8.46
N LEU B 522 11.03 -27.58 7.83
CA LEU B 522 12.42 -27.22 8.20
C LEU B 522 13.26 -28.52 8.33
N ALA B 523 13.21 -29.34 7.28
CA ALA B 523 13.61 -30.77 7.37
C ALA B 523 14.80 -31.07 6.47
N SER B 524 15.83 -31.63 7.07
CA SER B 524 16.89 -32.39 6.39
C SER B 524 16.89 -33.79 7.02
N GLU B 525 17.90 -34.60 6.71
CA GLU B 525 17.99 -35.95 7.34
C GLU B 525 18.17 -35.79 8.86
N GLU B 526 18.91 -34.77 9.31
CA GLU B 526 19.35 -34.70 10.73
C GLU B 526 18.54 -33.72 11.58
N GLU B 527 17.74 -32.83 10.98
CA GLU B 527 16.90 -31.85 11.71
C GLU B 527 15.54 -31.78 11.02
N TYR B 528 14.48 -31.72 11.79
CA TYR B 528 13.12 -31.59 11.23
C TYR B 528 12.20 -31.28 12.37
N THR B 529 11.05 -30.68 12.02
CA THR B 529 9.97 -30.34 12.95
C THR B 529 8.70 -31.01 12.45
N ASP B 530 7.98 -31.69 13.34
CA ASP B 530 6.82 -32.52 12.96
C ASP B 530 5.55 -31.92 13.50
N ILE B 531 4.60 -31.67 12.60
CA ILE B 531 3.26 -31.14 12.97
C ILE B 531 2.26 -32.27 12.74
N TRP B 532 1.68 -32.80 13.82
CA TRP B 532 0.78 -33.97 13.78
C TRP B 532 -0.62 -33.54 14.18
N PHE B 533 -1.63 -34.09 13.53
CA PHE B 533 -2.98 -34.11 14.13
C PHE B 533 -3.36 -35.58 14.38
N ASP B 534 -3.90 -35.84 15.55
CA ASP B 534 -4.32 -37.19 16.01
C ASP B 534 -5.78 -37.09 16.35
N PRO B 535 -6.69 -37.34 15.38
CA PRO B 535 -8.12 -37.15 15.64
C PRO B 535 -8.65 -37.91 16.86
N ALA B 536 -8.10 -39.09 17.15
CA ALA B 536 -8.64 -39.93 18.26
C ALA B 536 -8.42 -39.21 19.61
N SER B 537 -7.29 -38.51 19.78
CA SER B 537 -7.00 -37.68 21.00
C SER B 537 -7.47 -36.21 20.90
N GLU B 538 -7.74 -35.71 19.69
CA GLU B 538 -8.14 -34.31 19.38
C GLU B 538 -6.95 -33.39 19.60
N ASN B 539 -5.74 -33.91 19.47
CA ASN B 539 -4.50 -33.15 19.74
C ASN B 539 -3.81 -32.82 18.43
N LEU B 540 -3.52 -31.52 18.24
CA LEU B 540 -2.54 -31.02 17.25
C LEU B 540 -1.25 -30.77 18.01
N THR B 541 -0.17 -31.41 17.61
CA THR B 541 1.11 -31.34 18.32
C THR B 541 2.20 -30.88 17.36
N VAL B 542 3.16 -30.17 17.90
CA VAL B 542 4.42 -29.89 17.19
C VAL B 542 5.52 -30.55 18.01
N VAL B 543 6.16 -31.54 17.41
CA VAL B 543 7.24 -32.29 18.07
C VAL B 543 8.56 -31.72 17.59
N ARG B 544 9.38 -31.29 18.53
CA ARG B 544 10.63 -30.50 18.31
C ARG B 544 11.85 -31.18 18.92
N THR B 545 11.76 -32.49 19.20
CA THR B 545 12.91 -33.25 19.69
C THR B 545 14.03 -33.27 18.63
N ALA B 546 13.74 -33.17 17.33
CA ALA B 546 14.80 -33.12 16.30
C ALA B 546 14.85 -31.75 15.59
N SER B 547 14.17 -30.72 16.12
CA SER B 547 14.06 -29.42 15.39
C SER B 547 15.47 -28.86 15.12
N SER B 548 16.40 -29.03 16.05
CA SER B 548 17.75 -28.44 15.92
C SER B 548 18.84 -29.34 16.53
N LEU B 549 20.02 -29.34 15.93
CA LEU B 549 21.26 -29.90 16.55
C LEU B 549 21.73 -28.98 17.68
N ILE B 550 21.28 -27.71 17.71
CA ILE B 550 21.66 -26.76 18.80
C ILE B 550 20.82 -27.09 20.02
N LYS B 551 21.48 -27.53 21.09
CA LYS B 551 20.77 -28.16 22.24
C LYS B 551 20.16 -27.13 23.20
N SER B 552 20.60 -25.87 23.16
CA SER B 552 20.15 -24.86 24.16
C SER B 552 18.73 -24.33 23.86
N PHE B 553 18.19 -24.52 22.64
CA PHE B 553 16.81 -24.08 22.31
C PHE B 553 15.79 -25.03 22.92
N GLY B 554 14.59 -24.54 23.22
CA GLY B 554 13.46 -25.33 23.71
C GLY B 554 13.12 -26.46 22.76
N ASN B 555 12.74 -27.62 23.30
CA ASN B 555 12.41 -28.80 22.46
C ASN B 555 11.14 -29.47 22.96
N ASP B 556 10.36 -28.78 23.77
CA ASP B 556 9.10 -29.33 24.34
C ASP B 556 8.07 -29.42 23.21
N THR B 557 7.14 -30.37 23.33
CA THR B 557 6.07 -30.65 22.35
C THR B 557 4.97 -29.62 22.54
N GLU B 558 4.60 -28.91 21.48
CA GLU B 558 3.49 -27.96 21.56
C GLU B 558 2.21 -28.77 21.41
N LEU B 559 1.13 -28.28 22.00
CA LEU B 559 -0.19 -28.94 21.92
C LEU B 559 -1.33 -27.94 21.86
N ALA B 560 -2.25 -28.17 20.91
CA ALA B 560 -3.55 -27.49 20.81
C ALA B 560 -4.62 -28.57 20.77
N LYS B 561 -5.77 -28.27 21.34
CA LYS B 561 -6.99 -29.11 21.15
C LYS B 561 -7.69 -28.61 19.89
N VAL B 562 -8.12 -29.50 19.02
CA VAL B 562 -8.93 -29.13 17.83
C VAL B 562 -10.15 -30.01 17.77
N LYS B 563 -11.33 -29.40 17.78
CA LYS B 563 -12.60 -30.12 17.62
C LYS B 563 -12.93 -30.19 16.12
N LEU B 564 -12.93 -31.39 15.54
CA LEU B 564 -13.52 -31.59 14.20
C LEU B 564 -15.03 -31.76 14.37
N TYR B 565 -15.80 -30.71 14.09
CA TYR B 565 -17.28 -30.71 14.11
C TYR B 565 -17.75 -31.60 12.95
N GLU B 566 -18.30 -32.77 13.26
CA GLU B 566 -18.74 -33.74 12.23
C GLU B 566 -20.05 -33.25 11.63
N ILE B 567 -20.19 -33.32 10.30
CA ILE B 567 -21.42 -32.79 9.64
C ILE B 567 -22.43 -33.95 9.44
N VAL B 568 -23.70 -33.68 9.69
CA VAL B 568 -24.83 -34.64 9.48
C VAL B 568 -24.70 -35.21 8.06
N GLY B 569 -24.67 -36.53 7.96
CA GLY B 569 -24.63 -37.24 6.67
C GLY B 569 -23.23 -37.45 6.15
N ALA B 570 -22.20 -36.86 6.78
CA ALA B 570 -20.80 -37.08 6.36
C ALA B 570 -20.32 -38.42 6.91
N GLU B 571 -19.46 -39.10 6.18
CA GLU B 571 -18.81 -40.34 6.66
C GLU B 571 -17.34 -40.06 6.86
N SER B 572 -16.99 -38.78 7.03
CA SER B 572 -15.59 -38.35 7.23
C SER B 572 -15.59 -37.02 7.99
N LYS B 573 -14.41 -36.65 8.47
CA LYS B 573 -14.18 -35.39 9.21
C LYS B 573 -12.88 -34.81 8.68
N THR B 574 -12.84 -33.48 8.52
CA THR B 574 -11.77 -32.78 7.76
C THR B 574 -11.07 -31.73 8.65
N LEU B 575 -9.73 -31.79 8.63
CA LEU B 575 -8.83 -30.78 9.19
C LEU B 575 -8.24 -29.98 8.02
N ASN B 576 -8.50 -28.67 7.99
CA ASN B 576 -7.82 -27.76 7.04
C ASN B 576 -6.67 -27.11 7.80
N LEU B 577 -5.45 -27.39 7.38
CA LEU B 577 -4.22 -26.97 8.08
C LEU B 577 -3.44 -26.04 7.15
N THR B 578 -3.13 -24.83 7.61
CA THR B 578 -2.16 -23.92 6.95
C THR B 578 -0.96 -23.68 7.88
N VAL B 579 0.24 -23.75 7.34
CA VAL B 579 1.49 -23.56 8.11
C VAL B 579 2.32 -22.47 7.40
N PHE B 580 2.76 -21.49 8.18
CA PHE B 580 3.73 -20.46 7.76
C PHE B 580 5.05 -20.76 8.45
N VAL B 581 6.09 -20.87 7.64
CA VAL B 581 7.49 -21.05 8.06
C VAL B 581 8.22 -19.77 7.69
N ASP B 582 8.78 -19.08 8.68
CA ASP B 582 9.36 -17.75 8.47
C ASP B 582 10.59 -17.60 9.35
N GLY B 583 11.75 -17.98 8.84
CA GLY B 583 12.99 -18.02 9.64
C GLY B 583 12.88 -19.11 10.68
N SER B 584 12.65 -18.72 11.92
CA SER B 584 12.48 -19.65 13.06
C SER B 584 11.01 -19.75 13.45
N VAL B 585 10.13 -18.87 12.92
CA VAL B 585 8.70 -18.97 13.29
C VAL B 585 8.01 -20.09 12.51
N ILE B 586 7.25 -20.90 13.25
CA ILE B 586 6.26 -21.84 12.64
C ILE B 586 4.91 -21.41 13.16
N GLU B 587 4.02 -20.97 12.27
CA GLU B 587 2.71 -20.47 12.69
C GLU B 587 1.62 -21.29 11.99
N ILE B 588 0.77 -21.93 12.79
CA ILE B 588 -0.17 -22.99 12.33
C ILE B 588 -1.57 -22.49 12.55
N TYR B 589 -2.42 -22.66 11.54
CA TYR B 589 -3.84 -22.32 11.61
C TYR B 589 -4.63 -23.57 11.20
N ALA B 590 -5.63 -23.94 12.00
CA ALA B 590 -6.55 -25.05 11.67
C ALA B 590 -7.99 -24.54 11.62
N ASN B 591 -8.67 -24.81 10.51
CA ASN B 591 -10.12 -24.61 10.37
C ASN B 591 -10.52 -23.17 10.70
N ASP B 592 -9.65 -22.20 10.46
CA ASP B 592 -9.93 -20.77 10.74
C ASP B 592 -10.37 -20.59 12.20
N GLU B 593 -9.78 -21.35 13.12
CA GLU B 593 -10.28 -21.36 14.50
C GLU B 593 -9.08 -21.48 15.45
N VAL B 594 -8.22 -22.45 15.20
CA VAL B 594 -7.13 -22.83 16.12
C VAL B 594 -5.83 -22.28 15.59
N ALA B 595 -5.06 -21.59 16.45
CA ALA B 595 -3.75 -21.05 16.06
C ALA B 595 -2.69 -21.59 17.02
N LEU B 596 -1.51 -21.87 16.49
CA LEU B 596 -0.38 -22.34 17.31
C LEU B 596 0.89 -21.77 16.71
N SER B 597 1.57 -20.88 17.45
CA SER B 597 2.86 -20.27 17.04
C SER B 597 4.00 -20.94 17.80
N THR B 598 5.06 -21.31 17.13
CA THR B 598 6.22 -21.88 17.85
C THR B 598 7.49 -21.49 17.13
N ARG B 599 8.59 -22.05 17.60
CA ARG B 599 9.93 -21.69 17.11
C ARG B 599 10.74 -22.95 16.84
N ALA B 600 11.52 -22.94 15.78
CA ALA B 600 12.48 -24.01 15.45
C ALA B 600 13.72 -23.37 14.90
N TYR B 601 14.87 -23.79 15.38
CA TYR B 601 16.16 -23.18 15.01
C TYR B 601 17.15 -24.21 14.48
N PRO B 602 16.84 -24.95 13.38
CA PRO B 602 17.81 -25.86 12.79
C PRO B 602 19.05 -25.10 12.36
N TRP B 603 20.21 -25.73 12.57
CA TRP B 603 21.50 -25.15 12.15
C TRP B 603 21.80 -25.35 10.67
N LEU B 604 21.51 -26.52 10.11
CA LEU B 604 22.06 -26.85 8.76
C LEU B 604 21.35 -26.04 7.68
N ALA B 605 22.11 -25.56 6.71
CA ALA B 605 21.58 -24.77 5.58
C ALA B 605 20.53 -25.57 4.82
N ASN B 606 20.61 -26.90 4.76
CA ASN B 606 19.62 -27.65 3.93
C ASN B 606 18.48 -28.14 4.82
N SER B 607 18.31 -27.66 6.05
CA SER B 607 17.13 -28.04 6.87
C SER B 607 15.94 -27.15 6.50
N THR B 608 15.47 -27.25 5.25
CA THR B 608 14.39 -26.38 4.71
C THR B 608 13.27 -27.21 4.12
N GLY B 609 13.44 -28.53 4.04
CA GLY B 609 12.50 -29.38 3.30
C GLY B 609 11.17 -29.55 4.02
N ALA B 610 10.19 -30.08 3.29
CA ALA B 610 8.84 -30.28 3.82
C ALA B 610 8.11 -31.40 3.08
N GLY B 611 7.14 -31.99 3.77
CA GLY B 611 6.28 -33.02 3.20
C GLY B 611 5.25 -33.51 4.19
N LEU B 612 4.63 -34.63 3.85
CA LEU B 612 3.48 -35.21 4.56
C LEU B 612 3.98 -36.24 5.58
N LEU B 613 3.33 -36.24 6.74
CA LEU B 613 3.53 -37.21 7.84
C LEU B 613 2.32 -38.13 7.87
N ALA B 614 2.55 -39.40 8.17
CA ALA B 614 1.54 -40.46 8.23
C ALA B 614 1.93 -41.45 9.32
N ASP B 615 1.00 -41.78 10.19
CA ASP B 615 1.17 -42.83 11.24
C ASP B 615 -0.11 -43.64 11.33
N GLY B 616 0.01 -44.97 11.30
CA GLY B 616 -1.17 -45.84 11.47
C GLY B 616 -2.06 -45.79 10.25
N THR B 617 -1.54 -45.41 9.07
CA THR B 617 -2.40 -45.42 7.86
C THR B 617 -2.32 -46.82 7.25
N THR B 618 -3.46 -47.33 6.83
CA THR B 618 -3.59 -48.72 6.30
C THR B 618 -4.54 -48.73 5.11
N ALA B 619 -4.75 -49.91 4.51
CA ALA B 619 -5.76 -50.09 3.44
C ALA B 619 -7.14 -49.74 4.01
N GLY B 620 -7.40 -50.00 5.30
CA GLY B 620 -8.72 -49.76 5.93
C GLY B 620 -8.83 -48.46 6.70
N ASP B 621 -7.72 -47.77 7.04
CA ASP B 621 -7.74 -46.48 7.77
C ASP B 621 -6.92 -45.50 6.93
N VAL B 622 -7.60 -44.86 5.97
CA VAL B 622 -6.94 -44.06 4.90
C VAL B 622 -7.10 -42.56 5.25
N VAL B 623 -6.05 -41.78 5.11
CA VAL B 623 -6.18 -40.30 5.26
C VAL B 623 -6.12 -39.69 3.86
N GLY B 624 -7.18 -39.04 3.42
CA GLY B 624 -7.22 -38.38 2.10
C GLY B 624 -6.71 -36.96 2.21
N VAL B 625 -5.63 -36.64 1.51
CA VAL B 625 -5.01 -35.29 1.56
C VAL B 625 -5.26 -34.62 0.20
N SER B 626 -5.88 -33.44 0.22
CA SER B 626 -6.19 -32.68 -1.01
C SER B 626 -5.96 -31.18 -0.76
N GLY B 627 -6.12 -30.36 -1.80
CA GLY B 627 -5.90 -28.91 -1.73
C GLY B 627 -4.46 -28.61 -1.29
N LEU B 628 -3.49 -29.47 -1.63
CA LEU B 628 -2.09 -29.27 -1.21
C LEU B 628 -1.44 -28.15 -2.06
N GLU B 629 -0.82 -27.20 -1.39
CA GLU B 629 -0.10 -26.11 -2.07
C GLU B 629 1.11 -25.71 -1.23
N LEU B 630 2.22 -25.47 -1.91
CA LEU B 630 3.45 -24.88 -1.35
C LEU B 630 3.59 -23.48 -1.96
N TRP B 631 3.74 -22.47 -1.10
CA TRP B 631 4.14 -21.10 -1.51
C TRP B 631 5.59 -20.90 -1.06
N ASP B 632 6.52 -20.93 -1.99
CA ASP B 632 7.95 -20.73 -1.68
C ASP B 632 8.34 -19.25 -1.85
N GLY B 633 8.74 -18.62 -0.74
CA GLY B 633 9.36 -17.27 -0.74
C GLY B 633 8.63 -16.26 0.11
N LEU B 634 7.31 -16.30 0.13
CA LEU B 634 6.43 -15.29 0.78
C LEU B 634 6.87 -13.90 0.29
N VAL B 635 6.92 -12.91 1.18
CA VAL B 635 7.18 -11.49 0.84
C VAL B 635 8.31 -11.01 1.73
N ASP B 636 9.15 -10.11 1.24
CA ASP B 636 10.08 -9.28 2.04
C ASP B 636 9.23 -8.21 2.77
N ALA B 637 8.93 -8.39 4.06
CA ALA B 637 8.03 -7.49 4.80
C ALA B 637 8.67 -6.11 5.03
N TRP B 638 9.99 -5.99 4.93
CA TRP B 638 10.72 -4.74 5.27
C TRP B 638 11.65 -4.37 4.14
N PRO B 639 11.12 -4.00 2.96
CA PRO B 639 11.97 -3.82 1.79
C PRO B 639 13.04 -2.76 1.95
N ALA B 640 12.83 -1.74 2.77
CA ALA B 640 13.85 -0.67 2.89
C ALA B 640 14.98 -1.11 3.82
N ARG B 641 14.79 -2.16 4.61
CA ARG B 641 15.84 -2.58 5.56
C ARG B 641 16.87 -3.44 4.85
N PRO B 642 18.17 -3.23 5.10
CA PRO B 642 19.19 -4.20 4.67
C PRO B 642 19.02 -5.50 5.48
N ALA B 643 19.76 -6.54 5.12
CA ALA B 643 19.64 -7.87 5.77
C ALA B 643 20.07 -7.77 7.23
N ASN B 644 21.10 -6.99 7.52
CA ASN B 644 21.63 -6.85 8.89
C ASN B 644 21.33 -5.43 9.38
N THR B 645 20.30 -5.26 10.22
CA THR B 645 19.93 -3.95 10.80
C THR B 645 20.42 -3.86 12.24
N SER B 646 21.33 -4.73 12.66
CA SER B 646 21.96 -4.59 13.99
C SER B 646 22.63 -3.22 14.09
N GLN B 647 22.57 -2.62 15.27
CA GLN B 647 23.42 -1.43 15.58
C GLN B 647 24.38 -1.79 16.73
N GLY B 648 24.58 -3.07 17.00
CA GLY B 648 25.37 -3.48 18.16
C GLY B 648 24.53 -3.53 19.41
N LEU B 649 25.10 -4.07 20.48
CA LEU B 649 24.44 -4.18 21.78
C LEU B 649 25.24 -3.39 22.80
N VAL B 650 24.58 -2.91 23.84
CA VAL B 650 25.23 -2.11 24.88
C VAL B 650 24.84 -2.66 26.24
N TRP B 651 25.69 -2.34 27.24
CA TRP B 651 25.43 -2.63 28.65
C TRP B 651 25.12 -1.33 29.39
N ASP B 652 24.11 -1.34 30.24
CA ASP B 652 23.75 -0.17 31.07
C ASP B 652 24.81 0.11 32.14
N GLY B 653 25.66 -0.86 32.43
CA GLY B 653 26.72 -0.70 33.44
C GLY B 653 26.24 -1.02 34.86
N PRO B 654 27.10 -0.77 35.86
CA PRO B 654 26.82 -1.19 37.23
C PRO B 654 25.58 -0.56 37.87
N THR B 655 25.09 0.59 37.37
CA THR B 655 23.89 1.23 37.95
C THR B 655 22.64 0.39 37.64
N ALA B 656 22.66 -0.48 36.64
CA ALA B 656 21.43 -1.27 36.34
C ALA B 656 21.03 -2.05 37.59
N ALA B 657 21.99 -2.69 38.24
CA ALA B 657 21.79 -3.50 39.46
C ALA B 657 21.48 -2.57 40.64
N MET B 658 22.03 -1.36 40.70
CA MET B 658 21.69 -0.42 41.79
C MET B 658 20.24 0.01 41.69
N TYR B 659 19.77 0.40 40.52
CA TYR B 659 18.36 0.86 40.35
C TYR B 659 17.43 -0.34 40.49
N GLY B 660 17.85 -1.52 40.02
CA GLY B 660 17.11 -2.78 40.12
C GLY B 660 15.88 -2.85 39.23
N LEU B 661 15.76 -2.03 38.19
CA LEU B 661 14.51 -1.99 37.37
C LEU B 661 14.64 -2.87 36.12
N PHE B 662 15.82 -2.87 35.50
CA PHE B 662 16.10 -3.48 34.19
C PHE B 662 17.31 -4.41 34.33
N ALA B 663 17.37 -5.50 33.55
CA ALA B 663 18.55 -6.41 33.57
C ALA B 663 19.81 -5.60 33.22
N GLY B 664 19.71 -4.71 32.23
CA GLY B 664 20.78 -3.79 31.82
C GLY B 664 21.47 -4.23 30.54
N TYR B 665 21.01 -5.32 29.93
CA TYR B 665 21.56 -5.79 28.63
C TYR B 665 20.44 -6.33 27.75
C1 NAG C . -10.17 35.71 -3.46
C2 NAG C . -9.97 36.43 -2.16
C3 NAG C . -9.30 37.78 -2.46
C4 NAG C . -7.92 37.50 -3.11
C5 NAG C . -8.16 36.65 -4.37
C6 NAG C . -6.79 36.21 -4.92
C7 NAG C . -11.51 36.34 -0.23
C8 NAG C . -12.86 36.83 0.30
N2 NAG C . -11.25 36.69 -1.47
O3 NAG C . -9.06 38.47 -1.25
O4 NAG C . -7.24 38.74 -3.29
O5 NAG C . -8.84 35.49 -3.96
O6 NAG C . -6.91 35.86 -6.26
O7 NAG C . -10.71 35.69 0.45
C1 NAG C . -7.64 39.55 -4.37
C2 NAG C . -7.25 41.02 -4.10
C3 NAG C . -7.62 41.91 -5.25
C4 NAG C . -7.01 41.32 -6.50
C5 NAG C . -7.37 39.80 -6.69
C6 NAG C . -6.75 39.10 -7.89
C7 NAG C . -7.27 41.47 -1.68
C8 NAG C . -5.88 41.14 -1.59
N2 NAG C . -7.86 41.40 -2.87
O3 NAG C . -7.08 43.22 -4.95
O4 NAG C . -7.52 42.00 -7.69
O5 NAG C . -7.05 39.06 -5.55
O6 NAG C . -7.34 37.77 -8.09
O7 NAG C . -7.86 41.72 -0.61
C1 BMA C . -6.65 42.98 -8.27
C2 BMA C . -6.96 43.12 -9.73
C3 BMA C . -6.13 44.24 -10.34
C4 BMA C . -6.28 45.48 -9.50
C5 BMA C . -6.06 45.31 -8.04
C6 BMA C . -6.46 46.66 -7.43
O2 BMA C . -8.37 43.43 -9.76
O3 BMA C . -6.56 44.55 -11.67
O4 BMA C . -5.30 46.40 -9.89
O5 BMA C . -6.85 44.18 -7.54
O6 BMA C . -6.40 46.40 -6.04
C1 MAN C . -6.68 47.46 -5.07
C2 MAN C . -6.03 47.09 -3.67
C3 MAN C . -6.84 46.03 -2.86
C4 MAN C . -8.35 46.36 -2.91
C5 MAN C . -8.88 46.70 -4.35
C6 MAN C . -10.40 47.04 -4.48
O2 MAN C . -5.83 48.20 -2.77
O3 MAN C . -6.40 45.89 -1.47
O4 MAN C . -8.99 45.22 -2.36
O5 MAN C . -8.10 47.75 -4.97
O6 MAN C . -11.01 47.68 -3.35
C1 MAN C . -5.50 44.77 -1.17
C2 MAN C . -5.34 44.44 0.32
C3 MAN C . -4.56 45.57 1.02
C4 MAN C . -3.21 45.81 0.33
C5 MAN C . -3.40 46.08 -1.15
C6 MAN C . -2.07 46.24 -1.90
O2 MAN C . -4.75 43.11 0.55
O3 MAN C . -4.37 45.26 2.40
O4 MAN C . -2.47 46.90 0.90
O5 MAN C . -4.17 45.00 -1.70
O6 MAN C . -2.35 47.07 -3.05
C1 MAN C . -6.08 43.73 -12.77
C2 MAN C . -6.11 44.59 -14.05
C3 MAN C . -7.56 45.01 -14.27
C4 MAN C . -8.52 43.81 -14.32
C5 MAN C . -8.31 42.87 -13.13
C6 MAN C . -9.21 41.61 -13.20
O2 MAN C . -5.66 43.85 -15.21
O3 MAN C . -7.71 45.76 -15.47
O4 MAN C . -9.86 44.31 -14.31
O5 MAN C . -6.90 42.57 -12.99
O6 MAN C . -8.71 40.64 -14.14
C1 NAG D . 7.57 30.79 -2.55
C2 NAG D . 7.09 32.12 -1.84
C3 NAG D . 7.65 32.33 -0.46
C4 NAG D . 7.38 31.09 0.35
C5 NAG D . 7.96 29.90 -0.42
C6 NAG D . 7.88 28.60 0.37
C7 NAG D . 6.51 33.83 -3.53
C8 NAG D . 7.09 34.80 -4.50
N2 NAG D . 7.40 33.28 -2.68
O3 NAG D . 7.11 33.52 0.14
O4 NAG D . 8.06 31.29 1.59
O5 NAG D . 7.32 29.71 -1.69
O6 NAG D . 6.54 28.24 0.54
O7 NAG D . 5.28 33.57 -3.55
C1 NAG D . 7.27 30.88 2.72
C2 NAG D . 8.11 30.92 3.95
C3 NAG D . 7.27 30.72 5.20
C4 NAG D . 6.04 31.63 5.24
C5 NAG D . 5.27 31.50 3.93
C6 NAG D . 4.03 32.44 3.86
C7 NAG D . 10.39 30.03 3.40
C8 NAG D . 11.22 28.76 3.47
N2 NAG D . 9.14 29.85 3.88
O3 NAG D . 8.07 30.85 6.40
O4 NAG D . 5.17 31.08 6.26
O5 NAG D . 6.21 31.88 2.91
O6 NAG D . 4.50 33.77 4.10
O7 NAG D . 10.78 31.10 2.94
C1 BMA D . 5.19 31.91 7.42
C2 BMA D . 3.76 31.97 8.02
C3 BMA D . 3.73 32.65 9.38
C4 BMA D . 4.80 32.14 10.32
C5 BMA D . 6.12 32.15 9.56
C6 BMA D . 7.14 31.49 10.47
O2 BMA D . 3.41 30.63 8.28
O3 BMA D . 2.45 32.34 10.04
O4 BMA D . 4.88 33.00 11.44
O5 BMA D . 6.04 31.32 8.39
O6 BMA D . 8.43 31.61 9.75
C1 MAN D . 1.81 33.54 10.42
C2 MAN D . 0.59 33.19 11.28
C3 MAN D . -0.42 32.42 10.47
C4 MAN D . -0.95 33.30 9.36
C5 MAN D . 0.21 33.93 8.54
C6 MAN D . -0.28 35.24 7.88
O2 MAN D . 0.09 34.47 11.66
O3 MAN D . -1.50 32.13 11.30
O4 MAN D . -1.75 32.48 8.52
O5 MAN D . 1.35 34.29 9.32
O6 MAN D . 0.37 35.36 6.62
C1 MAN D . -0.10 34.47 13.11
C2 MAN D . -1.07 35.61 13.46
C3 MAN D . -0.33 36.92 13.29
C4 MAN D . 0.89 36.99 14.24
C5 MAN D . 1.81 35.74 14.14
C6 MAN D . 2.68 35.63 15.40
O2 MAN D . -1.62 35.49 14.79
O3 MAN D . -1.30 37.93 13.48
O4 MAN D . 1.68 38.16 13.97
O5 MAN D . 1.09 34.50 13.94
O6 MAN D . 2.89 34.25 15.74
C1 MAN D . -2.48 34.30 14.89
C2 MAN D . -3.88 34.82 15.06
C3 MAN D . -3.94 35.41 16.48
C4 MAN D . -3.56 34.39 17.57
C5 MAN D . -2.17 33.80 17.29
C6 MAN D . -1.74 32.77 18.37
O2 MAN D . -4.75 33.72 14.80
O3 MAN D . -5.23 35.97 16.68
O4 MAN D . -3.52 35.00 18.87
O5 MAN D . -2.19 33.31 15.92
O6 MAN D . -1.30 31.51 17.84
C1 MAN D . 9.47 31.20 10.64
C2 MAN D . 10.77 31.38 9.79
C3 MAN D . 10.89 30.38 8.63
C4 MAN D . 10.67 28.97 9.15
C5 MAN D . 9.27 28.95 9.83
C6 MAN D . 8.79 27.60 10.24
O2 MAN D . 11.88 31.10 10.67
O3 MAN D . 12.22 30.40 8.04
O4 MAN D . 10.65 28.04 8.06
O5 MAN D . 9.32 29.84 10.98
O6 MAN D . 9.68 27.25 11.29
C1 MAN D . 9.60 25.85 11.63
C2 MAN D . 10.36 25.64 12.97
C3 MAN D . 11.86 25.93 12.82
C4 MAN D . 12.48 25.14 11.67
C5 MAN D . 11.63 25.30 10.38
C6 MAN D . 12.20 24.50 9.23
O2 MAN D . 10.26 24.27 13.41
O3 MAN D . 12.56 25.56 14.02
O4 MAN D . 13.85 25.57 11.42
O5 MAN D . 10.21 24.97 10.64
O6 MAN D . 12.02 23.14 9.64
C1 MAN D . 9.13 23.98 14.23
C2 MAN D . 9.52 22.62 14.82
C3 MAN D . 9.34 21.48 13.77
C4 MAN D . 8.06 21.58 12.92
C5 MAN D . 7.84 23.00 12.40
C6 MAN D . 6.56 23.01 11.53
O2 MAN D . 8.84 22.50 16.07
O3 MAN D . 9.44 20.17 14.35
O4 MAN D . 8.08 20.73 11.74
O5 MAN D . 7.87 23.93 13.52
O6 MAN D . 6.22 24.35 11.17
C1 MAN D . 12.16 30.99 6.78
C2 MAN D . 13.49 30.71 6.06
C3 MAN D . 14.65 31.41 6.77
C4 MAN D . 14.42 32.93 6.85
C5 MAN D . 13.05 33.16 7.53
C6 MAN D . 12.63 34.63 7.55
O2 MAN D . 13.40 31.14 4.67
O3 MAN D . 15.87 31.18 6.01
O4 MAN D . 15.41 33.60 7.64
O5 MAN D . 12.00 32.43 6.87
O6 MAN D . 11.37 34.69 8.27
C1 NAG E . -9.39 -6.44 -27.44
C2 NAG E . -8.13 -6.87 -28.17
C3 NAG E . -8.12 -8.39 -28.20
C4 NAG E . -8.25 -8.95 -26.81
C5 NAG E . -9.54 -8.44 -26.16
C6 NAG E . -9.88 -8.88 -24.72
C7 NAG E . -7.32 -5.36 -29.97
C8 NAG E . -7.52 -5.07 -31.43
N2 NAG E . -8.11 -6.38 -29.54
O3 NAG E . -6.92 -8.78 -28.82
O4 NAG E . -8.29 -10.37 -27.00
O5 NAG E . -9.37 -7.02 -26.14
O6 NAG E . -8.77 -8.52 -23.89
O7 NAG E . -6.53 -4.72 -29.24
C1 NAG E . -7.17 -11.04 -26.38
C2 NAG E . -7.50 -12.53 -26.21
C3 NAG E . -6.27 -13.16 -25.57
C4 NAG E . -5.08 -12.95 -26.54
C5 NAG E . -4.78 -11.44 -26.56
C6 NAG E . -3.55 -11.06 -27.40
C7 NAG E . -10.00 -12.64 -26.00
C8 NAG E . -10.23 -12.72 -27.50
N2 NAG E . -8.74 -12.66 -25.45
O3 NAG E . -6.51 -14.53 -25.30
O4 NAG E . -3.90 -13.71 -26.22
O5 NAG E . -5.95 -10.81 -27.11
O6 NAG E . -3.71 -11.59 -28.71
O7 NAG E . -10.99 -12.50 -25.28
C1 NAG F . 28.39 -7.04 23.13
C2 NAG F . 29.46 -5.98 23.16
C3 NAG F . 29.80 -5.61 24.58
C4 NAG F . 28.51 -5.21 25.31
C5 NAG F . 27.44 -6.31 25.22
C6 NAG F . 26.10 -5.87 25.81
C7 NAG F . 31.16 -5.77 21.40
C8 NAG F . 32.48 -6.28 20.84
N2 NAG F . 30.66 -6.43 22.45
O3 NAG F . 30.64 -4.45 24.54
O4 NAG F . 28.78 -4.79 26.66
O5 NAG F . 27.25 -6.61 23.83
O6 NAG F . 25.29 -6.98 26.17
O7 NAG F . 30.63 -4.80 20.92
C1 NAG F . 29.11 -5.82 27.56
C2 NAG F . 30.01 -5.23 28.68
C3 NAG F . 30.31 -6.28 29.71
C4 NAG F . 29.00 -6.86 30.18
C5 NAG F . 28.11 -7.34 29.00
C6 NAG F . 26.72 -7.76 29.46
C7 NAG F . 31.47 -3.39 27.84
C8 NAG F . 32.79 -3.12 27.17
N2 NAG F . 31.25 -4.68 28.12
O3 NAG F . 30.94 -5.62 30.82
O4 NAG F . 29.20 -8.02 30.99
O5 NAG F . 27.95 -6.32 28.07
O6 NAG F . 26.05 -8.38 28.34
O7 NAG F . 30.63 -2.50 28.05
C1 BMA F . 29.09 -7.78 32.39
C2 BMA F . 28.73 -9.09 33.09
C3 BMA F . 28.65 -8.83 34.60
C4 BMA F . 29.96 -8.32 35.10
C5 BMA F . 30.39 -7.08 34.38
C6 BMA F . 31.80 -6.84 34.91
O2 BMA F . 29.72 -10.07 32.80
O3 BMA F . 28.35 -9.99 35.37
O4 BMA F . 29.78 -7.96 36.46
O5 BMA F . 30.31 -7.23 32.91
O6 BMA F . 32.29 -5.80 34.08
C1 MAN F . 33.68 -5.36 34.23
C2 MAN F . 33.75 -3.91 33.63
C3 MAN F . 33.79 -3.89 32.08
C4 MAN F . 34.87 -4.86 31.56
C5 MAN F . 34.67 -6.28 32.18
C6 MAN F . 35.71 -7.32 31.69
O2 MAN F . 34.87 -3.16 34.15
O3 MAN F . 34.06 -2.57 31.53
O4 MAN F . 34.83 -4.83 30.13
O5 MAN F . 34.65 -6.26 33.64
O6 MAN F . 37.05 -6.84 31.75
C1 MAN F . 32.93 -1.86 30.95
C2 MAN F . 33.45 -0.79 29.98
C3 MAN F . 34.12 0.38 30.73
C4 MAN F . 33.18 0.94 31.80
C5 MAN F . 32.63 -0.16 32.71
C6 MAN F . 31.55 0.40 33.65
O2 MAN F . 32.39 -0.29 29.14
O3 MAN F . 34.48 1.43 29.84
O4 MAN F . 33.85 1.98 32.53
O5 MAN F . 32.07 -1.25 31.94
O6 MAN F . 31.60 -0.34 34.87
C1 MAN F . 26.99 -10.42 35.18
C2 MAN F . 26.36 -10.79 36.54
C3 MAN F . 27.05 -12.03 37.08
C4 MAN F . 27.40 -13.10 36.02
C5 MAN F . 27.87 -12.55 34.68
C6 MAN F . 28.05 -13.62 33.60
O2 MAN F . 24.95 -11.09 36.48
O3 MAN F . 26.11 -12.47 38.06
O4 MAN F . 28.49 -13.93 36.43
O5 MAN F . 26.96 -11.52 34.26
O6 MAN F . 26.87 -13.70 32.78
C1 NAG G . 15.47 5.27 27.39
C2 NAG G . 16.96 5.50 27.81
C3 NAG G . 17.37 6.94 27.57
C4 NAG G . 17.10 7.27 26.10
C5 NAG G . 15.61 7.02 25.83
C6 NAG G . 15.12 7.42 24.43
C7 NAG G . 17.60 4.01 29.64
C8 NAG G . 17.44 3.75 31.10
N2 NAG G . 17.09 5.17 29.22
O3 NAG G . 18.78 7.14 27.88
O4 NAG G . 17.44 8.69 25.91
O5 NAG G . 15.31 5.64 26.03
O6 NAG G . 15.75 6.63 23.44
O7 NAG G . 18.12 3.19 28.89
C1 NAG G . 18.14 8.89 24.70
C2 NAG G . 18.22 10.40 24.49
C3 NAG G . 19.17 10.72 23.31
C4 NAG G . 20.53 10.00 23.42
C5 NAG G . 20.26 8.51 23.63
C6 NAG G . 21.54 7.65 23.74
C7 NAG G . 16.09 11.49 25.18
C8 NAG G . 14.74 12.03 24.66
N2 NAG G . 16.89 10.96 24.23
O3 NAG G . 19.30 12.18 23.19
O4 NAG G . 21.15 10.09 22.13
O5 NAG G . 19.45 8.30 24.82
O6 NAG G . 22.26 8.20 24.85
O7 NAG G . 16.34 11.52 26.38
C1 BMA G . 22.25 10.99 22.12
C2 BMA G . 23.25 10.44 21.12
C3 BMA G . 24.38 11.48 20.98
C4 BMA G . 23.89 12.87 20.68
C5 BMA G . 22.82 13.22 21.70
C6 BMA G . 22.29 14.53 21.27
O2 BMA G . 22.57 10.34 19.88
O3 BMA G . 25.20 11.07 19.88
O4 BMA G . 24.97 13.80 20.75
O5 BMA G . 21.77 12.22 21.65
O6 BMA G . 21.21 14.86 22.21
C1 MAN G . 26.59 10.94 20.25
C2 MAN G . 27.44 10.77 18.99
C3 MAN G . 27.10 9.48 18.31
C4 MAN G . 27.32 8.33 19.27
C5 MAN G . 26.55 8.54 20.59
C6 MAN G . 26.98 7.49 21.64
O2 MAN G . 28.80 10.74 19.46
O3 MAN G . 27.94 9.34 17.18
O4 MAN G . 26.89 7.14 18.61
O5 MAN G . 26.82 9.85 21.11
O6 MAN G . 26.24 7.59 22.89
C1 MAN G . 29.62 11.67 18.69
C2 MAN G . 31.08 11.35 19.05
C3 MAN G . 31.34 11.75 20.50
C4 MAN G . 31.16 13.28 20.60
C5 MAN G . 29.78 13.73 20.08
C6 MAN G . 29.81 15.26 19.94
O2 MAN G . 32.01 12.06 18.20
O3 MAN G . 32.66 11.29 20.80
O4 MAN G . 31.36 13.77 21.94
O5 MAN G . 29.37 13.09 18.83
O6 MAN G . 29.20 15.68 18.71
C1 MAN G . 32.72 11.15 17.32
C2 MAN G . 33.87 11.95 16.69
C3 MAN G . 33.61 12.49 15.25
C4 MAN G . 32.32 12.02 14.53
C5 MAN G . 31.24 11.47 15.46
C6 MAN G . 30.05 10.88 14.70
O2 MAN G . 35.05 11.13 16.76
O3 MAN G . 34.73 12.22 14.40
O4 MAN G . 31.76 13.13 13.82
O5 MAN G . 31.87 10.53 16.33
O6 MAN G . 30.41 9.62 14.08
C1 MAN G . 20.76 16.19 22.01
C2 MAN G . 19.75 16.51 23.13
C3 MAN G . 18.49 15.62 23.07
C4 MAN G . 17.90 15.70 21.67
C5 MAN G . 19.00 15.27 20.64
C6 MAN G . 18.50 15.24 19.21
O2 MAN G . 19.37 17.87 23.02
O3 MAN G . 17.46 16.06 24.00
O4 MAN G . 16.71 14.91 21.55
O5 MAN G . 20.05 16.26 20.75
O6 MAN G . 18.12 16.60 18.90
C1 MAN G . 17.41 16.67 17.65
C2 MAN G . 17.52 18.13 17.16
C3 MAN G . 16.85 19.06 18.16
C4 MAN G . 15.41 18.59 18.41
C5 MAN G . 15.37 17.08 18.83
C6 MAN G . 13.99 16.50 19.18
O2 MAN G . 16.80 18.36 15.92
O3 MAN G . 16.89 20.38 17.61
O4 MAN G . 14.95 19.41 19.49
O5 MAN G . 16.02 16.28 17.81
O6 MAN G . 13.14 16.70 18.03
C1 MAN G . 17.54 18.08 14.70
C2 MAN G . 16.63 18.62 13.56
C3 MAN G . 15.39 17.68 13.38
C4 MAN G . 15.77 16.18 13.27
C5 MAN G . 16.74 15.78 14.41
C6 MAN G . 17.14 14.31 14.29
O2 MAN G . 17.45 18.86 12.41
O3 MAN G . 14.50 18.07 12.31
O4 MAN G . 14.60 15.33 13.35
O5 MAN G . 17.89 16.68 14.49
O6 MAN G . 18.10 14.06 15.33
C1 MAN G . 17.33 15.16 25.08
C2 MAN G . 16.06 15.54 25.84
C3 MAN G . 16.17 16.94 26.50
C4 MAN G . 17.39 16.89 27.44
C5 MAN G . 18.63 16.47 26.62
C6 MAN G . 19.85 16.35 27.47
O2 MAN G . 15.75 14.55 26.82
O3 MAN G . 14.97 17.19 27.25
O4 MAN G . 17.61 18.17 28.09
O5 MAN G . 18.44 15.18 26.00
O6 MAN G . 20.96 16.00 26.68
C1 NAG H . -11.96 -26.87 4.63
C2 NAG H . -13.30 -26.50 5.23
C3 NAG H . -14.36 -26.57 4.13
C4 NAG H . -13.91 -25.78 2.89
C5 NAG H . -12.55 -26.28 2.43
C6 NAG H . -11.99 -25.57 1.20
C7 NAG H . -13.54 -27.20 7.62
C8 NAG H . -13.86 -28.40 8.46
N2 NAG H . -13.55 -27.45 6.30
O3 NAG H . -15.57 -26.02 4.64
O4 NAG H . -14.85 -26.00 1.81
O5 NAG H . -11.65 -26.06 3.51
O6 NAG H . -11.89 -24.18 1.52
O7 NAG H . -13.33 -26.13 8.14
C1 NAG H . -15.62 -24.83 1.44
C2 NAG H . -16.36 -25.15 0.12
C3 NAG H . -17.40 -24.05 -0.14
C4 NAG H . -18.34 -23.96 1.06
C5 NAG H . -17.56 -23.50 2.30
C6 NAG H . -18.45 -23.41 3.54
C7 NAG H . -14.79 -26.41 -1.40
C8 NAG H . -13.69 -26.26 -2.41
N2 NAG H . -15.38 -25.27 -0.99
O3 NAG H . -18.18 -24.32 -1.32
O4 NAG H . -19.45 -23.08 0.79
O5 NAG H . -16.46 -24.41 2.53
O6 NAG H . -18.82 -24.74 3.98
O7 NAG H . -15.10 -27.50 -0.95
C1 FRU I . 6.26 21.94 -19.01
C2 FRU I . 7.18 22.93 -18.25
C3 FRU I . 8.61 22.42 -18.08
C4 FRU I . 9.07 23.30 -16.88
C5 FRU I . 7.78 23.43 -16.06
C6 FRU I . 7.68 24.76 -15.31
O1 FRU I . 5.00 22.57 -19.21
O2 FRU I . 7.23 24.26 -18.86
O3 FRU I . 9.36 22.63 -19.27
O4 FRU I . 10.15 22.68 -16.14
O5 FRU I . 6.63 23.19 -16.94
O6 FRU I . 6.56 24.78 -14.36
C1 EDO J . 8.45 28.47 -20.39
O1 EDO J . 7.76 29.03 -21.50
C2 EDO J . 8.06 29.03 -19.06
O2 EDO J . 7.81 28.02 -18.13
O5 PLQ K . 0.54 27.17 -17.75
C5 PLQ K . 1.82 26.96 -17.74
C6 PLQ K . 2.75 28.04 -17.61
C4 PLQ K . 2.35 25.63 -17.89
C3 PLQ K . 3.67 25.41 -17.95
C2 PLQ K . 4.61 26.51 -17.91
O2 PLQ K . 5.87 26.31 -18.08
C1 PLQ K . 4.08 27.83 -17.68
O5 PLQ L . 1.24 -2.61 -4.49
C5 PLQ L . 2.25 -2.03 -5.04
C6 PLQ L . 3.46 -1.79 -4.30
C4 PLQ L . 2.21 -1.59 -6.41
C3 PLQ L . 3.25 -0.95 -6.97
C2 PLQ L . 4.48 -0.73 -6.24
O2 PLQ L . 5.51 -0.19 -6.79
C1 PLQ L . 4.51 -1.15 -4.85
O5 PLQ M . -6.75 18.78 4.85
C5 PLQ M . -5.88 17.91 4.46
C6 PLQ M . -5.79 16.61 5.07
C4 PLQ M . -4.95 18.22 3.40
C3 PLQ M . -3.98 17.36 3.05
C2 PLQ M . -3.82 16.09 3.73
O2 PLQ M . -2.83 15.31 3.48
C1 PLQ M . -4.81 15.74 4.73
C1 NAG N . -21.33 38.40 -14.83
C2 NAG N . -21.80 39.36 -15.91
C3 NAG N . -20.64 40.27 -16.31
C4 NAG N . -20.18 41.01 -15.07
C5 NAG N . -19.74 39.95 -14.07
C6 NAG N . -19.01 40.35 -12.80
C7 NAG N . -23.74 38.81 -17.33
C8 NAG N . -24.66 39.70 -16.53
N2 NAG N . -22.43 38.63 -17.01
O3 NAG N . -21.13 41.20 -17.25
O4 NAG N . -19.11 41.88 -15.38
O5 NAG N . -20.92 39.22 -13.73
O6 NAG N . -18.23 39.18 -12.38
O7 NAG N . -24.19 38.26 -18.31
C1 NAG O . 0.22 19.14 9.25
C2 NAG O . -1.29 19.52 9.15
C3 NAG O . -1.57 20.86 9.91
C4 NAG O . -0.78 21.09 11.20
C5 NAG O . 0.64 20.51 11.14
C6 NAG O . 1.33 20.63 12.49
C7 NAG O . -2.70 19.04 7.14
C8 NAG O . -3.18 19.69 5.87
N2 NAG O . -1.79 19.77 7.80
O3 NAG O . -2.97 21.01 10.26
O4 NAG O . -0.74 22.51 11.43
O5 NAG O . 0.58 19.14 10.65
O6 NAG O . 2.54 21.39 12.35
O7 NAG O . -3.14 17.96 7.54
C1 NAG P . 22.53 34.97 -30.34
C2 NAG P . 21.98 36.20 -29.59
C3 NAG P . 23.02 37.31 -29.69
C4 NAG P . 24.15 36.90 -28.76
C5 NAG P . 24.77 35.56 -29.19
C6 NAG P . 25.55 35.02 -27.96
C7 NAG P . 20.24 36.95 -31.19
C8 NAG P . 18.91 37.67 -31.26
N2 NAG P . 20.65 36.72 -29.95
O3 NAG P . 22.51 38.59 -29.31
O4 NAG P . 25.11 37.95 -28.72
O5 NAG P . 23.81 34.60 -29.74
O6 NAG P . 26.35 33.87 -28.26
O7 NAG P . 20.91 36.62 -32.16
C1 NAG Q . 34.05 -1.46 -29.71
C2 NAG Q . 32.93 -1.83 -30.71
C3 NAG Q . 32.77 -3.35 -30.71
C4 NAG Q . 34.14 -4.06 -30.94
C5 NAG Q . 35.28 -3.52 -30.04
C6 NAG Q . 36.70 -4.04 -30.38
C7 NAG Q . 31.15 -0.12 -31.11
C8 NAG Q . 29.79 0.44 -30.64
N2 NAG Q . 31.62 -1.18 -30.44
O3 NAG Q . 31.95 -3.65 -31.88
O4 NAG Q . 33.98 -5.45 -30.71
O5 NAG Q . 35.27 -2.09 -30.20
O6 NAG Q . 37.07 -3.50 -31.70
O7 NAG Q . 31.76 0.43 -32.01
C1 NAG R . 40.92 13.82 -21.63
C2 NAG R . 40.97 15.15 -22.35
C3 NAG R . 42.30 15.26 -23.08
C4 NAG R . 43.42 15.22 -22.04
C5 NAG R . 43.33 14.03 -21.12
C6 NAG R . 44.18 14.38 -19.91
C7 NAG R . 39.10 16.49 -23.26
C8 NAG R . 38.21 16.77 -24.44
N2 NAG R . 39.90 15.41 -23.32
O3 NAG R . 42.33 16.49 -23.82
O4 NAG R . 44.70 15.14 -22.68
O5 NAG R . 41.99 13.71 -20.67
O6 NAG R . 44.13 13.21 -19.11
O7 NAG R . 39.11 17.25 -22.31
C1 NAG S . 26.14 -7.18 -24.02
C2 NAG S . 27.67 -7.31 -24.30
C3 NAG S . 28.05 -8.78 -24.57
C4 NAG S . 27.44 -9.69 -23.51
C5 NAG S . 25.91 -9.56 -23.72
C6 NAG S . 25.06 -10.69 -23.12
C7 NAG S . 28.79 -5.33 -25.41
C8 NAG S . 28.87 -4.56 -26.72
N2 NAG S . 28.04 -6.46 -25.45
O3 NAG S . 29.47 -8.92 -24.64
O4 NAG S . 27.94 -11.04 -23.62
O5 NAG S . 25.57 -8.26 -23.23
O6 NAG S . 24.37 -10.26 -21.95
O7 NAG S . 29.35 -4.91 -24.39
C1 NAG T . 29.83 16.57 -31.42
C2 NAG T . 29.72 17.96 -30.79
C3 NAG T . 28.34 18.60 -30.96
C4 NAG T . 27.93 18.54 -32.42
C5 NAG T . 28.05 17.10 -32.90
C6 NAG T . 27.62 16.89 -34.33
C7 NAG T . 30.93 18.66 -28.75
C8 NAG T . 31.55 19.82 -29.47
N2 NAG T . 30.11 17.85 -29.40
O3 NAG T . 28.38 19.94 -30.48
O4 NAG T . 26.59 19.02 -32.65
O5 NAG T . 29.41 16.64 -32.75
O6 NAG T . 28.54 17.63 -35.10
O7 NAG T . 31.11 18.46 -27.54
C1 NAG U . 6.22 -6.69 -47.57
C2 NAG U . 7.10 -6.38 -48.81
C3 NAG U . 6.30 -5.59 -49.87
C4 NAG U . 4.93 -6.26 -50.13
C5 NAG U . 4.14 -6.59 -48.83
C6 NAG U . 2.94 -7.48 -49.16
C7 NAG U . 9.51 -6.35 -48.42
C8 NAG U . 10.71 -5.59 -47.91
N2 NAG U . 8.35 -5.72 -48.40
O3 NAG U . 7.15 -5.40 -51.06
O4 NAG U . 4.10 -5.49 -50.99
O5 NAG U . 5.00 -7.35 -47.93
O6 NAG U . 3.42 -8.81 -49.52
O7 NAG U . 9.63 -7.50 -48.87
C1 NAG V . -9.85 -0.50 -3.05
C2 NAG V . -9.24 -1.89 -3.18
C3 NAG V . -7.98 -2.06 -2.33
C4 NAG V . -6.99 -0.92 -2.68
C5 NAG V . -7.70 0.41 -2.41
C6 NAG V . -6.83 1.65 -2.62
C7 NAG V . -10.63 -3.98 -3.44
C8 NAG V . -10.08 -4.22 -4.78
N2 NAG V . -10.24 -2.88 -2.77
O3 NAG V . -7.38 -3.30 -2.67
O4 NAG V . -5.82 -1.11 -1.88
O5 NAG V . -8.79 0.45 -3.30
O6 NAG V . -6.22 1.58 -3.90
O7 NAG V . -11.40 -4.80 -2.89
C1 NAG W . -30.76 -5.69 -34.33
C2 NAG W . -30.91 -7.21 -34.13
C3 NAG W . -31.99 -7.57 -33.13
C4 NAG W . -31.86 -6.78 -31.85
C5 NAG W . -31.81 -5.28 -32.20
C6 NAG W . -31.69 -4.38 -30.96
C7 NAG W . -30.51 -8.95 -35.75
C8 NAG W . -30.77 -9.45 -37.14
N2 NAG W . -31.21 -7.87 -35.38
O3 NAG W . -31.85 -8.96 -32.90
O4 NAG W . -32.96 -7.02 -30.96
O5 NAG W . -30.68 -5.09 -33.04
O6 NAG W . -30.41 -4.67 -30.34
O7 NAG W . -29.69 -9.44 -35.00
C1 NAG X . -12.76 -3.05 -48.28
C2 NAG X . -12.08 -2.10 -49.24
C3 NAG X . -10.89 -2.79 -49.85
C4 NAG X . -9.88 -2.93 -48.72
C5 NAG X . -10.48 -3.66 -47.50
C6 NAG X . -9.70 -3.22 -46.26
C7 NAG X . -13.15 -0.28 -50.54
C8 NAG X . -12.08 0.74 -50.14
N2 NAG X . -13.06 -1.57 -50.19
O3 NAG X . -10.36 -1.94 -50.86
O4 NAG X . -8.67 -3.60 -49.11
O5 NAG X . -11.86 -3.40 -47.21
O6 NAG X . -9.53 -4.37 -45.45
O7 NAG X . -14.14 0.07 -51.14
C1 NAG Y . -10.09 12.67 -39.78
C2 NAG Y . -10.96 13.65 -40.62
C3 NAG Y . -10.09 14.49 -41.57
C4 NAG Y . -8.94 15.19 -40.86
C5 NAG Y . -8.12 14.18 -40.04
C6 NAG Y . -7.03 14.86 -39.19
C7 NAG Y . -13.33 13.01 -40.99
C8 NAG Y . -14.34 12.42 -41.97
N2 NAG Y . -12.04 13.00 -41.38
O3 NAG Y . -10.92 15.49 -42.17
O4 NAG Y . -8.16 15.90 -41.84
O5 NAG Y . -8.98 13.41 -39.19
O6 NAG Y . -5.91 13.98 -39.13
O7 NAG Y . -13.69 13.48 -39.91
C1 NAG Z . -18.80 26.86 -28.21
C2 NAG Z . -20.28 27.30 -28.40
C3 NAG Z . -20.43 28.57 -29.24
C4 NAG Z . -19.46 29.66 -28.75
C5 NAG Z . -18.07 29.09 -28.37
C6 NAG Z . -17.14 30.09 -27.68
C7 NAG Z . -22.11 25.66 -28.55
C8 NAG Z . -22.65 25.98 -27.20
N2 NAG Z . -21.06 26.26 -29.06
O3 NAG Z . -21.84 28.91 -29.13
O4 NAG Z . -19.24 30.64 -29.78
O5 NAG Z . -18.20 27.95 -27.47
O6 NAG Z . -17.75 30.36 -26.41
O7 NAG Z . -22.66 24.81 -29.23
C1 NAG AA . -32.33 16.29 -15.05
C2 NAG AA . -33.67 15.71 -15.55
C3 NAG AA . -34.36 16.76 -16.47
C4 NAG AA . -34.36 18.14 -15.80
C5 NAG AA . -32.92 18.57 -15.52
C6 NAG AA . -32.91 19.95 -14.88
C7 NAG AA . -32.74 14.10 -17.32
C8 NAG AA . -32.45 12.63 -17.58
N2 NAG AA . -33.44 14.35 -16.18
O3 NAG AA . -35.71 16.33 -16.72
O4 NAG AA . -34.99 19.10 -16.62
O5 NAG AA . -32.37 17.65 -14.57
O6 NAG AA . -33.39 19.81 -13.54
O7 NAG AA . -32.31 14.97 -18.10
C1 NAG BA . -13.99 25.50 0.59
C2 NAG BA . -15.30 26.33 0.49
C3 NAG BA . -14.94 27.79 0.33
C4 NAG BA . -14.02 28.29 1.43
C5 NAG BA . -12.78 27.38 1.41
C6 NAG BA . -11.73 27.86 2.39
C7 NAG BA . -16.98 24.94 -0.55
C8 NAG BA . -17.61 24.41 -1.81
N2 NAG BA . -16.02 25.88 -0.66
O3 NAG BA . -16.13 28.59 0.28
O4 NAG BA . -13.66 29.65 1.13
O5 NAG BA . -13.21 26.03 1.64
O6 NAG BA . -12.23 27.73 3.69
O7 NAG BA . -17.31 24.48 0.56
C1 FRU CA . 2.45 -8.21 28.55
C2 FRU CA . 3.03 -7.01 29.29
C3 FRU CA . 1.97 -5.94 29.44
C4 FRU CA . 2.81 -4.67 29.65
C5 FRU CA . 4.01 -4.91 28.78
C6 FRU CA . 5.29 -4.37 29.41
O1 FRU CA . 3.47 -9.18 28.40
O2 FRU CA . 3.55 -7.34 30.62
O3 FRU CA . 1.07 -6.18 30.51
O4 FRU CA . 2.11 -3.46 29.33
O5 FRU CA . 4.09 -6.33 28.52
O6 FRU CA . 6.39 -4.53 28.48
C1 EDO DA . 6.41 -6.14 34.13
O1 EDO DA . 6.29 -6.39 32.76
C2 EDO DA . 5.17 -6.62 34.78
O2 EDO DA . 5.25 -7.98 35.23
O5 PLQ EA . 10.12 -10.74 28.96
C5 PLQ EA . 9.12 -10.05 29.38
C6 PLQ EA . 7.83 -10.11 28.71
C4 PLQ EA . 9.23 -9.19 30.53
C3 PLQ EA . 8.16 -8.52 31.02
C2 PLQ EA . 6.86 -8.66 30.40
O2 PLQ EA . 5.80 -8.12 30.93
C1 PLQ EA . 6.77 -9.44 29.19
O5 PLQ FA . -4.22 -2.45 1.18
C5 PLQ FA . -4.80 -2.18 2.31
C6 PLQ FA . -5.03 -3.21 3.29
C4 PLQ FA . -5.24 -0.84 2.62
C3 PLQ FA . -5.93 -0.59 3.76
C2 PLQ FA . -6.25 -1.64 4.69
O2 PLQ FA . -7.00 -1.41 5.71
C1 PLQ FA . -5.70 -2.95 4.43
O5 PLQ GA . 18.89 0.29 8.63
C5 PLQ GA . 17.61 0.48 8.53
C6 PLQ GA . 16.75 0.42 9.68
C4 PLQ GA . 17.00 0.73 7.24
C3 PLQ GA . 15.68 1.00 7.15
C2 PLQ GA . 14.83 1.03 8.32
O2 PLQ GA . 13.58 1.32 8.22
C1 PLQ GA . 15.43 0.70 9.58
C1 NAG HA . 31.16 -23.20 25.22
C2 NAG HA . 31.15 -24.31 26.24
C3 NAG HA . 30.87 -23.61 27.56
C4 NAG HA . 32.02 -22.63 27.82
C5 NAG HA . 31.91 -21.58 26.71
C6 NAG HA . 32.71 -20.30 26.79
C7 NAG HA . 30.53 -26.58 25.51
C8 NAG HA . 29.45 -27.57 25.17
N2 NAG HA . 30.17 -25.33 25.87
O3 NAG HA . 30.70 -24.54 28.62
O4 NAG HA . 31.88 -22.02 29.09
O5 NAG HA . 32.19 -22.25 25.49
O6 NAG HA . 31.83 -19.29 26.21
O7 NAG HA . 31.71 -26.93 25.47
C1 NAG IA . -3.42 -4.81 51.21
C2 NAG IA . -1.95 -4.98 51.65
C3 NAG IA . -1.44 -3.89 52.61
C4 NAG IA . -2.31 -2.62 52.72
C5 NAG IA . -3.81 -2.80 52.40
C6 NAG IA . -4.63 -1.51 52.29
C7 NAG IA . -0.73 -7.11 52.14
C8 NAG IA . -0.91 -8.48 52.74
N2 NAG IA . -1.82 -6.33 52.24
O3 NAG IA . -0.10 -3.52 52.20
O4 NAG IA . -2.18 -2.21 54.09
O5 NAG IA . -3.93 -3.46 51.15
O6 NAG IA . -3.94 -0.55 51.48
O7 NAG IA . 0.30 -6.76 51.59
C1 NAG JA . -24.50 13.22 39.59
C2 NAG JA . -23.95 13.03 41.00
C3 NAG JA . -25.04 13.33 42.01
C4 NAG JA . -25.23 14.84 41.93
C5 NAG JA . -25.67 15.26 40.51
C6 NAG JA . -25.55 16.78 40.50
C7 NAG JA . -22.26 11.51 41.90
C8 NAG JA . -21.43 12.65 42.47
N2 NAG JA . -23.39 11.72 41.23
O3 NAG JA . -24.63 12.86 43.31
O4 NAG JA . -26.17 15.33 42.89
O5 NAG JA . -24.92 14.61 39.43
O6 NAG JA . -25.41 17.26 39.16
O7 NAG JA . -21.93 10.36 42.06
C1 NAG KA . -30.89 -0.18 19.16
C2 NAG KA . -31.64 1.09 19.57
C3 NAG KA . -32.76 1.40 18.60
C4 NAG KA . -32.14 1.48 17.20
C5 NAG KA . -31.46 0.16 16.74
C6 NAG KA . -30.27 0.42 15.84
C7 NAG KA . -31.49 1.65 21.98
C8 NAG KA . -31.78 1.24 23.41
N2 NAG KA . -32.05 0.94 20.99
O3 NAG KA . -33.36 2.64 18.97
O4 NAG KA . -33.14 1.85 16.23
O5 NAG KA . -31.02 -0.69 17.81
O6 NAG KA . -30.47 -0.38 14.68
O7 NAG KA . -30.71 2.57 21.73
C1 NAG LA . -20.32 -1.67 41.75
C2 NAG LA . -19.00 -1.18 42.39
C3 NAG LA . -17.92 -2.25 42.23
C4 NAG LA . -18.43 -3.57 42.79
C5 NAG LA . -19.69 -3.96 42.03
C6 NAG LA . -20.30 -5.32 42.40
C7 NAG LA . -18.29 1.14 42.45
C8 NAG LA . -18.01 2.42 41.70
N2 NAG LA . -18.70 0.08 41.77
O3 NAG LA . -16.74 -1.92 42.95
O4 NAG LA . -17.39 -4.57 42.71
O5 NAG LA . -20.66 -2.94 42.25
O6 NAG LA . -20.17 -5.58 43.80
O7 NAG LA . -18.10 1.06 43.65
C1 NAG MA . -29.35 -31.41 22.45
C2 NAG MA . -30.11 -31.94 23.66
C3 NAG MA . -29.31 -33.06 24.37
C4 NAG MA . -28.93 -34.16 23.40
C5 NAG MA . -28.26 -33.54 22.13
C6 NAG MA . -28.15 -34.65 21.06
C7 NAG MA . -31.61 -30.19 24.49
C8 NAG MA . -31.71 -28.96 25.32
N2 NAG MA . -30.41 -30.81 24.52
O3 NAG MA . -30.13 -33.65 25.40
O4 NAG MA . -28.04 -35.08 24.01
O5 NAG MA . -29.05 -32.48 21.59
O6 NAG MA . -29.46 -34.86 20.44
O7 NAG MA . -32.56 -30.56 23.81
C1 NAG NA . 3.74 -8.85 -3.38
C2 NAG NA . 2.42 -8.64 -4.12
C3 NAG NA . 1.99 -7.16 -4.06
C4 NAG NA . 2.06 -6.65 -2.61
C5 NAG NA . 3.47 -6.87 -2.06
C6 NAG NA . 3.73 -6.37 -0.62
C7 NAG NA . 1.71 -9.96 -6.09
C8 NAG NA . 2.00 -10.20 -7.56
N2 NAG NA . 2.59 -9.12 -5.48
O3 NAG NA . 0.64 -7.17 -4.55
O4 NAG NA . 1.68 -5.28 -2.55
O5 NAG NA . 3.70 -8.27 -2.06
O6 NAG NA . 2.73 -6.86 0.25
O7 NAG NA . 0.72 -10.40 -5.51
C1 NAG OA . -2.69 -46.19 -1.70
C2 NAG OA . -3.58 -46.31 -2.93
C3 NAG OA . -2.66 -46.31 -4.16
C4 NAG OA . -1.72 -45.10 -4.21
C5 NAG OA . -1.03 -44.85 -2.87
C6 NAG OA . -0.37 -43.46 -2.88
C7 NAG OA . -5.73 -47.48 -2.83
C8 NAG OA . -6.40 -48.82 -2.92
N2 NAG OA . -4.40 -47.51 -2.93
O3 NAG OA . -3.49 -46.20 -5.30
O4 NAG OA . -0.69 -45.31 -5.19
O5 NAG OA . -2.00 -44.95 -1.81
O6 NAG OA . -1.35 -42.38 -2.97
O7 NAG OA . -6.35 -46.44 -2.70
C1 NAG PA . -3.94 -35.21 24.21
C2 NAG PA . -3.27 -36.43 24.92
C3 NAG PA . -3.67 -36.52 26.41
C4 NAG PA . -3.62 -35.16 27.16
C5 NAG PA . -4.29 -34.00 26.37
C6 NAG PA . -3.95 -32.63 26.98
C7 NAG PA . -2.74 -38.52 23.63
C8 NAG PA . -3.26 -39.86 23.18
N2 NAG PA . -3.60 -37.73 24.31
O3 NAG PA . -2.78 -37.51 26.98
O4 NAG PA . -4.24 -35.28 28.45
O5 NAG PA . -3.88 -33.97 24.99
O6 NAG PA . -5.14 -31.83 26.96
O7 NAG PA . -1.58 -38.19 23.42
C1 NAG QA . 15.25 -31.88 24.97
C2 NAG QA . 16.00 -33.22 24.81
C3 NAG QA . 16.47 -33.66 26.20
C4 NAG QA . 17.27 -32.56 26.92
C5 NAG QA . 16.36 -31.32 27.03
C6 NAG QA . 17.01 -30.16 27.79
C7 NAG QA . 15.45 -35.04 23.24
C8 NAG QA . 14.47 -36.14 22.95
N2 NAG QA . 15.15 -34.30 24.32
O3 NAG QA . 17.23 -34.83 26.04
O4 NAG QA . 17.65 -33.00 28.24
O5 NAG QA . 16.05 -30.91 25.67
O6 NAG QA . 18.21 -29.88 27.03
O7 NAG QA . 16.46 -34.82 22.55
C1 NAG RA . 25.54 -7.26 11.84
C2 NAG RA . 26.79 -8.22 11.93
C3 NAG RA . 27.55 -8.01 13.22
C4 NAG RA . 27.84 -6.56 13.40
C5 NAG RA . 26.48 -5.75 13.37
C6 NAG RA . 26.70 -4.31 13.74
C7 NAG RA . 26.41 -10.23 10.68
C8 NAG RA . 25.87 -11.64 10.48
N2 NAG RA . 26.36 -9.60 11.85
O3 NAG RA . 28.79 -8.74 13.16
O4 NAG RA . 28.44 -6.43 14.68
O5 NAG RA . 25.93 -5.90 12.07
O6 NAG RA . 27.44 -3.66 12.73
O7 NAG RA . 26.91 -9.63 9.73
#